data_7R89
#
_entry.id   7R89
#
_cell.length_a   1.00
_cell.length_b   1.00
_cell.length_c   1.00
_cell.angle_alpha   90.00
_cell.angle_beta   90.00
_cell.angle_gamma   90.00
#
_symmetry.space_group_name_H-M   'P 1'
#
loop_
_entity.id
_entity.type
_entity.pdbx_description
1 polymer 'ATP-binding cassette sub-family G member 5'
2 polymer 'ATP-binding cassette sub-family G member 8'
3 polymer '2C7 Fab heavy chain'
4 polymer '2C7 Fab light chain'
5 non-polymer ERGOSTEROL
#
loop_
_entity_poly.entity_id
_entity_poly.type
_entity_poly.pdbx_seq_one_letter_code
_entity_poly.pdbx_strand_id
1 'polypeptide(L)'
;MGDLSSLTPGGSMGLQVNRGSQSSLEGAPATAPEPHSLGILHASYSVSHRVRPWWDITSCRQQWTRQILKDVSLYVESGQ
IMCILGSSGSGKTTLLDAMSGRLGRAGTFLGEVYVNGRALRREQFQDCFSYVLQSDTLLSSLTVRETLHYTALLAIRRGN
PGSFQKKVEAVMAELSLSHVADRLIGNYSLGGISTGERRRVSIAAQLLQDPKVMLFDEPTTGLDCMTANQIVVLLVELAR
RNRIVVLTIHQPRSELFQLFDKIAILSFGELIFCGTPAEMLDFFNDCGYPCPEHSNPFDFYMDLTSVDTQSKEREIETSK
RVQMIESAYKKSAICHKTLKNIERMKHLKTLPMVPFKTKDSPGVFSKLGVLLRRVTRNLVRNKLAVITRLLQNLIMGLFL
LFFVLRVRSNVLKGAIQDRVGLLYQFVGATPYTGMLNAVNLFPVLRAVSDQESQDGLYQKWQMMLAYALHVLPFSVVATM
IFSSVCYWTLGLHPEVARFGYFSAALLAPHLIGEFLTLVLLGIVQNPNIVNSVVALLSIAGVLVGSGFLRNIQEMPIPFK
IISYFTFQKYCSEILVVNEFYGLNFTCGSSNVSVTTNPMCAFTQGIQFIEKTCPGATSRFTMNFLILYSFIPALVILGIV
VFKIRDHLISRGSHHHHHHGHHHHHH
;
A
2 'polypeptide(L)'
;MAGKAAEERGLPKGATPQDTSGLQDRLFSSESDNSLYFTYSGQPNTLEVRDLNYQVDLASQVPWFEQLAQFKMPWTSPSC
QNSCELGIQNLSFKVRSGQMLAIIGSSGCGRASLLDVITGRGHGGKIKSGQIWINGQPSSPQLVRKCVAHVRQHNQLLPN
LTVRETLAFIAQMRLPRTFSQAQRDKRVEDVIAELRLRQCADTRVGNMYVRGLSGGERRRVSIGVQLLWNPGILILDEPT
SGLDSFTAHNLVKTLSRLAKGNRLVLISLHQPRSDIFRLFDLVLLMTSGTPIYLGAAQHMVQYFTAIGYPCPRYSNPADF
YVDLTSIDRRSREQELATREKAQSLAALFLEKVRDLDDFLWKAETKDLDEDTCVESSVTPLDTNCLPSPTKMPGAVQQFT
TLIRRQISNDFRDLPTLLIHGAEACLMSMTIGFLYFGHGSIQLSFMDTAALLFMIGALIPFNVILDVISKCYSERAMLYY
ELEDGLYTTGPYFFAKILGELPEHCAYIIIYGMPTYWLANLRPGLQPFLLHFLLVWLVVFCCRIMALAAAALLPTFHMAS
FFSNALYNSFYLAGGFMINLSSLWTVPAWISKVSFLRWCFEGLMKIQFSRRTYKMPLGNLTIAVSGDKILSVMELDSYPL
YAIYLIVIGLSGGFMVLYYVSLRFIKQKPSQDWASNSLEVLFQGPNVDSKRRWKKNFIAVSAANRFKKISSSGAL
;
B
3 'polypeptide(L)'
;MGWSCIILFLVATATGVHSEVKLVESGGGLVQPGGSLRLSCATSGFTFSEFFMEWVRQPPGKRLEWVAVSRNEANDYTTD
YSASVKGRFIVSRDTSQNILYLQMNALRAEDTAIYYCARDAWMGFDYWGQGTTVTVSSASTKGPSVFPLAPSSKSTSGGT
AALGCLVKDYFPEPVTVSWNSGALTSGVHTFPAVLQSSGLYSLSSVVTVPSSSLGTQTYICNVNHKPSNTKVDKRVEPKS
CDKTH
;
C
4 'polypeptide(L)'
;MGWSCIILFLVATARTGVHSDIQMTQSPSSLSASLGERVSLTCRASQEISGYLSWLQQKPDGTIQRLIYAAFSLDSGVPK
RFSGSRSGSDYSLTISSLESEDLAHYYCLQYASYPCTFGGGTKLEIKRTVAAPSVFIFPPSDEQLKSGTASVVCLLNNFY
PREAKVQWKVDNALQSGNSQESVTEQDSKDSTYSLSSTLTLSKADYEKHKVYACEVTHQGLSSPVTKSFNRGEC
;
D
#
loop_
_chem_comp.id
_chem_comp.type
_chem_comp.name
_chem_comp.formula
ERG non-polymer ERGOSTEROL 'C28 H44 O'
#
# COMPACT_ATOMS: atom_id res chain seq x y z
N PRO A 35 -2.36 -47.44 -12.67
CA PRO A 35 -2.32 -46.20 -11.90
C PRO A 35 -1.72 -45.04 -12.69
N HIS A 36 -2.35 -43.88 -12.61
CA HIS A 36 -1.83 -42.71 -13.32
C HIS A 36 -0.54 -42.22 -12.68
N SER A 37 0.27 -41.53 -13.49
CA SER A 37 1.56 -41.03 -13.02
C SER A 37 1.92 -39.78 -13.79
N LEU A 38 2.48 -38.80 -13.06
CA LEU A 38 2.94 -37.55 -13.63
C LEU A 38 4.43 -37.40 -13.37
N GLY A 39 5.18 -37.04 -14.41
CA GLY A 39 6.61 -36.88 -14.27
C GLY A 39 7.15 -35.68 -15.01
N ILE A 40 7.82 -34.78 -14.30
CA ILE A 40 8.42 -33.59 -14.88
C ILE A 40 9.93 -33.77 -14.89
N LEU A 41 10.53 -33.71 -16.07
CA LEU A 41 11.94 -34.02 -16.27
C LEU A 41 12.67 -32.80 -16.81
N HIS A 42 13.64 -32.31 -16.03
CA HIS A 42 14.55 -31.25 -16.47
C HIS A 42 13.81 -29.99 -16.90
N ALA A 43 12.76 -29.64 -16.16
CA ALA A 43 11.98 -28.46 -16.48
C ALA A 43 12.76 -27.19 -16.16
N SER A 44 12.75 -26.25 -17.10
CA SER A 44 13.40 -24.95 -16.92
C SER A 44 12.49 -23.88 -17.50
N TYR A 45 12.68 -22.65 -17.01
CA TYR A 45 11.87 -21.53 -17.47
C TYR A 45 12.65 -20.24 -17.29
N SER A 46 12.56 -19.36 -18.28
CA SER A 46 13.24 -18.08 -18.24
C SER A 46 12.37 -16.99 -18.86
N ARG A 66 16.77 -13.67 -14.46
CA ARG A 66 15.95 -13.85 -15.65
C ARG A 66 15.44 -15.29 -15.75
N GLN A 67 16.17 -16.21 -15.13
CA GLN A 67 15.81 -17.63 -15.12
C GLN A 67 15.04 -17.93 -13.85
N ILE A 68 13.81 -18.43 -14.01
CA ILE A 68 12.93 -18.70 -12.89
C ILE A 68 13.01 -20.14 -12.43
N LEU A 69 13.17 -21.08 -13.37
CA LEU A 69 13.28 -22.50 -13.06
C LEU A 69 14.62 -23.03 -13.54
N LYS A 70 15.19 -23.96 -12.78
CA LYS A 70 16.52 -24.52 -13.08
C LYS A 70 16.48 -26.02 -12.84
N ASP A 71 16.15 -26.78 -13.89
CA ASP A 71 16.22 -28.23 -13.91
C ASP A 71 15.45 -28.85 -12.74
N VAL A 72 14.13 -28.62 -12.78
CA VAL A 72 13.21 -29.16 -11.78
C VAL A 72 12.65 -30.47 -12.32
N SER A 73 12.71 -31.52 -11.49
CA SER A 73 12.24 -32.85 -11.89
C SER A 73 11.47 -33.45 -10.72
N LEU A 74 10.20 -33.78 -10.94
CA LEU A 74 9.34 -34.34 -9.92
C LEU A 74 8.63 -35.58 -10.48
N TYR A 75 8.08 -36.39 -9.57
CA TYR A 75 7.36 -37.60 -9.97
C TYR A 75 6.30 -37.90 -8.93
N VAL A 76 5.04 -37.86 -9.36
CA VAL A 76 3.90 -38.16 -8.50
C VAL A 76 3.11 -39.31 -9.13
N GLU A 77 2.39 -40.04 -8.30
CA GLU A 77 1.53 -41.12 -8.74
C GLU A 77 0.11 -40.90 -8.26
N SER A 78 -0.82 -41.65 -8.85
CA SER A 78 -2.21 -41.57 -8.44
C SER A 78 -2.39 -42.14 -7.04
N GLY A 79 -3.13 -41.41 -6.20
CA GLY A 79 -3.28 -41.77 -4.81
C GLY A 79 -2.33 -41.07 -3.86
N GLN A 80 -1.41 -40.25 -4.37
CA GLN A 80 -0.46 -39.52 -3.55
C GLN A 80 -0.70 -38.03 -3.70
N ILE A 81 -0.42 -37.29 -2.62
CA ILE A 81 -0.55 -35.84 -2.60
C ILE A 81 0.82 -35.26 -2.30
N MET A 82 1.33 -34.45 -3.24
CA MET A 82 2.65 -33.84 -3.12
C MET A 82 2.48 -32.36 -2.81
N CYS A 83 3.23 -31.89 -1.81
CA CYS A 83 3.24 -30.48 -1.43
C CYS A 83 4.57 -29.86 -1.82
N ILE A 84 4.54 -28.57 -2.17
CA ILE A 84 5.73 -27.85 -2.61
C ILE A 84 5.87 -26.60 -1.74
N LEU A 85 7.01 -26.47 -1.09
CA LEU A 85 7.33 -25.32 -0.25
C LEU A 85 8.42 -24.48 -0.89
N GLY A 86 8.47 -23.21 -0.50
CA GLY A 86 9.46 -22.31 -1.05
C GLY A 86 9.32 -20.94 -0.42
N SER A 87 10.33 -20.11 -0.67
CA SER A 87 10.40 -18.76 -0.17
C SER A 87 9.78 -17.80 -1.18
N SER A 88 9.99 -16.49 -0.97
CA SER A 88 9.40 -15.47 -1.83
C SER A 88 9.84 -15.66 -3.28
N GLY A 89 11.14 -15.88 -3.50
CA GLY A 89 11.65 -16.03 -4.84
C GLY A 89 11.95 -17.46 -5.23
N SER A 90 11.16 -18.40 -4.72
CA SER A 90 11.40 -19.81 -5.02
C SER A 90 10.90 -20.17 -6.41
N GLY A 91 9.72 -19.68 -6.81
CA GLY A 91 9.17 -20.00 -8.11
C GLY A 91 8.29 -21.22 -8.15
N LYS A 92 7.59 -21.55 -7.06
CA LYS A 92 6.67 -22.67 -7.08
C LYS A 92 5.42 -22.35 -7.89
N THR A 93 4.96 -21.09 -7.84
CA THR A 93 3.83 -20.68 -8.66
C THR A 93 4.18 -20.77 -10.14
N THR A 94 5.42 -20.43 -10.51
CA THR A 94 5.86 -20.56 -11.89
C THR A 94 5.86 -22.03 -12.32
N LEU A 95 6.31 -22.92 -11.44
CA LEU A 95 6.28 -24.34 -11.75
C LEU A 95 4.85 -24.83 -11.93
N LEU A 96 3.93 -24.35 -11.09
CA LEU A 96 2.53 -24.74 -11.23
C LEU A 96 1.93 -24.25 -12.54
N ASP A 97 2.22 -23.01 -12.92
CA ASP A 97 1.72 -22.48 -14.18
C ASP A 97 2.32 -23.21 -15.38
N ALA A 98 3.59 -23.62 -15.26
CA ALA A 98 4.23 -24.37 -16.34
C ALA A 98 3.60 -25.76 -16.47
N MET A 99 3.33 -26.42 -15.33
CA MET A 99 2.68 -27.73 -15.38
C MET A 99 1.26 -27.62 -15.91
N SER A 100 0.56 -26.53 -15.60
CA SER A 100 -0.80 -26.32 -16.08
C SER A 100 -0.85 -25.76 -17.50
N GLY A 101 0.28 -25.31 -18.04
CA GLY A 101 0.32 -24.79 -19.39
C GLY A 101 -0.17 -23.37 -19.52
N ARG A 102 0.32 -22.48 -18.66
CA ARG A 102 -0.06 -21.08 -18.72
C ARG A 102 1.17 -20.18 -18.71
N GLY A 107 10.00 -16.67 -21.11
CA GLY A 107 8.94 -17.13 -21.97
C GLY A 107 9.17 -18.53 -22.52
N THR A 108 10.44 -18.87 -22.73
CA THR A 108 10.80 -20.19 -23.25
C THR A 108 10.78 -21.20 -22.13
N PHE A 109 10.14 -22.35 -22.36
CA PHE A 109 10.01 -23.42 -21.39
C PHE A 109 10.79 -24.64 -21.87
N LEU A 110 11.53 -25.26 -20.96
CA LEU A 110 12.30 -26.46 -21.26
C LEU A 110 11.84 -27.60 -20.36
N GLY A 111 12.32 -28.80 -20.68
CA GLY A 111 11.93 -29.99 -19.96
C GLY A 111 10.74 -30.68 -20.59
N GLU A 112 10.43 -31.87 -20.07
CA GLU A 112 9.31 -32.65 -20.58
C GLU A 112 8.37 -33.03 -19.46
N VAL A 113 7.10 -33.23 -19.81
CA VAL A 113 6.05 -33.57 -18.86
C VAL A 113 5.36 -34.83 -19.39
N TYR A 114 5.68 -35.98 -18.79
CA TYR A 114 5.09 -37.25 -19.18
C TYR A 114 3.94 -37.58 -18.24
N VAL A 115 2.73 -37.71 -18.81
CA VAL A 115 1.55 -38.11 -18.07
C VAL A 115 1.18 -39.52 -18.53
N ASN A 116 1.27 -40.48 -17.61
CA ASN A 116 1.04 -41.89 -17.91
C ASN A 116 1.97 -42.37 -19.03
N GLY A 117 3.22 -41.91 -18.99
CA GLY A 117 4.21 -42.32 -19.96
C GLY A 117 4.29 -41.44 -21.18
N ARG A 118 3.14 -41.13 -21.78
CA ARG A 118 3.11 -40.34 -23.00
C ARG A 118 3.54 -38.91 -22.72
N ALA A 119 4.42 -38.39 -23.58
CA ALA A 119 4.92 -37.02 -23.44
C ALA A 119 3.88 -36.04 -23.95
N LEU A 120 3.38 -35.19 -23.07
CA LEU A 120 2.38 -34.20 -23.44
C LEU A 120 3.04 -32.95 -24.01
N ARG A 121 2.53 -32.48 -25.14
CA ARG A 121 3.00 -31.22 -25.70
C ARG A 121 2.53 -30.06 -24.84
N ARG A 122 3.12 -28.89 -25.06
CA ARG A 122 2.79 -27.70 -24.28
C ARG A 122 1.39 -27.17 -24.59
N GLU A 123 0.69 -27.72 -25.57
CA GLU A 123 -0.68 -27.32 -25.88
C GLU A 123 -1.71 -28.32 -25.38
N GLN A 124 -1.29 -29.41 -24.74
CA GLN A 124 -2.18 -30.40 -24.18
C GLN A 124 -2.25 -30.34 -22.66
N PHE A 125 -1.69 -29.30 -22.04
CA PHE A 125 -1.68 -29.22 -20.59
C PHE A 125 -3.01 -28.76 -20.03
N GLN A 126 -3.70 -27.87 -20.74
CA GLN A 126 -4.96 -27.33 -20.23
C GLN A 126 -6.05 -28.40 -20.20
N ASP A 127 -6.04 -29.32 -21.16
CA ASP A 127 -7.03 -30.39 -21.23
C ASP A 127 -6.65 -31.61 -20.40
N CYS A 128 -5.61 -31.52 -19.58
CA CYS A 128 -5.18 -32.61 -18.73
C CYS A 128 -5.07 -32.24 -17.26
N PHE A 129 -4.65 -31.01 -16.95
CA PHE A 129 -4.45 -30.56 -15.59
C PHE A 129 -5.51 -29.55 -15.20
N SER A 130 -5.94 -29.61 -13.94
CA SER A 130 -6.78 -28.56 -13.38
C SER A 130 -5.93 -27.65 -12.50
N TYR A 131 -6.35 -26.38 -12.39
CA TYR A 131 -5.59 -25.38 -11.67
C TYR A 131 -6.56 -24.57 -10.81
N VAL A 132 -6.46 -24.73 -9.49
CA VAL A 132 -7.31 -24.00 -8.56
C VAL A 132 -6.51 -22.84 -7.97
N LEU A 133 -7.01 -21.63 -8.16
CA LEU A 133 -6.33 -20.42 -7.69
C LEU A 133 -6.85 -20.03 -6.30
N GLN A 134 -6.02 -19.26 -5.59
CA GLN A 134 -6.38 -18.77 -4.27
C GLN A 134 -7.28 -17.54 -4.31
N SER A 135 -7.58 -17.01 -5.49
CA SER A 135 -8.44 -15.84 -5.58
C SER A 135 -9.85 -16.15 -5.12
N ASP A 136 -10.42 -17.25 -5.62
CA ASP A 136 -11.77 -17.70 -5.27
C ASP A 136 -12.80 -16.61 -5.59
N THR A 137 -12.89 -16.30 -6.88
CA THR A 137 -13.81 -15.30 -7.39
C THR A 137 -15.12 -15.98 -7.76
N LEU A 138 -16.16 -15.71 -6.98
CA LEU A 138 -17.48 -16.30 -7.20
C LEU A 138 -18.54 -15.20 -7.18
N LEU A 139 -19.66 -15.48 -7.86
CA LEU A 139 -20.77 -14.53 -7.89
C LEU A 139 -21.57 -14.63 -6.61
N SER A 140 -21.85 -13.48 -6.00
CA SER A 140 -22.52 -13.46 -4.69
C SER A 140 -24.00 -13.83 -4.81
N SER A 141 -24.69 -13.27 -5.79
CA SER A 141 -26.13 -13.48 -5.93
C SER A 141 -26.45 -14.75 -6.72
N LEU A 142 -25.86 -15.87 -6.31
CA LEU A 142 -26.12 -17.16 -6.91
C LEU A 142 -26.00 -18.25 -5.86
N THR A 143 -26.65 -19.38 -6.13
CA THR A 143 -26.57 -20.55 -5.25
C THR A 143 -25.47 -21.49 -5.72
N VAL A 144 -25.11 -22.43 -4.84
CA VAL A 144 -24.07 -23.40 -5.16
C VAL A 144 -24.53 -24.31 -6.29
N ARG A 145 -25.77 -24.81 -6.19
CA ARG A 145 -26.29 -25.70 -7.21
C ARG A 145 -26.37 -25.01 -8.57
N GLU A 146 -26.84 -23.76 -8.59
CA GLU A 146 -26.94 -23.04 -9.85
C GLU A 146 -25.57 -22.73 -10.44
N THR A 147 -24.60 -22.39 -9.58
CA THR A 147 -23.25 -22.13 -10.06
C THR A 147 -22.63 -23.38 -10.67
N LEU A 148 -22.76 -24.52 -9.98
CA LEU A 148 -22.22 -25.76 -10.52
C LEU A 148 -22.95 -26.21 -11.78
N HIS A 149 -24.26 -25.93 -11.86
CA HIS A 149 -25.00 -26.27 -13.07
C HIS A 149 -24.54 -25.42 -14.24
N TYR A 150 -24.30 -24.12 -14.02
CA TYR A 150 -23.78 -23.27 -15.07
C TYR A 150 -22.39 -23.72 -15.50
N THR A 151 -21.55 -24.11 -14.54
CA THR A 151 -20.22 -24.60 -14.87
C THR A 151 -20.29 -25.88 -15.71
N ALA A 152 -21.19 -26.80 -15.32
CA ALA A 152 -21.33 -28.03 -16.08
C ALA A 152 -21.86 -27.76 -17.49
N LEU A 153 -22.80 -26.82 -17.62
CA LEU A 153 -23.32 -26.47 -18.94
C LEU A 153 -22.24 -25.84 -19.81
N LEU A 154 -21.38 -25.01 -19.21
CA LEU A 154 -20.28 -24.41 -19.97
C LEU A 154 -19.21 -25.44 -20.31
N ALA A 155 -19.10 -26.50 -19.52
CA ALA A 155 -18.08 -27.51 -19.76
C ALA A 155 -18.61 -28.74 -20.48
N ILE A 156 -19.81 -29.21 -20.12
CA ILE A 156 -20.37 -30.42 -20.70
C ILE A 156 -21.60 -30.05 -21.53
N ARG A 157 -21.86 -30.88 -22.54
CA ARG A 157 -23.05 -30.73 -23.39
C ARG A 157 -23.48 -32.13 -23.82
N ARG A 158 -24.40 -32.70 -23.06
CA ARG A 158 -24.82 -34.09 -23.27
C ARG A 158 -26.27 -34.18 -23.74
N GLY A 159 -27.21 -33.57 -23.03
CA GLY A 159 -28.62 -33.71 -23.34
C GLY A 159 -29.53 -33.15 -22.27
N ASN A 160 -30.50 -33.95 -21.85
CA ASN A 160 -31.46 -33.57 -20.80
C ASN A 160 -30.73 -33.07 -19.55
N PRO A 161 -31.32 -32.12 -18.82
CA PRO A 161 -30.64 -31.59 -17.63
C PRO A 161 -30.45 -32.61 -16.52
N GLY A 162 -31.02 -33.82 -16.65
CA GLY A 162 -30.85 -34.83 -15.63
C GLY A 162 -29.41 -35.23 -15.42
N SER A 163 -28.63 -35.32 -16.50
CA SER A 163 -27.22 -35.69 -16.38
C SER A 163 -26.43 -34.60 -15.67
N PHE A 164 -26.70 -33.34 -15.99
CA PHE A 164 -26.04 -32.23 -15.30
C PHE A 164 -26.42 -32.20 -13.84
N GLN A 165 -27.68 -32.47 -13.53
CA GLN A 165 -28.12 -32.53 -12.13
C GLN A 165 -27.42 -33.67 -11.40
N LYS A 166 -27.27 -34.82 -12.06
CA LYS A 166 -26.54 -35.94 -11.47
C LYS A 166 -25.09 -35.56 -11.17
N LYS A 167 -24.41 -34.93 -12.14
CA LYS A 167 -23.02 -34.55 -11.93
C LYS A 167 -22.89 -33.53 -10.80
N VAL A 168 -23.80 -32.56 -10.75
CA VAL A 168 -23.74 -31.55 -9.69
C VAL A 168 -23.98 -32.17 -8.33
N GLU A 169 -24.98 -33.05 -8.23
CA GLU A 169 -25.25 -33.73 -6.97
C GLU A 169 -24.07 -34.58 -6.53
N ALA A 170 -23.41 -35.25 -7.48
CA ALA A 170 -22.27 -36.08 -7.13
C ALA A 170 -21.09 -35.25 -6.64
N VAL A 171 -20.77 -34.15 -7.36
CA VAL A 171 -19.65 -33.32 -6.94
C VAL A 171 -19.97 -32.54 -5.68
N MET A 172 -21.25 -32.38 -5.33
CA MET A 172 -21.59 -31.74 -4.06
C MET A 172 -21.53 -32.73 -2.91
N ALA A 173 -21.98 -33.96 -3.12
CA ALA A 173 -21.90 -34.97 -2.08
C ALA A 173 -20.47 -35.41 -1.83
N GLU A 174 -19.60 -35.31 -2.85
CA GLU A 174 -18.20 -35.68 -2.67
C GLU A 174 -17.48 -34.68 -1.78
N LEU A 175 -17.82 -33.41 -1.89
CA LEU A 175 -17.14 -32.33 -1.16
C LEU A 175 -17.97 -31.76 -0.02
N SER A 176 -19.02 -32.47 0.41
CA SER A 176 -19.87 -32.05 1.51
C SER A 176 -20.49 -30.68 1.24
N LEU A 177 -21.15 -30.56 0.09
CA LEU A 177 -21.82 -29.32 -0.31
C LEU A 177 -23.32 -29.51 -0.49
N SER A 178 -23.87 -30.64 -0.06
CA SER A 178 -25.30 -30.89 -0.23
C SER A 178 -26.16 -30.05 0.71
N HIS A 179 -25.62 -29.67 1.88
CA HIS A 179 -26.40 -28.87 2.83
C HIS A 179 -26.47 -27.41 2.42
N VAL A 180 -25.45 -26.91 1.72
CA VAL A 180 -25.45 -25.55 1.21
C VAL A 180 -25.73 -25.51 -0.29
N ALA A 181 -26.41 -26.55 -0.82
CA ALA A 181 -26.64 -26.63 -2.26
C ALA A 181 -27.56 -25.51 -2.75
N ASP A 182 -28.59 -25.18 -1.97
CA ASP A 182 -29.56 -24.16 -2.37
C ASP A 182 -29.38 -22.86 -1.61
N ARG A 183 -28.22 -22.66 -0.98
CA ARG A 183 -27.94 -21.43 -0.25
C ARG A 183 -27.17 -20.45 -1.14
N LEU A 184 -27.49 -19.17 -0.97
CA LEU A 184 -26.81 -18.12 -1.75
C LEU A 184 -25.37 -17.99 -1.28
N ILE A 185 -24.47 -17.75 -2.24
CA ILE A 185 -23.06 -17.60 -1.91
C ILE A 185 -22.84 -16.35 -1.07
N GLY A 186 -23.16 -15.18 -1.63
CA GLY A 186 -23.04 -13.92 -0.94
C GLY A 186 -21.62 -13.67 -0.44
N ASN A 187 -21.54 -13.12 0.77
CA ASN A 187 -20.26 -12.86 1.43
C ASN A 187 -20.24 -13.55 2.79
N TYR A 188 -19.05 -13.97 3.21
CA TYR A 188 -18.93 -14.72 4.45
C TYR A 188 -19.13 -13.85 5.68
N SER A 189 -19.05 -12.53 5.55
CA SER A 189 -19.21 -11.61 6.67
C SER A 189 -20.59 -10.95 6.71
N LEU A 190 -21.51 -11.40 5.86
CA LEU A 190 -22.86 -10.83 5.83
C LEU A 190 -23.97 -11.87 5.98
N GLY A 191 -23.65 -13.16 5.99
CA GLY A 191 -24.67 -14.19 6.13
C GLY A 191 -24.55 -15.30 5.11
N GLY A 192 -23.58 -15.18 4.21
CA GLY A 192 -23.37 -16.18 3.18
C GLY A 192 -22.58 -17.37 3.67
N ILE A 193 -22.15 -18.19 2.71
CA ILE A 193 -21.36 -19.37 3.04
C ILE A 193 -19.97 -18.96 3.52
N SER A 194 -19.33 -19.87 4.25
CA SER A 194 -18.01 -19.61 4.80
C SER A 194 -16.95 -19.68 3.70
N THR A 195 -15.72 -19.28 4.07
CA THR A 195 -14.62 -19.31 3.10
C THR A 195 -14.29 -20.74 2.69
N GLY A 196 -14.30 -21.67 3.66
CA GLY A 196 -14.08 -23.06 3.31
C GLY A 196 -15.13 -23.60 2.36
N GLU A 197 -16.38 -23.17 2.54
CA GLU A 197 -17.44 -23.58 1.62
C GLU A 197 -17.22 -22.99 0.22
N ARG A 198 -16.73 -21.76 0.14
CA ARG A 198 -16.41 -21.18 -1.18
C ARG A 198 -15.27 -21.95 -1.84
N ARG A 199 -14.25 -22.32 -1.07
CA ARG A 199 -13.15 -23.12 -1.63
C ARG A 199 -13.65 -24.48 -2.09
N ARG A 200 -14.56 -25.09 -1.33
CA ARG A 200 -15.15 -26.36 -1.74
C ARG A 200 -15.98 -26.20 -3.01
N VAL A 201 -16.69 -25.09 -3.15
CA VAL A 201 -17.46 -24.84 -4.37
C VAL A 201 -16.52 -24.69 -5.57
N SER A 202 -15.40 -23.99 -5.38
CA SER A 202 -14.43 -23.85 -6.45
C SER A 202 -13.84 -25.21 -6.83
N ILE A 203 -13.50 -26.03 -5.84
CA ILE A 203 -12.94 -27.35 -6.12
C ILE A 203 -13.98 -28.23 -6.82
N ALA A 204 -15.25 -28.08 -6.47
CA ALA A 204 -16.29 -28.85 -7.15
C ALA A 204 -16.48 -28.39 -8.59
N ALA A 205 -16.42 -27.09 -8.82
CA ALA A 205 -16.49 -26.57 -10.19
C ALA A 205 -15.32 -27.05 -11.02
N GLN A 206 -14.15 -27.21 -10.39
CA GLN A 206 -13.00 -27.74 -11.11
C GLN A 206 -13.13 -29.24 -11.35
N LEU A 207 -13.69 -29.97 -10.38
CA LEU A 207 -13.85 -31.42 -10.51
C LEU A 207 -14.99 -31.80 -11.45
N LEU A 208 -15.88 -30.86 -11.76
CA LEU A 208 -16.98 -31.15 -12.68
C LEU A 208 -16.47 -31.67 -14.02
N GLN A 209 -15.25 -31.31 -14.41
CA GLN A 209 -14.64 -31.81 -15.64
C GLN A 209 -14.05 -33.21 -15.46
N ASP A 210 -14.18 -33.81 -14.28
CA ASP A 210 -13.68 -35.14 -13.97
C ASP A 210 -12.18 -35.27 -14.27
N PRO A 211 -11.32 -34.58 -13.54
CA PRO A 211 -9.89 -34.62 -13.82
C PRO A 211 -9.18 -35.70 -13.00
N LYS A 212 -7.88 -35.85 -13.29
CA LYS A 212 -7.02 -36.76 -12.55
C LYS A 212 -5.82 -36.07 -11.92
N VAL A 213 -5.38 -34.95 -12.48
CA VAL A 213 -4.24 -34.20 -11.94
C VAL A 213 -4.71 -32.78 -11.65
N MET A 214 -4.63 -32.38 -10.37
CA MET A 214 -5.09 -31.08 -9.92
C MET A 214 -3.96 -30.36 -9.19
N LEU A 215 -3.70 -29.12 -9.57
CA LEU A 215 -2.73 -28.26 -8.91
C LEU A 215 -3.45 -27.18 -8.13
N PHE A 216 -2.89 -26.84 -6.98
CA PHE A 216 -3.47 -25.86 -6.07
C PHE A 216 -2.41 -24.81 -5.73
N ASP A 217 -2.73 -23.55 -6.00
CA ASP A 217 -1.83 -22.44 -5.73
C ASP A 217 -2.20 -21.82 -4.39
N GLU A 218 -1.59 -22.33 -3.31
CA GLU A 218 -1.85 -21.88 -1.95
C GLU A 218 -3.34 -21.93 -1.60
N PRO A 219 -3.90 -23.13 -1.45
CA PRO A 219 -5.33 -23.24 -1.11
C PRO A 219 -5.63 -22.90 0.35
N THR A 220 -4.61 -22.77 1.20
CA THR A 220 -4.80 -22.46 2.61
C THR A 220 -4.52 -21.00 2.94
N THR A 221 -4.06 -20.21 1.98
CA THR A 221 -3.79 -18.80 2.22
C THR A 221 -5.09 -18.02 2.31
N GLY A 222 -5.27 -17.28 3.39
CA GLY A 222 -6.47 -16.51 3.62
C GLY A 222 -7.49 -17.17 4.52
N LEU A 223 -7.23 -18.37 5.01
CA LEU A 223 -8.14 -19.09 5.87
C LEU A 223 -7.54 -19.23 7.27
N ASP A 224 -8.40 -19.54 8.24
CA ASP A 224 -7.95 -19.77 9.60
C ASP A 224 -7.28 -21.15 9.70
N CYS A 225 -6.78 -21.45 10.89
CA CYS A 225 -6.06 -22.70 11.10
C CYS A 225 -6.98 -23.91 10.91
N MET A 226 -8.18 -23.85 11.50
CA MET A 226 -9.12 -24.97 11.39
C MET A 226 -9.57 -25.16 9.95
N THR A 227 -9.92 -24.06 9.27
CA THR A 227 -10.35 -24.16 7.88
C THR A 227 -9.22 -24.64 6.98
N ALA A 228 -7.99 -24.19 7.25
CA ALA A 228 -6.84 -24.66 6.45
C ALA A 228 -6.61 -26.15 6.66
N ASN A 229 -6.70 -26.62 7.91
CA ASN A 229 -6.53 -28.05 8.17
C ASN A 229 -7.63 -28.85 7.51
N GLN A 230 -8.87 -28.35 7.53
CA GLN A 230 -9.97 -29.05 6.88
C GLN A 230 -9.77 -29.10 5.37
N ILE A 231 -9.28 -28.01 4.78
CA ILE A 231 -9.02 -28.01 3.33
C ILE A 231 -7.90 -28.98 2.98
N VAL A 232 -6.86 -29.03 3.82
CA VAL A 232 -5.78 -29.99 3.57
C VAL A 232 -6.29 -31.42 3.67
N VAL A 233 -7.14 -31.70 4.66
CA VAL A 233 -7.70 -33.05 4.79
C VAL A 233 -8.58 -33.37 3.58
N LEU A 234 -9.35 -32.39 3.10
CA LEU A 234 -10.19 -32.62 1.92
C LEU A 234 -9.34 -32.90 0.70
N LEU A 235 -8.24 -32.18 0.53
CA LEU A 235 -7.34 -32.44 -0.60
C LEU A 235 -6.70 -33.82 -0.48
N VAL A 236 -6.37 -34.24 0.75
CA VAL A 236 -5.82 -35.58 0.95
C VAL A 236 -6.84 -36.64 0.54
N GLU A 237 -8.10 -36.48 0.98
CA GLU A 237 -9.14 -37.44 0.61
C GLU A 237 -9.40 -37.44 -0.89
N LEU A 238 -9.31 -36.27 -1.54
CA LEU A 238 -9.47 -36.22 -2.99
C LEU A 238 -8.33 -36.93 -3.69
N ALA A 239 -7.10 -36.77 -3.20
CA ALA A 239 -5.97 -37.47 -3.78
C ALA A 239 -6.08 -38.97 -3.60
N ARG A 240 -6.60 -39.41 -2.44
CA ARG A 240 -6.75 -40.83 -2.16
C ARG A 240 -7.73 -41.53 -3.09
N ARG A 241 -8.58 -40.78 -3.79
CA ARG A 241 -9.56 -41.39 -4.70
C ARG A 241 -9.01 -41.49 -6.12
N ASN A 242 -7.82 -42.09 -6.25
CA ASN A 242 -7.17 -42.32 -7.54
C ASN A 242 -7.02 -41.01 -8.32
N ARG A 243 -6.36 -40.04 -7.68
CA ARG A 243 -6.14 -38.74 -8.28
C ARG A 243 -4.81 -38.17 -7.81
N ILE A 244 -4.17 -37.41 -8.69
CA ILE A 244 -2.91 -36.74 -8.37
C ILE A 244 -3.21 -35.31 -7.93
N VAL A 245 -2.67 -34.92 -6.79
CA VAL A 245 -2.87 -33.59 -6.22
C VAL A 245 -1.51 -32.99 -5.90
N VAL A 246 -1.22 -31.83 -6.48
CA VAL A 246 0.01 -31.10 -6.22
C VAL A 246 -0.37 -29.70 -5.75
N LEU A 247 -0.05 -29.38 -4.50
CA LEU A 247 -0.45 -28.11 -3.91
C LEU A 247 0.77 -27.38 -3.36
N THR A 248 0.65 -26.06 -3.30
CA THR A 248 1.66 -25.20 -2.71
C THR A 248 1.16 -24.62 -1.39
N ILE A 249 2.10 -24.34 -0.49
CA ILE A 249 1.77 -23.83 0.83
C ILE A 249 2.79 -22.76 1.21
N HIS A 250 2.35 -21.86 2.09
CA HIS A 250 3.21 -20.77 2.57
C HIS A 250 3.92 -21.15 3.87
N GLN A 251 3.15 -21.50 4.90
CA GLN A 251 3.70 -21.94 6.18
C GLN A 251 2.79 -22.99 6.78
N PRO A 252 3.01 -24.26 6.46
CA PRO A 252 2.12 -25.30 6.96
C PRO A 252 2.37 -25.61 8.43
N ARG A 253 1.33 -26.12 9.09
CA ARG A 253 1.45 -26.49 10.49
C ARG A 253 2.18 -27.82 10.63
N SER A 254 2.51 -28.17 11.88
CA SER A 254 3.27 -29.38 12.15
C SER A 254 2.42 -30.65 11.97
N GLU A 255 1.09 -30.54 12.10
CA GLU A 255 0.24 -31.71 11.95
C GLU A 255 0.09 -32.16 10.51
N LEU A 256 0.41 -31.30 9.55
CA LEU A 256 0.31 -31.66 8.14
C LEU A 256 1.55 -32.36 7.61
N PHE A 257 2.65 -32.37 8.38
CA PHE A 257 3.90 -32.96 7.90
C PHE A 257 3.72 -34.42 7.52
N GLN A 258 3.04 -35.18 8.36
CA GLN A 258 2.81 -36.60 8.07
C GLN A 258 1.61 -36.83 7.16
N LEU A 259 0.93 -35.77 6.72
CA LEU A 259 -0.24 -35.94 5.87
C LEU A 259 0.13 -36.03 4.40
N PHE A 260 1.17 -35.34 3.97
CA PHE A 260 1.57 -35.35 2.56
C PHE A 260 2.44 -36.57 2.27
N ASP A 261 2.33 -37.06 1.03
CA ASP A 261 3.12 -38.21 0.61
C ASP A 261 4.51 -37.80 0.14
N LYS A 262 4.64 -36.63 -0.47
CA LYS A 262 5.92 -36.12 -0.94
C LYS A 262 6.01 -34.63 -0.64
N ILE A 263 7.20 -34.19 -0.26
CA ILE A 263 7.47 -32.80 0.11
C ILE A 263 8.64 -32.30 -0.72
N ALA A 264 8.37 -31.36 -1.62
CA ALA A 264 9.40 -30.75 -2.45
C ALA A 264 9.71 -29.36 -1.93
N ILE A 265 10.97 -28.95 -2.09
CA ILE A 265 11.45 -27.64 -1.65
C ILE A 265 12.09 -26.94 -2.84
N LEU A 266 11.66 -25.70 -3.09
CA LEU A 266 12.22 -24.88 -4.16
C LEU A 266 12.94 -23.68 -3.57
N SER A 267 14.11 -23.38 -4.11
CA SER A 267 14.90 -22.22 -3.70
C SER A 267 15.49 -21.57 -4.94
N PHE A 268 14.97 -20.40 -5.29
CA PHE A 268 15.42 -19.63 -6.46
C PHE A 268 15.37 -20.50 -7.72
N GLY A 269 14.33 -21.31 -7.82
CA GLY A 269 14.14 -22.18 -8.97
C GLY A 269 14.91 -23.47 -8.94
N GLU A 270 15.64 -23.75 -7.86
CA GLU A 270 16.41 -24.99 -7.73
C GLU A 270 15.69 -25.93 -6.77
N LEU A 271 15.57 -27.19 -7.19
CA LEU A 271 14.92 -28.21 -6.37
C LEU A 271 15.91 -28.68 -5.31
N ILE A 272 15.69 -28.25 -4.06
CA ILE A 272 16.62 -28.60 -2.99
C ILE A 272 16.36 -30.01 -2.49
N PHE A 273 15.09 -30.44 -2.44
CA PHE A 273 14.76 -31.78 -2.00
C PHE A 273 13.34 -32.11 -2.45
N CYS A 274 13.07 -33.41 -2.60
CA CYS A 274 11.73 -33.89 -2.92
C CYS A 274 11.65 -35.36 -2.53
N GLY A 275 10.81 -35.70 -1.56
CA GLY A 275 10.67 -37.08 -1.16
C GLY A 275 9.73 -37.23 0.01
N THR A 276 9.76 -38.43 0.58
CA THR A 276 8.88 -38.79 1.68
C THR A 276 9.29 -38.02 2.95
N PRO A 277 8.30 -37.59 3.75
CA PRO A 277 8.63 -36.93 5.03
C PRO A 277 9.61 -37.70 5.90
N ALA A 278 9.48 -39.03 5.99
CA ALA A 278 10.47 -39.82 6.70
C ALA A 278 11.81 -39.77 5.99
N GLU A 279 11.81 -39.94 4.67
CA GLU A 279 13.03 -39.74 3.90
C GLU A 279 13.56 -38.32 4.05
N MET A 280 12.67 -37.34 4.16
CA MET A 280 13.09 -35.96 4.39
C MET A 280 13.87 -35.84 5.70
N LEU A 281 13.30 -36.37 6.78
CA LEU A 281 13.96 -36.30 8.08
C LEU A 281 15.30 -37.02 8.05
N ASP A 282 15.34 -38.22 7.47
CA ASP A 282 16.59 -38.98 7.43
C ASP A 282 17.65 -38.28 6.59
N PHE A 283 17.25 -37.71 5.45
CA PHE A 283 18.21 -37.03 4.58
C PHE A 283 18.75 -35.78 5.23
N PHE A 284 17.88 -35.02 5.91
CA PHE A 284 18.35 -33.81 6.59
C PHE A 284 19.17 -34.15 7.82
N ASN A 285 18.95 -35.32 8.41
CA ASN A 285 19.77 -35.73 9.55
C ASN A 285 21.15 -36.18 9.10
N ASP A 286 21.23 -36.96 8.02
CA ASP A 286 22.51 -37.39 7.50
C ASP A 286 23.32 -36.23 6.92
N CYS A 287 22.65 -35.15 6.50
CA CYS A 287 23.36 -33.99 5.98
C CYS A 287 24.00 -33.15 7.08
N GLY A 288 23.73 -33.44 8.34
CA GLY A 288 24.32 -32.72 9.45
C GLY A 288 23.41 -31.72 10.13
N TYR A 289 22.10 -31.74 9.84
CA TYR A 289 21.14 -30.82 10.44
C TYR A 289 19.92 -31.61 10.91
N PRO A 290 20.02 -32.28 12.05
CA PRO A 290 18.84 -32.98 12.58
C PRO A 290 17.81 -32.00 13.10
N CYS A 291 16.55 -32.26 12.80
CA CYS A 291 15.48 -31.36 13.23
C CYS A 291 15.32 -31.44 14.74
N PRO A 292 15.41 -30.31 15.45
CA PRO A 292 15.28 -30.35 16.91
C PRO A 292 13.87 -30.73 17.35
N GLU A 293 13.78 -31.19 18.59
CA GLU A 293 12.48 -31.52 19.16
C GLU A 293 11.66 -30.26 19.37
N HIS A 294 10.37 -30.33 19.02
CA HIS A 294 9.47 -29.18 19.06
C HIS A 294 10.00 -28.03 18.22
N SER A 295 10.14 -28.30 16.92
CA SER A 295 10.69 -27.31 16.00
C SER A 295 9.92 -27.17 14.70
N ASN A 296 8.80 -27.89 14.52
CA ASN A 296 7.98 -27.80 13.31
C ASN A 296 8.83 -28.01 12.06
N PRO A 297 9.21 -29.26 11.75
CA PRO A 297 10.17 -29.53 10.67
C PRO A 297 9.96 -28.73 9.39
N PHE A 298 8.71 -28.34 9.10
CA PHE A 298 8.46 -27.44 7.99
C PHE A 298 9.21 -26.12 8.16
N ASP A 299 9.11 -25.52 9.34
CA ASP A 299 9.77 -24.24 9.59
C ASP A 299 11.29 -24.42 9.63
N PHE A 300 11.76 -25.49 10.27
CA PHE A 300 13.20 -25.72 10.34
C PHE A 300 13.81 -25.95 8.97
N TYR A 301 13.17 -26.79 8.15
CA TYR A 301 13.67 -27.06 6.82
C TYR A 301 13.42 -25.92 5.86
N MET A 302 12.51 -25.00 6.19
CA MET A 302 12.35 -23.78 5.40
C MET A 302 13.43 -22.75 5.73
N ASP A 303 13.80 -22.64 7.01
CA ASP A 303 14.89 -21.75 7.39
C ASP A 303 16.24 -22.31 6.97
N LEU A 304 16.34 -23.65 6.84
CA LEU A 304 17.61 -24.25 6.47
C LEU A 304 17.92 -24.07 4.99
N THR A 305 16.89 -24.06 4.13
CA THR A 305 17.07 -23.99 2.69
C THR A 305 16.65 -22.65 2.11
N SER A 306 16.62 -21.59 2.92
CA SER A 306 16.31 -20.26 2.45
C SER A 306 17.55 -19.37 2.50
N VAL A 307 17.65 -18.47 1.53
CA VAL A 307 18.77 -17.55 1.44
C VAL A 307 18.40 -16.28 2.20
N ASP A 308 19.02 -16.09 3.36
CA ASP A 308 18.79 -14.90 4.17
C ASP A 308 19.49 -13.72 3.52
N THR A 309 18.71 -12.73 3.08
CA THR A 309 19.26 -11.50 2.49
C THR A 309 18.95 -10.36 3.46
N GLN A 310 19.81 -10.21 4.46
CA GLN A 310 19.85 -9.03 5.30
C GLN A 310 21.23 -8.42 5.37
N SER A 311 22.26 -9.13 4.90
CA SER A 311 23.60 -8.60 4.71
C SER A 311 24.21 -9.33 3.52
N LYS A 312 25.43 -8.95 3.15
CA LYS A 312 26.12 -9.58 2.05
C LYS A 312 26.93 -10.81 2.46
N GLU A 313 27.33 -10.88 3.73
CA GLU A 313 27.98 -12.09 4.23
C GLU A 313 26.94 -13.16 4.54
N ARG A 314 25.82 -12.78 5.16
CA ARG A 314 24.76 -13.75 5.44
C ARG A 314 24.20 -14.34 4.17
N GLU A 315 24.06 -13.52 3.12
CA GLU A 315 23.56 -14.03 1.85
C GLU A 315 24.49 -15.07 1.27
N ILE A 316 25.80 -14.79 1.28
CA ILE A 316 26.77 -15.74 0.74
C ILE A 316 26.76 -17.04 1.55
N GLU A 317 26.71 -16.92 2.88
CA GLU A 317 26.71 -18.11 3.73
C GLU A 317 25.46 -18.96 3.49
N THR A 318 24.29 -18.32 3.42
CA THR A 318 23.05 -19.07 3.19
C THR A 318 23.04 -19.69 1.80
N SER A 319 23.56 -18.97 0.79
CA SER A 319 23.62 -19.53 -0.55
C SER A 319 24.55 -20.74 -0.59
N LYS A 320 25.69 -20.66 0.10
CA LYS A 320 26.61 -21.79 0.16
C LYS A 320 25.97 -22.99 0.85
N ARG A 321 25.23 -22.74 1.93
CA ARG A 321 24.56 -23.85 2.62
C ARG A 321 23.49 -24.49 1.74
N VAL A 322 22.70 -23.65 1.06
CA VAL A 322 21.65 -24.18 0.18
C VAL A 322 22.26 -24.97 -0.97
N GLN A 323 23.38 -24.48 -1.53
CA GLN A 323 24.04 -25.20 -2.61
C GLN A 323 24.62 -26.53 -2.11
N MET A 324 25.15 -26.54 -0.89
CA MET A 324 25.64 -27.79 -0.32
C MET A 324 24.51 -28.81 -0.16
N ILE A 325 23.37 -28.36 0.35
CA ILE A 325 22.23 -29.25 0.53
C ILE A 325 21.73 -29.74 -0.83
N GLU A 326 21.71 -28.86 -1.83
CA GLU A 326 21.25 -29.26 -3.16
C GLU A 326 22.19 -30.27 -3.79
N SER A 327 23.50 -30.07 -3.63
CA SER A 327 24.46 -31.03 -4.14
C SER A 327 24.33 -32.37 -3.44
N ALA A 328 24.10 -32.36 -2.13
CA ALA A 328 23.90 -33.60 -1.38
C ALA A 328 22.65 -34.32 -1.87
N TYR A 329 21.59 -33.57 -2.18
CA TYR A 329 20.37 -34.19 -2.68
C TYR A 329 20.57 -34.77 -4.07
N LYS A 330 21.32 -34.05 -4.92
CA LYS A 330 21.61 -34.56 -6.25
C LYS A 330 22.47 -35.82 -6.19
N LYS A 331 23.35 -35.90 -5.19
CA LYS A 331 24.15 -37.09 -4.96
C LYS A 331 23.42 -38.15 -4.17
N SER A 332 22.20 -37.87 -3.72
CA SER A 332 21.45 -38.84 -2.93
C SER A 332 20.72 -39.83 -3.83
N ALA A 333 20.23 -40.91 -3.22
CA ALA A 333 19.56 -41.96 -3.97
C ALA A 333 18.11 -41.60 -4.29
N ILE A 334 17.56 -40.55 -3.68
CA ILE A 334 16.17 -40.20 -3.90
C ILE A 334 15.98 -39.60 -5.29
N CYS A 335 16.87 -38.69 -5.70
CA CYS A 335 16.79 -38.12 -7.03
C CYS A 335 17.03 -39.19 -8.10
N HIS A 336 17.98 -40.10 -7.84
CA HIS A 336 18.22 -41.20 -8.78
C HIS A 336 16.99 -42.10 -8.89
N LYS A 337 16.33 -42.37 -7.75
CA LYS A 337 15.12 -43.19 -7.79
C LYS A 337 14.00 -42.48 -8.53
N THR A 338 13.89 -41.16 -8.37
CA THR A 338 12.87 -40.40 -9.08
C THR A 338 13.11 -40.45 -10.59
N LEU A 339 14.35 -40.22 -11.02
CA LEU A 339 14.67 -40.29 -12.43
C LEU A 339 14.46 -41.70 -12.98
N LYS A 340 14.81 -42.73 -12.21
CA LYS A 340 14.62 -44.11 -12.63
C LYS A 340 13.14 -44.43 -12.77
N ASN A 341 12.30 -43.97 -11.84
CA ASN A 341 10.87 -44.20 -11.95
C ASN A 341 10.29 -43.46 -13.15
N ILE A 342 10.79 -42.26 -13.43
CA ILE A 342 10.32 -41.52 -14.60
C ILE A 342 10.64 -42.29 -15.88
N GLU A 343 11.90 -42.72 -16.03
CA GLU A 343 12.28 -43.48 -17.22
C GLU A 343 11.55 -44.80 -17.30
N ARG A 344 11.28 -45.44 -16.15
CA ARG A 344 10.60 -46.72 -16.15
C ARG A 344 9.15 -46.59 -16.60
N MET A 345 8.42 -45.62 -16.04
CA MET A 345 7.04 -45.43 -16.46
C MET A 345 6.95 -44.78 -17.83
N LYS A 346 8.06 -44.25 -18.35
CA LYS A 346 8.06 -43.79 -19.74
C LYS A 346 8.25 -44.96 -20.71
N HIS A 347 9.15 -45.89 -20.39
CA HIS A 347 9.44 -47.02 -21.26
C HIS A 347 8.69 -48.29 -20.88
N LEU A 348 7.67 -48.16 -20.01
CA LEU A 348 6.95 -49.36 -19.56
C LEU A 348 6.06 -49.92 -20.65
N LYS A 349 5.46 -49.05 -21.47
CA LYS A 349 4.55 -49.46 -22.54
C LYS A 349 3.36 -50.25 -22.01
N THR A 350 2.95 -49.96 -20.78
CA THR A 350 1.83 -50.68 -20.16
C THR A 350 0.80 -49.77 -19.50
N LEU A 351 1.15 -48.53 -19.15
CA LEU A 351 0.20 -47.64 -18.50
C LEU A 351 -0.93 -47.27 -19.45
N PRO A 352 -2.11 -46.95 -18.91
CA PRO A 352 -3.22 -46.51 -19.77
C PRO A 352 -2.93 -45.16 -20.39
N MET A 353 -3.81 -44.77 -21.31
CA MET A 353 -3.65 -43.52 -22.03
C MET A 353 -3.86 -42.33 -21.09
N VAL A 354 -3.44 -41.15 -21.56
CA VAL A 354 -3.54 -39.92 -20.80
C VAL A 354 -5.00 -39.59 -20.53
N PRO A 355 -5.42 -39.49 -19.27
CA PRO A 355 -6.81 -39.15 -18.97
C PRO A 355 -7.10 -37.68 -19.23
N PHE A 356 -7.90 -37.39 -20.25
CA PHE A 356 -8.23 -36.02 -20.62
C PHE A 356 -9.56 -35.60 -20.00
N LYS A 357 -10.05 -34.44 -20.42
CA LYS A 357 -11.26 -33.87 -19.84
C LYS A 357 -12.50 -34.65 -20.29
N THR A 358 -13.65 -34.23 -19.77
CA THR A 358 -14.90 -34.95 -20.00
C THR A 358 -15.33 -34.88 -21.47
N LYS A 359 -15.56 -33.68 -21.98
CA LYS A 359 -16.24 -33.50 -23.26
C LYS A 359 -15.54 -32.37 -24.01
N ASP A 360 -16.01 -32.07 -25.22
CA ASP A 360 -15.55 -30.90 -25.95
C ASP A 360 -16.27 -29.67 -25.42
N SER A 361 -16.16 -28.55 -26.13
CA SER A 361 -16.83 -27.32 -25.72
C SER A 361 -18.00 -27.06 -26.67
N PRO A 362 -19.15 -26.62 -26.13
CA PRO A 362 -20.30 -26.33 -26.99
C PRO A 362 -20.02 -25.13 -27.90
N GLY A 363 -20.98 -24.86 -28.78
CA GLY A 363 -20.85 -23.78 -29.73
C GLY A 363 -20.78 -22.43 -29.06
N VAL A 364 -20.49 -21.42 -29.88
CA VAL A 364 -20.37 -20.05 -29.37
C VAL A 364 -21.73 -19.56 -28.89
N PHE A 365 -22.79 -19.88 -29.63
CA PHE A 365 -24.13 -19.43 -29.25
C PHE A 365 -24.61 -20.08 -27.95
N SER A 366 -24.31 -21.36 -27.75
CA SER A 366 -24.72 -22.04 -26.53
C SER A 366 -24.05 -21.42 -25.30
N LYS A 367 -22.72 -21.24 -25.37
CA LYS A 367 -22.01 -20.61 -24.25
C LYS A 367 -22.47 -19.18 -24.04
N LEU A 368 -22.75 -18.47 -25.12
CA LEU A 368 -23.24 -17.09 -25.01
C LEU A 368 -24.58 -17.05 -24.28
N GLY A 369 -25.51 -17.94 -24.65
CA GLY A 369 -26.80 -17.96 -23.98
C GLY A 369 -26.69 -18.40 -22.53
N VAL A 370 -25.80 -19.36 -22.25
CA VAL A 370 -25.60 -19.79 -20.86
C VAL A 370 -25.07 -18.65 -20.01
N LEU A 371 -24.06 -17.93 -20.52
CA LEU A 371 -23.52 -16.80 -19.77
C LEU A 371 -24.55 -15.69 -19.62
N LEU A 372 -25.38 -15.48 -20.65
CA LEU A 372 -26.43 -14.47 -20.57
C LEU A 372 -27.43 -14.80 -19.47
N ARG A 373 -27.90 -16.05 -19.45
CA ARG A 373 -28.83 -16.47 -18.40
C ARG A 373 -28.19 -16.38 -17.02
N ARG A 374 -26.92 -16.76 -16.91
CA ARG A 374 -26.23 -16.70 -15.61
C ARG A 374 -26.12 -15.26 -15.12
N VAL A 375 -25.69 -14.34 -15.98
CA VAL A 375 -25.55 -12.95 -15.58
C VAL A 375 -26.91 -12.34 -15.27
N THR A 376 -27.95 -12.71 -16.03
CA THR A 376 -29.28 -12.19 -15.76
C THR A 376 -29.79 -12.66 -14.40
N ARG A 377 -29.57 -13.95 -14.09
CA ARG A 377 -30.00 -14.46 -12.78
C ARG A 377 -29.20 -13.82 -11.65
N ASN A 378 -27.91 -13.57 -11.88
CA ASN A 378 -27.11 -12.91 -10.86
C ASN A 378 -27.52 -11.46 -10.65
N LEU A 379 -28.00 -10.80 -11.71
CA LEU A 379 -28.39 -9.39 -11.61
C LEU A 379 -29.77 -9.25 -10.96
N VAL A 380 -30.76 -9.98 -11.46
CA VAL A 380 -32.13 -9.83 -10.97
C VAL A 380 -32.31 -10.25 -9.52
N ARG A 381 -31.34 -10.98 -8.95
CA ARG A 381 -31.42 -11.38 -7.56
C ARG A 381 -30.75 -10.40 -6.61
N ASN A 382 -30.05 -9.40 -7.14
CA ASN A 382 -29.45 -8.35 -6.33
C ASN A 382 -30.35 -7.11 -6.44
N LYS A 383 -31.10 -6.84 -5.37
CA LYS A 383 -32.08 -5.75 -5.42
C LYS A 383 -31.41 -4.40 -5.53
N LEU A 384 -30.24 -4.23 -4.90
CA LEU A 384 -29.54 -2.95 -4.94
C LEU A 384 -29.06 -2.63 -6.35
N ALA A 385 -28.50 -3.62 -7.04
CA ALA A 385 -28.03 -3.39 -8.40
C ALA A 385 -29.18 -3.02 -9.33
N VAL A 386 -30.29 -3.74 -9.24
CA VAL A 386 -31.46 -3.45 -10.07
C VAL A 386 -31.99 -2.06 -9.76
N ILE A 387 -32.07 -1.71 -8.47
CA ILE A 387 -32.56 -0.39 -8.07
C ILE A 387 -31.66 0.70 -8.62
N THR A 388 -30.34 0.52 -8.54
CA THR A 388 -29.43 1.51 -9.09
C THR A 388 -29.62 1.65 -10.60
N ARG A 389 -29.61 0.52 -11.31
CA ARG A 389 -29.75 0.55 -12.77
C ARG A 389 -31.05 1.20 -13.20
N LEU A 390 -32.14 0.99 -12.46
CA LEU A 390 -33.44 1.51 -12.86
C LEU A 390 -33.73 2.90 -12.32
N LEU A 391 -32.94 3.41 -11.36
CA LEU A 391 -33.26 4.67 -10.71
C LEU A 391 -32.17 5.72 -10.78
N GLN A 392 -31.00 5.42 -11.36
CA GLN A 392 -29.96 6.45 -11.47
C GLN A 392 -30.44 7.63 -12.32
N ASN A 393 -30.95 7.34 -13.51
CA ASN A 393 -31.44 8.39 -14.39
C ASN A 393 -32.64 9.10 -13.77
N LEU A 394 -33.48 8.35 -13.04
CA LEU A 394 -34.63 8.97 -12.39
C LEU A 394 -34.19 9.94 -11.30
N ILE A 395 -33.17 9.57 -10.52
CA ILE A 395 -32.64 10.46 -9.49
C ILE A 395 -32.03 11.70 -10.12
N MET A 396 -31.31 11.53 -11.23
CA MET A 396 -30.73 12.68 -11.92
C MET A 396 -31.83 13.62 -12.43
N GLY A 397 -32.87 13.05 -13.04
CA GLY A 397 -33.96 13.89 -13.53
C GLY A 397 -34.71 14.59 -12.42
N LEU A 398 -34.88 13.92 -11.27
CA LEU A 398 -35.54 14.56 -10.15
C LEU A 398 -34.68 15.66 -9.55
N PHE A 399 -33.36 15.46 -9.51
CA PHE A 399 -32.46 16.50 -9.03
C PHE A 399 -32.52 17.73 -9.94
N LEU A 400 -32.63 17.50 -11.26
CA LEU A 400 -32.77 18.62 -12.19
C LEU A 400 -34.12 19.32 -12.03
N LEU A 401 -35.19 18.53 -11.89
CA LEU A 401 -36.52 19.10 -11.72
C LEU A 401 -36.63 19.92 -10.44
N PHE A 402 -35.92 19.51 -9.38
CA PHE A 402 -35.94 20.27 -8.14
C PHE A 402 -35.42 21.70 -8.35
N PHE A 403 -34.52 21.89 -9.30
CA PHE A 403 -33.97 23.21 -9.58
C PHE A 403 -34.76 23.97 -10.64
N VAL A 404 -35.26 23.28 -11.66
CA VAL A 404 -36.00 23.94 -12.73
C VAL A 404 -37.48 24.05 -12.41
N LEU A 405 -38.13 22.89 -12.19
CA LEU A 405 -39.52 22.74 -11.81
C LEU A 405 -40.50 23.05 -12.95
N ARG A 406 -40.00 23.71 -14.00
CA ARG A 406 -40.67 23.83 -15.30
C ARG A 406 -39.84 24.75 -16.20
N VAL A 407 -40.06 24.69 -17.51
CA VAL A 407 -39.45 25.62 -18.45
C VAL A 407 -40.48 26.71 -18.78
N ARG A 408 -40.07 27.96 -18.62
CA ARG A 408 -40.94 29.09 -18.91
C ARG A 408 -40.75 29.55 -20.36
N SER A 409 -41.25 28.72 -21.28
CA SER A 409 -41.07 28.95 -22.71
C SER A 409 -42.04 30.00 -23.24
N ASN A 410 -42.67 30.75 -22.34
CA ASN A 410 -43.56 31.84 -22.70
C ASN A 410 -42.92 33.21 -22.51
N VAL A 411 -41.66 33.26 -22.10
CA VAL A 411 -40.94 34.52 -21.92
C VAL A 411 -39.45 34.27 -22.08
N LEU A 412 -38.78 35.13 -22.87
CA LEU A 412 -37.34 35.02 -23.15
C LEU A 412 -36.46 35.33 -21.93
N LYS A 413 -37.00 35.59 -20.74
CA LYS A 413 -36.13 35.88 -19.61
C LYS A 413 -35.32 34.65 -19.20
N GLY A 414 -35.93 33.47 -19.26
CA GLY A 414 -35.22 32.25 -18.91
C GLY A 414 -35.63 31.03 -19.72
N ALA A 415 -36.26 31.23 -20.88
CA ALA A 415 -36.76 30.09 -21.65
C ALA A 415 -35.62 29.34 -22.32
N ILE A 416 -34.92 30.00 -23.24
CA ILE A 416 -33.84 29.34 -23.98
C ILE A 416 -32.72 28.95 -23.02
N GLN A 417 -32.47 29.78 -22.01
CA GLN A 417 -31.43 29.47 -21.04
C GLN A 417 -31.71 28.17 -20.30
N ASP A 418 -32.91 28.04 -19.74
CA ASP A 418 -33.27 26.82 -19.02
C ASP A 418 -33.34 25.61 -19.93
N ARG A 419 -33.84 25.78 -21.16
CA ARG A 419 -33.92 24.65 -22.07
C ARG A 419 -32.52 24.15 -22.45
N VAL A 420 -31.60 25.07 -22.76
CA VAL A 420 -30.24 24.69 -23.08
C VAL A 420 -29.58 24.04 -21.87
N GLY A 421 -29.82 24.57 -20.67
CA GLY A 421 -29.27 23.97 -19.48
C GLY A 421 -29.77 22.54 -19.26
N LEU A 422 -31.06 22.32 -19.45
CA LEU A 422 -31.62 20.98 -19.27
C LEU A 422 -31.06 20.01 -20.29
N LEU A 423 -31.00 20.42 -21.56
CA LEU A 423 -30.44 19.55 -22.59
C LEU A 423 -28.98 19.23 -22.33
N TYR A 424 -28.20 20.25 -21.94
CA TYR A 424 -26.78 20.03 -21.62
C TYR A 424 -26.62 19.08 -20.46
N GLN A 425 -27.42 19.25 -19.40
CA GLN A 425 -27.32 18.37 -18.24
C GLN A 425 -27.71 16.95 -18.59
N PHE A 426 -28.74 16.76 -19.41
CA PHE A 426 -29.13 15.42 -19.83
C PHE A 426 -28.00 14.76 -20.62
N VAL A 427 -27.46 15.47 -21.61
CA VAL A 427 -26.42 14.90 -22.46
C VAL A 427 -25.15 14.63 -21.66
N GLY A 428 -24.88 15.42 -20.62
CA GLY A 428 -23.68 15.19 -19.83
C GLY A 428 -23.86 14.20 -18.70
N ALA A 429 -25.11 13.90 -18.35
CA ALA A 429 -25.38 13.03 -17.21
C ALA A 429 -25.77 11.62 -17.60
N THR A 430 -26.37 11.40 -18.78
CA THR A 430 -26.70 10.04 -19.18
C THR A 430 -25.48 9.15 -19.35
N PRO A 431 -24.40 9.55 -20.05
CA PRO A 431 -23.20 8.72 -20.06
C PRO A 431 -22.57 8.58 -18.68
N TYR A 432 -22.75 9.57 -17.81
CA TYR A 432 -22.26 9.45 -16.44
C TYR A 432 -22.98 8.33 -15.70
N THR A 433 -24.31 8.24 -15.86
CA THR A 433 -25.05 7.16 -15.23
C THR A 433 -24.69 5.81 -15.82
N GLY A 434 -24.50 5.76 -17.15
CA GLY A 434 -24.05 4.51 -17.76
C GLY A 434 -22.69 4.07 -17.23
N MET A 435 -21.76 5.01 -17.11
CA MET A 435 -20.45 4.69 -16.57
C MET A 435 -20.54 4.24 -15.11
N LEU A 436 -21.41 4.89 -14.33
CA LEU A 436 -21.60 4.46 -12.94
C LEU A 436 -22.08 3.01 -12.88
N ASN A 437 -23.12 2.69 -13.65
CA ASN A 437 -23.64 1.32 -13.69
C ASN A 437 -22.55 0.33 -14.08
N ALA A 438 -21.82 0.64 -15.16
CA ALA A 438 -20.78 -0.27 -15.64
C ALA A 438 -19.69 -0.47 -14.59
N VAL A 439 -19.12 0.62 -14.08
CA VAL A 439 -18.00 0.52 -13.15
C VAL A 439 -18.45 -0.10 -11.82
N ASN A 440 -19.75 -0.04 -11.51
CA ASN A 440 -20.23 -0.62 -10.27
C ASN A 440 -20.60 -2.09 -10.41
N LEU A 441 -20.99 -2.55 -11.59
CA LEU A 441 -21.48 -3.91 -11.74
C LEU A 441 -20.56 -4.85 -12.50
N PHE A 442 -19.66 -4.34 -13.34
CA PHE A 442 -18.84 -5.20 -14.18
C PHE A 442 -17.64 -5.85 -13.51
N PRO A 443 -16.85 -5.13 -12.67
CA PRO A 443 -15.56 -5.69 -12.21
C PRO A 443 -15.62 -7.12 -11.68
N VAL A 444 -16.68 -7.50 -10.95
CA VAL A 444 -16.78 -8.87 -10.47
C VAL A 444 -16.98 -9.84 -11.65
N LEU A 445 -17.76 -9.43 -12.65
CA LEU A 445 -17.94 -10.28 -13.83
C LEU A 445 -16.64 -10.39 -14.61
N ARG A 446 -15.88 -9.29 -14.70
CA ARG A 446 -14.59 -9.33 -15.37
C ARG A 446 -13.63 -10.27 -14.65
N ALA A 447 -13.61 -10.23 -13.31
CA ALA A 447 -12.75 -11.13 -12.55
C ALA A 447 -13.16 -12.58 -12.75
N VAL A 448 -14.46 -12.87 -12.72
CA VAL A 448 -14.92 -14.23 -12.92
C VAL A 448 -14.57 -14.71 -14.32
N SER A 449 -14.69 -13.83 -15.32
CA SER A 449 -14.35 -14.20 -16.68
C SER A 449 -12.86 -14.46 -16.83
N ASP A 450 -12.03 -13.63 -16.21
CA ASP A 450 -10.58 -13.84 -16.27
C ASP A 450 -10.20 -15.15 -15.58
N GLN A 451 -10.92 -15.51 -14.52
CA GLN A 451 -10.62 -16.74 -13.81
C GLN A 451 -11.05 -17.96 -14.61
N GLU A 452 -12.22 -17.89 -15.26
CA GLU A 452 -12.80 -19.04 -15.93
C GLU A 452 -12.41 -19.16 -17.40
N SER A 453 -11.71 -18.17 -17.96
CA SER A 453 -11.28 -18.29 -19.35
C SER A 453 -9.99 -19.10 -19.48
N GLN A 454 -9.12 -19.04 -18.47
CA GLN A 454 -7.91 -19.85 -18.50
C GLN A 454 -8.22 -21.33 -18.33
N ASP A 455 -9.39 -21.65 -17.77
CA ASP A 455 -9.81 -23.04 -17.62
C ASP A 455 -10.36 -23.64 -18.91
N GLY A 456 -10.45 -22.87 -19.98
CA GLY A 456 -11.00 -23.37 -21.22
C GLY A 456 -12.50 -23.44 -21.28
N LEU A 457 -13.20 -22.65 -20.47
CA LEU A 457 -14.65 -22.70 -20.45
C LEU A 457 -15.24 -21.82 -21.55
N TYR A 458 -14.85 -20.55 -21.59
CA TYR A 458 -15.37 -19.61 -22.58
C TYR A 458 -14.36 -18.48 -22.76
N GLN A 459 -14.74 -17.51 -23.58
CA GLN A 459 -13.89 -16.36 -23.87
C GLN A 459 -14.41 -15.12 -23.15
N LYS A 460 -13.52 -14.14 -22.98
CA LYS A 460 -13.89 -12.92 -22.27
C LYS A 460 -14.79 -12.03 -23.11
N TRP A 461 -14.58 -11.98 -24.42
CA TRP A 461 -15.44 -11.19 -25.29
C TRP A 461 -16.86 -11.74 -25.30
N GLN A 462 -17.04 -13.04 -25.14
CA GLN A 462 -18.38 -13.60 -25.00
C GLN A 462 -19.05 -13.08 -23.73
N MET A 463 -18.31 -13.02 -22.62
CA MET A 463 -18.85 -12.47 -21.38
C MET A 463 -19.21 -11.00 -21.55
N MET A 464 -18.37 -10.24 -22.26
CA MET A 464 -18.66 -8.83 -22.49
C MET A 464 -19.91 -8.64 -23.34
N LEU A 465 -20.08 -9.48 -24.37
CA LEU A 465 -21.27 -9.41 -25.20
C LEU A 465 -22.51 -9.78 -24.41
N ALA A 466 -22.41 -10.80 -23.54
CA ALA A 466 -23.53 -11.16 -22.68
C ALA A 466 -23.88 -10.03 -21.73
N TYR A 467 -22.86 -9.35 -21.19
CA TYR A 467 -23.10 -8.19 -20.33
C TYR A 467 -23.83 -7.09 -21.08
N ALA A 468 -23.40 -6.80 -22.30
CA ALA A 468 -24.10 -5.80 -23.10
C ALA A 468 -25.56 -6.20 -23.35
N LEU A 469 -25.77 -7.48 -23.71
CA LEU A 469 -27.11 -7.94 -24.01
C LEU A 469 -28.02 -7.90 -22.79
N HIS A 470 -27.47 -8.12 -21.60
CA HIS A 470 -28.30 -8.12 -20.41
C HIS A 470 -28.46 -6.72 -19.81
N VAL A 471 -27.59 -5.78 -20.15
CA VAL A 471 -27.80 -4.40 -19.71
C VAL A 471 -28.63 -3.59 -20.69
N LEU A 472 -28.80 -4.07 -21.93
CA LEU A 472 -29.66 -3.37 -22.88
C LEU A 472 -31.09 -3.15 -22.35
N PRO A 473 -31.82 -4.19 -21.95
CA PRO A 473 -33.23 -3.97 -21.59
C PRO A 473 -33.40 -3.15 -20.32
N PHE A 474 -32.52 -3.35 -19.33
CA PHE A 474 -32.61 -2.54 -18.12
C PHE A 474 -32.34 -1.08 -18.39
N SER A 475 -31.36 -0.78 -19.26
CA SER A 475 -31.13 0.61 -19.64
C SER A 475 -32.31 1.19 -20.38
N VAL A 476 -32.92 0.42 -21.27
CA VAL A 476 -34.11 0.88 -21.99
C VAL A 476 -35.23 1.22 -21.00
N VAL A 477 -35.48 0.32 -20.05
CA VAL A 477 -36.55 0.53 -19.09
C VAL A 477 -36.27 1.73 -18.20
N ALA A 478 -35.01 1.89 -17.77
CA ALA A 478 -34.67 3.02 -16.91
C ALA A 478 -34.80 4.34 -17.64
N THR A 479 -34.35 4.41 -18.89
CA THR A 479 -34.51 5.62 -19.68
C THR A 479 -35.99 5.93 -19.90
N MET A 480 -36.79 4.90 -20.19
CA MET A 480 -38.22 5.11 -20.37
C MET A 480 -38.88 5.64 -19.10
N ILE A 481 -38.50 5.09 -17.94
CA ILE A 481 -39.07 5.55 -16.67
C ILE A 481 -38.68 6.99 -16.41
N PHE A 482 -37.39 7.30 -16.51
CA PHE A 482 -36.93 8.67 -16.26
C PHE A 482 -37.61 9.66 -17.20
N SER A 483 -37.74 9.29 -18.48
CA SER A 483 -38.36 10.20 -19.44
C SER A 483 -39.84 10.39 -19.13
N SER A 484 -40.58 9.29 -18.95
CA SER A 484 -42.00 9.40 -18.66
C SER A 484 -42.26 10.13 -17.34
N VAL A 485 -41.27 10.19 -16.46
CA VAL A 485 -41.45 10.92 -15.21
C VAL A 485 -41.14 12.41 -15.39
N CYS A 486 -40.06 12.73 -16.09
CA CYS A 486 -39.55 14.10 -16.08
C CYS A 486 -39.97 14.94 -17.29
N TYR A 487 -40.17 14.32 -18.45
CA TYR A 487 -40.47 15.08 -19.67
C TYR A 487 -41.77 15.85 -19.54
N TRP A 488 -42.83 15.20 -19.08
CA TRP A 488 -44.12 15.86 -18.94
C TRP A 488 -44.15 16.82 -17.75
N THR A 489 -43.41 16.52 -16.68
CA THR A 489 -43.38 17.41 -15.53
C THR A 489 -42.64 18.71 -15.85
N LEU A 490 -41.59 18.62 -16.68
CA LEU A 490 -40.85 19.81 -17.06
C LEU A 490 -41.60 20.68 -18.06
N GLY A 491 -42.54 20.12 -18.81
CA GLY A 491 -43.27 20.89 -19.80
C GLY A 491 -42.51 21.18 -21.06
N LEU A 492 -41.74 20.21 -21.55
CA LEU A 492 -40.90 20.39 -22.73
C LEU A 492 -41.65 19.92 -23.97
N HIS A 493 -42.33 20.85 -24.64
CA HIS A 493 -43.03 20.59 -25.90
C HIS A 493 -43.92 19.37 -25.80
N PRO A 494 -45.08 19.46 -25.11
CA PRO A 494 -45.87 18.26 -24.85
C PRO A 494 -46.41 17.60 -26.11
N GLU A 495 -45.89 16.40 -26.40
CA GLU A 495 -46.32 15.59 -27.53
C GLU A 495 -45.80 14.18 -27.33
N VAL A 496 -46.43 13.23 -28.01
CA VAL A 496 -46.06 11.83 -27.82
C VAL A 496 -44.91 11.43 -28.73
N ALA A 497 -44.93 11.88 -29.99
CA ALA A 497 -43.82 11.56 -30.89
C ALA A 497 -42.53 12.24 -30.43
N ARG A 498 -42.63 13.51 -30.01
CA ARG A 498 -41.47 14.17 -29.43
C ARG A 498 -41.03 13.49 -28.15
N PHE A 499 -41.98 12.96 -27.38
CA PHE A 499 -41.64 12.20 -26.18
C PHE A 499 -40.80 10.97 -26.52
N GLY A 500 -41.22 10.20 -27.52
CA GLY A 500 -40.46 9.04 -27.92
C GLY A 500 -39.10 9.39 -28.51
N TYR A 501 -39.03 10.47 -29.29
CA TYR A 501 -37.75 10.90 -29.84
C TYR A 501 -36.80 11.30 -28.73
N PHE A 502 -37.29 12.04 -27.73
CA PHE A 502 -36.48 12.42 -26.57
C PHE A 502 -36.01 11.19 -25.82
N SER A 503 -36.91 10.22 -25.62
CA SER A 503 -36.55 9.00 -24.92
C SER A 503 -35.44 8.26 -25.63
N ALA A 504 -35.54 8.10 -26.95
CA ALA A 504 -34.50 7.39 -27.70
C ALA A 504 -33.19 8.18 -27.70
N ALA A 505 -33.28 9.51 -27.86
CA ALA A 505 -32.08 10.33 -27.95
C ALA A 505 -31.36 10.44 -26.62
N LEU A 506 -32.04 10.14 -25.51
CA LEU A 506 -31.34 10.02 -24.24
C LEU A 506 -31.00 8.58 -23.88
N LEU A 507 -31.65 7.60 -24.51
CA LEU A 507 -31.30 6.20 -24.28
C LEU A 507 -30.00 5.84 -24.98
N ALA A 508 -29.76 6.39 -26.17
CA ALA A 508 -28.53 6.09 -26.90
C ALA A 508 -27.27 6.48 -26.14
N PRO A 509 -27.13 7.71 -25.60
CA PRO A 509 -25.88 8.04 -24.90
C PRO A 509 -25.66 7.23 -23.64
N HIS A 510 -26.72 6.76 -22.99
CA HIS A 510 -26.56 5.88 -21.84
C HIS A 510 -25.78 4.63 -22.22
N LEU A 511 -26.24 3.92 -23.27
CA LEU A 511 -25.55 2.74 -23.72
C LEU A 511 -24.17 3.07 -24.27
N ILE A 512 -24.02 4.23 -24.91
CA ILE A 512 -22.73 4.63 -25.44
C ILE A 512 -21.71 4.77 -24.32
N GLY A 513 -22.05 5.53 -23.27
CA GLY A 513 -21.14 5.68 -22.15
C GLY A 513 -20.90 4.37 -21.41
N GLU A 514 -21.94 3.55 -21.26
CA GLU A 514 -21.77 2.26 -20.62
C GLU A 514 -20.78 1.38 -21.37
N PHE A 515 -20.88 1.35 -22.70
CA PHE A 515 -19.97 0.53 -23.49
C PHE A 515 -18.56 1.10 -23.53
N LEU A 516 -18.43 2.43 -23.51
CA LEU A 516 -17.10 3.02 -23.42
C LEU A 516 -16.44 2.66 -22.09
N THR A 517 -17.20 2.73 -20.99
CA THR A 517 -16.68 2.31 -19.69
C THR A 517 -16.35 0.82 -19.69
N LEU A 518 -17.16 0.02 -20.39
CA LEU A 518 -16.88 -1.41 -20.51
C LEU A 518 -15.55 -1.65 -21.22
N VAL A 519 -15.31 -0.92 -22.31
CA VAL A 519 -14.04 -1.02 -23.02
C VAL A 519 -12.88 -0.64 -22.11
N LEU A 520 -13.02 0.49 -21.41
CA LEU A 520 -11.93 0.99 -20.57
C LEU A 520 -11.66 0.05 -19.40
N LEU A 521 -12.69 -0.60 -18.87
CA LEU A 521 -12.48 -1.62 -17.85
C LEU A 521 -11.85 -2.87 -18.44
N GLY A 522 -12.14 -3.16 -19.72
CA GLY A 522 -11.49 -4.26 -20.38
C GLY A 522 -10.00 -4.05 -20.58
N ILE A 523 -9.59 -2.79 -20.77
CA ILE A 523 -8.16 -2.46 -20.86
C ILE A 523 -7.57 -2.11 -19.49
N VAL A 524 -8.20 -1.20 -18.76
CA VAL A 524 -7.65 -0.72 -17.49
C VAL A 524 -8.27 -1.50 -16.35
N GLN A 525 -7.45 -1.80 -15.34
CA GLN A 525 -7.87 -2.64 -14.23
C GLN A 525 -8.59 -1.85 -13.14
N ASN A 526 -8.01 -0.76 -12.69
CA ASN A 526 -8.56 0.01 -11.59
C ASN A 526 -9.85 0.70 -12.02
N PRO A 527 -10.99 0.46 -11.36
CA PRO A 527 -12.24 1.10 -11.79
C PRO A 527 -12.30 2.59 -11.52
N ASN A 528 -11.51 3.11 -10.57
CA ASN A 528 -11.58 4.53 -10.26
C ASN A 528 -10.95 5.37 -11.37
N ILE A 529 -9.83 4.92 -11.92
CA ILE A 529 -9.23 5.60 -13.07
C ILE A 529 -10.19 5.61 -14.25
N VAL A 530 -10.86 4.48 -14.48
CA VAL A 530 -11.84 4.41 -15.57
C VAL A 530 -12.99 5.38 -15.31
N ASN A 531 -13.47 5.44 -14.06
CA ASN A 531 -14.53 6.36 -13.70
C ASN A 531 -14.14 7.80 -14.01
N SER A 532 -12.96 8.21 -13.55
CA SER A 532 -12.51 9.60 -13.75
C SER A 532 -12.30 9.89 -15.23
N VAL A 533 -11.73 8.93 -15.98
CA VAL A 533 -11.45 9.16 -17.39
C VAL A 533 -12.76 9.30 -18.17
N VAL A 534 -13.74 8.44 -17.89
CA VAL A 534 -15.01 8.55 -18.59
C VAL A 534 -15.74 9.82 -18.20
N ALA A 535 -15.65 10.24 -16.94
CA ALA A 535 -16.27 11.50 -16.54
C ALA A 535 -15.65 12.68 -17.29
N LEU A 536 -14.33 12.73 -17.34
CA LEU A 536 -13.65 13.81 -18.07
C LEU A 536 -13.98 13.77 -19.55
N LEU A 537 -14.06 12.57 -20.14
CA LEU A 537 -14.39 12.45 -21.55
C LEU A 537 -15.80 12.91 -21.83
N SER A 538 -16.76 12.57 -20.96
CA SER A 538 -18.13 13.03 -21.13
C SER A 538 -18.22 14.54 -21.00
N ILE A 539 -17.50 15.12 -20.04
CA ILE A 539 -17.48 16.58 -19.90
C ILE A 539 -16.93 17.23 -21.16
N ALA A 540 -15.79 16.74 -21.65
CA ALA A 540 -15.19 17.31 -22.84
C ALA A 540 -16.07 17.14 -24.07
N GLY A 541 -16.78 16.01 -24.17
CA GLY A 541 -17.64 15.79 -25.32
C GLY A 541 -18.88 16.65 -25.30
N VAL A 542 -19.48 16.85 -24.11
CA VAL A 542 -20.64 17.71 -24.02
C VAL A 542 -20.23 19.17 -24.15
N LEU A 543 -18.96 19.49 -23.87
CA LEU A 543 -18.49 20.86 -24.05
C LEU A 543 -18.19 21.16 -25.52
N VAL A 544 -17.44 20.29 -26.17
CA VAL A 544 -16.99 20.53 -27.54
C VAL A 544 -18.01 20.06 -28.56
N GLY A 545 -18.60 18.88 -28.35
CA GLY A 545 -19.54 18.33 -29.29
C GLY A 545 -20.79 19.16 -29.46
N SER A 546 -21.47 19.49 -28.37
CA SER A 546 -22.69 20.27 -28.44
C SER A 546 -22.39 21.71 -28.83
N GLY A 547 -23.35 22.32 -29.52
CA GLY A 547 -23.22 23.70 -29.95
C GLY A 547 -23.90 24.67 -29.00
N PHE A 548 -24.07 24.25 -27.75
CA PHE A 548 -24.76 25.09 -26.77
C PHE A 548 -23.88 26.25 -26.32
N LEU A 549 -22.56 26.03 -26.27
CA LEU A 549 -21.66 26.98 -25.62
C LEU A 549 -20.56 27.53 -26.51
N ARG A 550 -20.38 27.01 -27.73
CA ARG A 550 -19.25 27.43 -28.55
C ARG A 550 -19.62 27.79 -29.98
N ASN A 551 -20.86 27.55 -30.43
CA ASN A 551 -21.29 27.92 -31.77
C ASN A 551 -20.40 27.26 -32.84
N ILE A 552 -20.57 25.94 -32.93
CA ILE A 552 -19.71 25.02 -33.67
C ILE A 552 -19.23 25.61 -34.99
N GLN A 553 -20.11 26.30 -35.71
CA GLN A 553 -19.74 26.94 -36.96
C GLN A 553 -18.74 28.10 -36.78
N GLU A 554 -18.27 28.35 -35.56
CA GLU A 554 -17.26 29.35 -35.30
C GLU A 554 -16.06 28.83 -34.52
N MET A 555 -16.09 27.60 -34.02
CA MET A 555 -14.98 27.05 -33.27
C MET A 555 -13.80 26.75 -34.20
N PRO A 556 -12.59 26.61 -33.64
CA PRO A 556 -11.43 26.28 -34.47
C PRO A 556 -11.60 24.96 -35.20
N ILE A 557 -10.75 24.76 -36.21
CA ILE A 557 -10.81 23.59 -37.09
C ILE A 557 -10.56 22.29 -36.32
N PRO A 558 -9.53 22.19 -35.46
CA PRO A 558 -9.35 20.92 -34.73
C PRO A 558 -10.54 20.55 -33.85
N PHE A 559 -11.09 21.52 -33.12
CA PHE A 559 -12.26 21.22 -32.29
C PHE A 559 -13.48 20.91 -33.15
N LYS A 560 -13.60 21.58 -34.30
CA LYS A 560 -14.70 21.28 -35.22
C LYS A 560 -14.61 19.86 -35.76
N ILE A 561 -13.39 19.36 -35.98
CA ILE A 561 -13.21 17.99 -36.43
C ILE A 561 -13.46 17.00 -35.30
N ILE A 562 -13.01 17.35 -34.08
CA ILE A 562 -13.23 16.48 -32.93
C ILE A 562 -14.71 16.34 -32.63
N SER A 563 -15.47 17.42 -32.83
CA SER A 563 -16.91 17.38 -32.57
C SER A 563 -17.64 16.38 -33.47
N TYR A 564 -17.11 16.13 -34.66
CA TYR A 564 -17.73 15.19 -35.58
C TYR A 564 -17.55 13.74 -35.14
N PHE A 565 -16.64 13.46 -34.21
CA PHE A 565 -16.43 12.11 -33.71
C PHE A 565 -17.09 11.88 -32.36
N THR A 566 -17.83 12.85 -31.85
CA THR A 566 -18.50 12.74 -30.56
C THR A 566 -19.99 12.58 -30.74
N PHE A 567 -20.59 11.68 -29.95
CA PHE A 567 -22.02 11.45 -30.00
C PHE A 567 -22.81 12.60 -29.39
N GLN A 568 -22.17 13.41 -28.53
CA GLN A 568 -22.87 14.52 -27.90
C GLN A 568 -23.37 15.53 -28.93
N LYS A 569 -22.60 15.73 -30.01
CA LYS A 569 -23.01 16.67 -31.05
C LYS A 569 -24.34 16.25 -31.66
N TYR A 570 -24.42 15.02 -32.15
CA TYR A 570 -25.64 14.54 -32.79
C TYR A 570 -26.79 14.43 -31.79
N CYS A 571 -26.48 14.04 -30.55
CA CYS A 571 -27.54 13.97 -29.53
C CYS A 571 -28.13 15.34 -29.26
N SER A 572 -27.28 16.37 -29.10
CA SER A 572 -27.78 17.72 -28.86
C SER A 572 -28.50 18.26 -30.08
N GLU A 573 -28.05 17.91 -31.29
CA GLU A 573 -28.77 18.32 -32.48
C GLU A 573 -30.17 17.72 -32.52
N ILE A 574 -30.28 16.43 -32.22
CA ILE A 574 -31.60 15.78 -32.18
C ILE A 574 -32.48 16.43 -31.14
N LEU A 575 -31.92 16.69 -29.95
CA LEU A 575 -32.72 17.28 -28.88
C LEU A 575 -33.17 18.69 -29.23
N VAL A 576 -32.32 19.46 -29.91
CA VAL A 576 -32.68 20.82 -30.29
C VAL A 576 -33.76 20.81 -31.36
N VAL A 577 -33.62 19.94 -32.36
CA VAL A 577 -34.63 19.84 -33.42
C VAL A 577 -35.96 19.38 -32.83
N ASN A 578 -35.93 18.49 -31.84
CA ASN A 578 -37.17 17.97 -31.27
C ASN A 578 -37.80 18.97 -30.31
N GLU A 579 -37.00 19.82 -29.68
CA GLU A 579 -37.50 20.69 -28.62
C GLU A 579 -37.80 22.11 -29.10
N PHE A 580 -37.01 22.62 -30.05
CA PHE A 580 -37.10 24.03 -30.45
C PHE A 580 -37.74 24.23 -31.82
N TYR A 581 -38.57 23.29 -32.29
CA TYR A 581 -39.11 23.40 -33.65
C TYR A 581 -40.44 24.14 -33.68
N GLY A 582 -41.44 23.64 -32.97
CA GLY A 582 -42.80 24.10 -33.16
C GLY A 582 -43.40 24.95 -32.06
N LEU A 583 -42.63 25.89 -31.51
CA LEU A 583 -43.12 26.79 -30.47
C LEU A 583 -42.53 28.18 -30.66
N ASN A 584 -43.17 29.17 -30.03
CA ASN A 584 -42.75 30.56 -30.12
C ASN A 584 -42.48 31.10 -28.71
N PHE A 585 -41.73 32.20 -28.66
CA PHE A 585 -41.37 32.86 -27.41
C PHE A 585 -41.88 34.30 -27.41
N THR A 586 -41.75 34.93 -26.25
CA THR A 586 -42.14 36.33 -26.06
C THR A 586 -41.24 36.96 -25.01
N CYS A 587 -41.39 38.27 -24.84
CA CYS A 587 -40.80 38.97 -23.70
C CYS A 587 -41.65 40.12 -23.19
N GLY A 588 -42.98 39.99 -23.20
CA GLY A 588 -43.85 41.04 -22.70
C GLY A 588 -44.04 41.02 -21.20
N ASN A 597 -34.59 42.76 -27.86
CA ASN A 597 -33.51 43.15 -28.76
C ASN A 597 -32.13 42.60 -28.34
N PRO A 598 -31.75 42.73 -27.05
CA PRO A 598 -30.48 42.12 -26.63
C PRO A 598 -30.50 40.60 -26.71
N MET A 599 -31.62 39.98 -26.33
CA MET A 599 -31.78 38.53 -26.44
C MET A 599 -33.11 38.11 -27.05
N CYS A 600 -33.99 39.05 -27.40
CA CYS A 600 -35.30 38.71 -27.93
C CYS A 600 -35.34 38.69 -29.45
N ALA A 601 -34.20 38.45 -30.11
CA ALA A 601 -34.19 38.22 -31.54
C ALA A 601 -34.44 36.76 -31.90
N PHE A 602 -34.72 35.92 -30.90
CA PHE A 602 -35.00 34.50 -31.09
C PHE A 602 -36.38 34.17 -30.55
N THR A 603 -37.36 35.01 -30.88
CA THR A 603 -38.73 34.77 -30.44
C THR A 603 -39.32 33.50 -31.03
N GLN A 604 -38.74 32.99 -32.12
CA GLN A 604 -39.13 31.72 -32.70
C GLN A 604 -38.03 30.70 -32.51
N GLY A 605 -38.42 29.45 -32.26
CA GLY A 605 -37.44 28.41 -32.01
C GLY A 605 -36.63 28.05 -33.24
N ILE A 606 -37.19 28.27 -34.43
CA ILE A 606 -36.46 27.97 -35.66
C ILE A 606 -35.24 28.86 -35.79
N GLN A 607 -35.32 30.10 -35.34
CA GLN A 607 -34.17 31.00 -35.37
C GLN A 607 -33.04 30.48 -34.48
N PHE A 608 -33.38 30.05 -33.25
CA PHE A 608 -32.36 29.49 -32.38
C PHE A 608 -31.80 28.18 -32.94
N ILE A 609 -32.65 27.39 -33.61
CA ILE A 609 -32.15 26.17 -34.26
C ILE A 609 -31.11 26.52 -35.32
N GLU A 610 -31.46 27.43 -36.23
CA GLU A 610 -30.54 27.85 -37.27
C GLU A 610 -29.27 28.50 -36.70
N LYS A 611 -29.38 29.14 -35.54
CA LYS A 611 -28.20 29.74 -34.92
C LYS A 611 -27.28 28.68 -34.34
N THR A 612 -27.84 27.72 -33.59
CA THR A 612 -27.02 26.69 -32.98
C THR A 612 -26.54 25.68 -34.01
N CYS A 613 -27.47 25.01 -34.69
CA CYS A 613 -27.16 24.01 -35.71
C CYS A 613 -28.04 24.29 -36.92
N PRO A 614 -27.51 24.94 -37.95
CA PRO A 614 -28.34 25.42 -39.06
C PRO A 614 -29.13 24.31 -39.77
N GLY A 615 -28.44 23.30 -40.26
CA GLY A 615 -29.10 22.26 -41.02
C GLY A 615 -29.36 20.98 -40.26
N ALA A 616 -29.61 21.09 -38.96
CA ALA A 616 -29.87 19.90 -38.14
C ALA A 616 -31.29 19.39 -38.31
N THR A 617 -32.22 20.22 -38.80
CA THR A 617 -33.59 19.77 -38.99
C THR A 617 -33.68 18.70 -40.07
N SER A 618 -32.81 18.76 -41.07
CA SER A 618 -32.78 17.78 -42.15
C SER A 618 -31.84 16.61 -41.86
N ARG A 619 -31.26 16.55 -40.67
CA ARG A 619 -30.34 15.47 -40.30
C ARG A 619 -30.82 14.69 -39.08
N PHE A 620 -32.14 14.61 -38.87
CA PHE A 620 -32.67 13.88 -37.72
C PHE A 620 -32.37 12.39 -37.84
N THR A 621 -32.86 11.76 -38.91
CA THR A 621 -32.61 10.34 -39.12
C THR A 621 -31.12 10.05 -39.24
N MET A 622 -30.37 10.97 -39.87
CA MET A 622 -28.94 10.75 -40.01
C MET A 622 -28.24 10.72 -38.66
N ASN A 623 -28.60 11.65 -37.76
CA ASN A 623 -27.98 11.65 -36.44
C ASN A 623 -28.40 10.45 -35.61
N PHE A 624 -29.68 10.05 -35.72
CA PHE A 624 -30.11 8.83 -35.03
C PHE A 624 -29.33 7.63 -35.51
N LEU A 625 -29.14 7.49 -36.82
CA LEU A 625 -28.38 6.38 -37.36
C LEU A 625 -26.92 6.46 -36.94
N ILE A 626 -26.37 7.68 -36.84
CA ILE A 626 -24.98 7.83 -36.42
C ILE A 626 -24.82 7.36 -34.98
N LEU A 627 -25.78 7.68 -34.11
CA LEU A 627 -25.69 7.22 -32.72
C LEU A 627 -25.85 5.70 -32.62
N TYR A 628 -26.85 5.15 -33.33
CA TYR A 628 -27.10 3.72 -33.28
C TYR A 628 -26.10 2.92 -34.11
N SER A 629 -25.17 3.59 -34.79
CA SER A 629 -23.99 2.93 -35.33
C SER A 629 -22.76 3.14 -34.46
N PHE A 630 -22.71 4.24 -33.71
CA PHE A 630 -21.69 4.43 -32.69
C PHE A 630 -21.79 3.35 -31.61
N ILE A 631 -23.00 2.93 -31.27
CA ILE A 631 -23.18 1.91 -30.24
C ILE A 631 -22.52 0.59 -30.64
N PRO A 632 -22.88 -0.03 -31.78
CA PRO A 632 -22.25 -1.32 -32.11
C PRO A 632 -20.78 -1.20 -32.43
N ALA A 633 -20.32 -0.04 -32.92
CA ALA A 633 -18.88 0.15 -33.10
C ALA A 633 -18.17 0.07 -31.75
N LEU A 634 -18.76 0.66 -30.71
CA LEU A 634 -18.20 0.53 -29.37
C LEU A 634 -18.25 -0.92 -28.89
N VAL A 635 -19.31 -1.65 -29.25
CA VAL A 635 -19.40 -3.06 -28.86
C VAL A 635 -18.26 -3.87 -29.49
N ILE A 636 -18.01 -3.64 -30.78
CA ILE A 636 -16.96 -4.40 -31.47
C ILE A 636 -15.58 -3.98 -30.97
N LEU A 637 -15.41 -2.69 -30.66
CA LEU A 637 -14.16 -2.24 -30.05
C LEU A 637 -13.95 -2.92 -28.71
N GLY A 638 -15.03 -3.12 -27.94
CA GLY A 638 -14.90 -3.85 -26.69
C GLY A 638 -14.53 -5.31 -26.91
N ILE A 639 -15.08 -5.93 -27.96
CA ILE A 639 -14.69 -7.30 -28.29
C ILE A 639 -13.19 -7.37 -28.56
N VAL A 640 -12.68 -6.48 -29.42
CA VAL A 640 -11.26 -6.51 -29.75
C VAL A 640 -10.41 -6.20 -28.53
N VAL A 641 -10.89 -5.29 -27.68
CA VAL A 641 -10.16 -4.91 -26.47
C VAL A 641 -10.08 -6.09 -25.50
N PHE A 642 -11.16 -6.88 -25.39
CA PHE A 642 -11.11 -8.05 -24.52
C PHE A 642 -10.25 -9.15 -25.12
N LYS A 643 -10.17 -9.24 -26.44
CA LYS A 643 -9.21 -10.16 -27.05
C LYS A 643 -7.78 -9.77 -26.69
N ILE A 644 -7.45 -8.48 -26.84
CA ILE A 644 -6.13 -8.00 -26.45
C ILE A 644 -5.90 -8.25 -24.97
N ARG A 645 -6.95 -8.11 -24.15
CA ARG A 645 -6.84 -8.35 -22.72
C ARG A 645 -6.48 -9.80 -22.43
N ASP A 646 -7.25 -10.73 -23.00
CA ASP A 646 -7.00 -12.15 -22.72
C ASP A 646 -5.64 -12.58 -23.25
N HIS A 647 -5.13 -11.90 -24.27
CA HIS A 647 -3.77 -12.21 -24.72
C HIS A 647 -2.69 -11.48 -23.94
N LEU A 648 -3.04 -10.44 -23.16
CA LEU A 648 -2.04 -9.65 -22.47
C LEU A 648 -1.89 -9.98 -20.99
N ILE A 649 -2.91 -10.54 -20.35
CA ILE A 649 -2.82 -10.90 -18.94
C ILE A 649 -1.79 -12.00 -18.75
N ARG B 26 21.76 -21.22 15.23
CA ARG B 26 22.89 -21.47 14.34
C ARG B 26 22.57 -21.05 12.92
N LEU B 27 21.32 -21.29 12.50
CA LEU B 27 20.90 -20.95 11.15
C LEU B 27 20.62 -19.47 10.96
N PHE B 28 20.40 -18.73 12.06
CA PHE B 28 20.13 -17.31 12.01
C PHE B 28 21.38 -16.52 12.33
N SER B 29 21.36 -15.23 11.95
CA SER B 29 22.52 -14.37 12.15
C SER B 29 22.74 -14.12 13.64
N SER B 30 23.98 -14.31 14.09
CA SER B 30 24.33 -14.04 15.48
C SER B 30 25.56 -13.14 15.59
N GLU B 31 26.08 -12.65 14.47
CA GLU B 31 27.20 -11.70 14.47
C GLU B 31 26.63 -10.28 14.54
N SER B 32 26.21 -9.93 15.75
CA SER B 32 25.53 -8.66 16.00
C SER B 32 26.14 -8.01 17.24
N ASP B 33 25.57 -6.89 17.65
CA ASP B 33 26.01 -6.15 18.82
C ASP B 33 24.94 -6.28 19.91
N ASN B 34 25.35 -6.80 21.07
CA ASN B 34 24.44 -7.00 22.20
C ASN B 34 24.43 -5.82 23.16
N SER B 35 24.74 -4.63 22.66
CA SER B 35 24.81 -3.44 23.51
C SER B 35 23.47 -2.72 23.55
N LEU B 36 23.13 -2.16 24.71
CA LEU B 36 21.92 -1.38 24.89
C LEU B 36 22.31 0.10 24.93
N TYR B 37 22.01 0.83 23.86
CA TYR B 37 22.42 2.21 23.73
C TYR B 37 21.40 3.20 24.29
N PHE B 38 20.11 2.82 24.31
CA PHE B 38 19.04 3.70 24.79
C PHE B 38 18.17 2.89 25.75
N THR B 39 18.49 2.95 27.04
CA THR B 39 17.74 2.26 28.08
C THR B 39 16.79 3.23 28.77
N TYR B 40 15.85 2.66 29.52
CA TYR B 40 14.87 3.44 30.25
C TYR B 40 15.41 3.78 31.64
N SER B 41 15.40 5.07 31.97
CA SER B 41 15.85 5.56 33.27
C SER B 41 14.65 5.99 34.09
N GLY B 42 14.42 5.31 35.20
CA GLY B 42 13.29 5.64 36.06
C GLY B 42 12.84 4.43 36.83
N GLN B 43 11.72 4.61 37.51
CA GLN B 43 11.14 3.53 38.31
C GLN B 43 10.63 2.42 37.39
N PRO B 44 10.70 1.17 37.81
CA PRO B 44 10.21 0.07 36.98
C PRO B 44 8.69 0.13 36.84
N ASN B 45 8.22 -0.13 35.62
CA ASN B 45 6.80 -0.07 35.29
C ASN B 45 6.16 -1.45 35.43
N THR B 46 4.95 -1.47 35.97
CA THR B 46 4.21 -2.71 36.18
C THR B 46 2.87 -2.64 35.48
N LEU B 47 2.37 -3.80 35.07
CA LEU B 47 1.05 -3.91 34.45
C LEU B 47 0.35 -5.13 35.03
N GLU B 48 -0.68 -4.88 35.85
CA GLU B 48 -1.39 -5.94 36.56
C GLU B 48 -2.85 -5.94 36.13
N VAL B 49 -3.29 -7.02 35.49
CA VAL B 49 -4.68 -7.23 35.13
C VAL B 49 -5.27 -8.25 36.08
N ARG B 50 -6.52 -8.03 36.50
CA ARG B 50 -7.15 -8.85 37.53
C ARG B 50 -8.58 -9.18 37.10
N ASP B 51 -8.82 -10.44 36.75
CA ASP B 51 -10.16 -10.95 36.43
C ASP B 51 -10.81 -10.14 35.31
N LEU B 52 -10.08 -9.97 34.20
CA LEU B 52 -10.58 -9.20 33.07
C LEU B 52 -11.68 -9.99 32.36
N ASN B 53 -12.87 -9.39 32.26
CA ASN B 53 -13.98 -9.96 31.54
C ASN B 53 -14.36 -9.02 30.41
N TYR B 54 -14.51 -9.58 29.20
CA TYR B 54 -14.77 -8.79 28.01
C TYR B 54 -15.79 -9.51 27.14
N GLN B 55 -16.87 -8.82 26.80
CA GLN B 55 -17.92 -9.35 25.97
C GLN B 55 -18.10 -8.48 24.74
N VAL B 56 -18.78 -9.04 23.74
CA VAL B 56 -19.06 -8.36 22.47
C VAL B 56 -17.77 -7.86 21.82
N GLY B 87 -16.30 -13.17 25.09
CA GLY B 87 -14.95 -13.13 24.56
C GLY B 87 -13.89 -13.50 25.58
N ILE B 88 -13.25 -12.49 26.15
CA ILE B 88 -12.20 -12.68 27.15
C ILE B 88 -12.86 -12.89 28.50
N GLN B 89 -12.47 -13.96 29.19
CA GLN B 89 -13.06 -14.33 30.47
C GLN B 89 -11.96 -14.57 31.49
N ASN B 90 -12.13 -13.99 32.68
CA ASN B 90 -11.25 -14.17 33.84
C ASN B 90 -9.77 -14.19 33.46
N LEU B 91 -9.36 -13.16 32.72
CA LEU B 91 -7.96 -12.98 32.37
C LEU B 91 -7.26 -12.26 33.52
N SER B 92 -6.13 -12.81 33.97
CA SER B 92 -5.41 -12.24 35.10
C SER B 92 -3.93 -12.57 34.95
N PHE B 93 -3.12 -11.54 34.71
CA PHE B 93 -1.67 -11.68 34.69
C PHE B 93 -1.05 -10.42 35.28
N LYS B 94 0.24 -10.50 35.60
CA LYS B 94 0.95 -9.37 36.19
C LYS B 94 2.37 -9.38 35.66
N VAL B 95 2.71 -8.39 34.83
CA VAL B 95 4.03 -8.29 34.22
C VAL B 95 4.75 -7.08 34.80
N ARG B 96 6.08 -7.14 34.78
CA ARG B 96 6.92 -6.12 35.38
C ARG B 96 8.00 -5.72 34.37
N SER B 97 8.57 -4.54 34.58
CA SER B 97 9.65 -4.05 33.72
C SER B 97 10.79 -5.05 33.67
N GLY B 98 11.40 -5.18 32.49
CA GLY B 98 12.45 -6.15 32.28
C GLY B 98 12.00 -7.48 31.73
N GLN B 99 10.68 -7.68 31.59
CA GLN B 99 10.12 -8.92 31.07
C GLN B 99 9.40 -8.66 29.75
N MET B 100 9.39 -9.67 28.89
CA MET B 100 8.72 -9.60 27.59
C MET B 100 7.60 -10.62 27.57
N LEU B 101 6.37 -10.15 27.37
CA LEU B 101 5.19 -11.01 27.35
C LEU B 101 4.64 -11.10 25.93
N ALA B 102 4.52 -12.33 25.43
CA ALA B 102 3.98 -12.59 24.11
C ALA B 102 2.64 -13.31 24.26
N ILE B 103 1.57 -12.71 23.74
CA ILE B 103 0.24 -13.27 23.83
C ILE B 103 -0.03 -14.07 22.57
N ILE B 104 -0.02 -15.39 22.69
CA ILE B 104 -0.25 -16.28 21.56
C ILE B 104 -1.63 -16.93 21.72
N GLY B 105 -2.17 -17.38 20.60
CA GLY B 105 -3.49 -17.96 20.56
C GLY B 105 -4.50 -17.05 19.89
N SER B 106 -5.77 -17.43 20.03
CA SER B 106 -6.88 -16.67 19.45
C SER B 106 -7.20 -15.49 20.36
N SER B 107 -6.38 -14.45 20.25
CA SER B 107 -6.52 -13.23 21.04
C SER B 107 -7.17 -12.15 20.19
N GLY B 108 -8.17 -11.48 20.76
CA GLY B 108 -8.89 -10.45 20.04
C GLY B 108 -10.28 -10.90 19.64
N CYS B 109 -11.30 -10.19 20.13
CA CYS B 109 -12.69 -10.56 19.89
C CYS B 109 -13.12 -10.19 18.46
N GLY B 110 -13.10 -8.90 18.17
CA GLY B 110 -13.57 -8.39 16.89
C GLY B 110 -12.65 -7.36 16.28
N ARG B 111 -13.18 -6.17 16.01
CA ARG B 111 -12.38 -5.09 15.44
C ARG B 111 -11.16 -4.77 16.29
N ALA B 112 -11.23 -4.99 17.60
CA ALA B 112 -10.13 -4.72 18.49
C ALA B 112 -9.39 -6.01 18.85
N SER B 113 -8.29 -5.85 19.59
CA SER B 113 -7.46 -6.95 20.03
C SER B 113 -7.33 -6.92 21.54
N LEU B 114 -6.55 -7.87 22.08
CA LEU B 114 -6.38 -7.96 23.52
C LEU B 114 -5.62 -6.76 24.07
N LEU B 115 -4.57 -6.32 23.38
CA LEU B 115 -3.83 -5.16 23.85
C LEU B 115 -4.64 -3.88 23.71
N ASP B 116 -5.56 -3.83 22.73
CA ASP B 116 -6.49 -2.72 22.64
C ASP B 116 -7.44 -2.72 23.84
N VAL B 117 -7.79 -3.91 24.33
CA VAL B 117 -8.59 -4.01 25.55
C VAL B 117 -7.78 -3.54 26.75
N ILE B 118 -6.49 -3.87 26.77
CA ILE B 118 -5.63 -3.48 27.89
C ILE B 118 -5.48 -1.97 27.95
N THR B 119 -5.26 -1.32 26.81
CA THR B 119 -5.10 0.12 26.80
C THR B 119 -6.41 0.84 27.08
N GLY B 120 -7.50 0.37 26.48
CA GLY B 120 -8.79 1.00 26.70
C GLY B 120 -9.53 1.33 25.42
N ARG B 121 -9.03 0.84 24.29
CA ARG B 121 -9.68 1.05 23.00
C ARG B 121 -10.75 -0.03 22.81
N GLY B 122 -11.44 0.01 21.68
CA GLY B 122 -12.49 -0.97 21.41
C GLY B 122 -13.86 -0.34 21.24
N LYS B 126 -18.03 -5.01 24.22
CA LYS B 126 -16.96 -4.02 24.16
C LYS B 126 -16.84 -3.27 25.48
N ILE B 127 -17.45 -3.83 26.53
CA ILE B 127 -17.42 -3.25 27.86
C ILE B 127 -16.60 -4.17 28.77
N LYS B 128 -15.88 -3.56 29.70
CA LYS B 128 -15.04 -4.30 30.63
C LYS B 128 -15.80 -4.59 31.92
N SER B 129 -15.40 -5.68 32.58
CA SER B 129 -16.03 -6.07 33.85
C SER B 129 -15.00 -6.48 34.89
N GLY B 130 -13.74 -6.12 34.68
CA GLY B 130 -12.68 -6.44 35.62
C GLY B 130 -11.96 -5.22 36.14
N GLN B 131 -10.63 -5.21 36.02
CA GLN B 131 -9.82 -4.08 36.48
C GLN B 131 -8.46 -4.16 35.83
N ILE B 132 -7.93 -3.01 35.46
CA ILE B 132 -6.61 -2.89 34.84
C ILE B 132 -5.81 -1.84 35.59
N TRP B 133 -4.58 -2.19 35.96
CA TRP B 133 -3.72 -1.32 36.75
C TRP B 133 -2.47 -0.97 35.95
N ILE B 134 -2.12 0.32 35.96
CA ILE B 134 -0.94 0.82 35.27
C ILE B 134 -0.05 1.50 36.29
N ASN B 135 1.12 0.91 36.56
CA ASN B 135 2.09 1.46 37.49
C ASN B 135 1.50 1.67 38.88
N GLY B 136 0.74 0.68 39.35
CA GLY B 136 0.12 0.75 40.66
C GLY B 136 -1.10 1.64 40.74
N GLN B 137 -1.58 2.17 39.63
CA GLN B 137 -2.74 3.03 39.59
C GLN B 137 -3.75 2.48 38.58
N PRO B 138 -5.04 2.74 38.79
CA PRO B 138 -6.05 2.27 37.84
C PRO B 138 -5.86 2.88 36.47
N SER B 139 -6.26 2.12 35.45
CA SER B 139 -6.07 2.57 34.07
C SER B 139 -7.00 3.73 33.74
N SER B 140 -6.46 4.71 33.01
CA SER B 140 -7.20 5.89 32.61
C SER B 140 -6.76 6.27 31.20
N PRO B 141 -7.62 6.95 30.44
CA PRO B 141 -7.21 7.37 29.09
C PRO B 141 -6.01 8.30 29.07
N GLN B 142 -5.76 9.03 30.15
CA GLN B 142 -4.59 9.88 30.21
C GLN B 142 -3.35 9.11 30.68
N LEU B 143 -3.51 8.25 31.68
CA LEU B 143 -2.38 7.48 32.19
C LEU B 143 -1.83 6.53 31.13
N VAL B 144 -2.70 5.98 30.29
CA VAL B 144 -2.24 5.06 29.25
C VAL B 144 -1.38 5.80 28.23
N ARG B 145 -1.88 6.91 27.71
CA ARG B 145 -1.09 7.69 26.75
C ARG B 145 0.12 8.36 27.39
N LYS B 146 0.14 8.46 28.72
CA LYS B 146 1.31 9.02 29.39
C LYS B 146 2.39 7.98 29.65
N CYS B 147 2.00 6.70 29.85
CA CYS B 147 2.95 5.67 30.24
C CYS B 147 3.10 4.52 29.25
N VAL B 148 2.18 4.38 28.29
CA VAL B 148 2.17 3.23 27.38
C VAL B 148 2.29 3.72 25.95
N ALA B 149 3.21 3.11 25.19
CA ALA B 149 3.35 3.35 23.77
C ALA B 149 2.81 2.14 23.01
N HIS B 150 2.26 2.40 21.82
CA HIS B 150 1.56 1.37 21.05
C HIS B 150 2.11 1.37 19.63
N VAL B 151 2.47 0.18 19.14
CA VAL B 151 2.99 -0.01 17.79
C VAL B 151 2.03 -0.94 17.06
N ARG B 152 1.17 -0.36 16.22
CA ARG B 152 0.19 -1.15 15.48
C ARG B 152 0.88 -1.95 14.36
N GLN B 153 0.12 -2.87 13.78
CA GLN B 153 0.63 -3.74 12.72
C GLN B 153 0.69 -3.06 11.36
N HIS B 154 0.18 -1.84 11.24
CA HIS B 154 0.16 -1.11 9.97
C HIS B 154 0.94 0.18 10.15
N ASN B 155 2.07 0.29 9.45
CA ASN B 155 2.90 1.47 9.57
C ASN B 155 2.26 2.66 8.85
N GLN B 156 2.27 3.82 9.50
CA GLN B 156 1.76 5.06 8.95
C GLN B 156 2.90 6.08 8.98
N LEU B 157 3.72 6.07 7.93
CA LEU B 157 4.89 6.92 7.85
C LEU B 157 4.91 7.62 6.50
N LEU B 158 5.40 8.86 6.49
CA LEU B 158 5.47 9.61 5.26
C LEU B 158 6.56 9.05 4.36
N PRO B 159 6.27 8.76 3.09
CA PRO B 159 7.26 8.06 2.25
C PRO B 159 8.43 8.93 1.79
N ASN B 160 8.25 10.24 1.64
CA ASN B 160 9.27 11.11 1.10
C ASN B 160 10.29 11.57 2.13
N LEU B 161 10.08 11.24 3.40
CA LEU B 161 11.00 11.61 4.46
C LEU B 161 11.96 10.47 4.77
N THR B 162 13.13 10.83 5.30
CA THR B 162 14.12 9.85 5.71
C THR B 162 13.89 9.44 7.16
N VAL B 163 14.70 8.49 7.62
CA VAL B 163 14.58 8.02 9.01
C VAL B 163 14.98 9.13 9.98
N ARG B 164 16.11 9.79 9.70
CA ARG B 164 16.58 10.86 10.59
C ARG B 164 15.58 12.02 10.63
N GLU B 165 15.03 12.39 9.47
CA GLU B 165 14.07 13.50 9.44
C GLU B 165 12.79 13.15 10.18
N THR B 166 12.27 11.93 9.96
CA THR B 166 11.06 11.51 10.64
C THR B 166 11.27 11.47 12.15
N LEU B 167 12.40 10.91 12.60
CA LEU B 167 12.67 10.86 14.02
C LEU B 167 12.86 12.25 14.61
N ALA B 168 13.50 13.16 13.87
CA ALA B 168 13.66 14.52 14.36
C ALA B 168 12.33 15.22 14.48
N PHE B 169 11.43 15.04 13.52
CA PHE B 169 10.11 15.64 13.60
C PHE B 169 9.32 15.07 14.78
N ILE B 170 9.35 13.75 14.96
CA ILE B 170 8.59 13.14 16.04
C ILE B 170 9.16 13.56 17.39
N ALA B 171 10.48 13.74 17.49
CA ALA B 171 11.07 14.18 18.74
C ALA B 171 10.77 15.66 19.00
N GLN B 172 10.74 16.49 17.97
CA GLN B 172 10.40 17.90 18.15
C GLN B 172 8.92 18.06 18.52
N MET B 173 8.06 17.14 18.08
CA MET B 173 6.65 17.19 18.44
C MET B 173 6.33 16.41 19.71
N ARG B 174 7.27 15.62 20.24
CA ARG B 174 7.03 14.80 21.41
C ARG B 174 7.78 15.29 22.65
N LEU B 175 9.06 15.65 22.52
CA LEU B 175 9.88 16.03 23.65
C LEU B 175 9.45 17.40 24.19
N PRO B 176 9.65 17.64 25.49
CA PRO B 176 9.21 18.92 26.07
C PRO B 176 9.96 20.10 25.48
N ARG B 177 9.36 21.29 25.62
CA ARG B 177 9.93 22.50 25.06
C ARG B 177 11.22 22.94 25.77
N THR B 178 11.46 22.46 27.00
CA THR B 178 12.68 22.82 27.71
C THR B 178 13.91 22.07 27.21
N PHE B 179 13.72 21.05 26.39
CA PHE B 179 14.86 20.30 25.84
C PHE B 179 15.58 21.14 24.80
N SER B 180 16.92 21.09 24.84
CA SER B 180 17.71 21.80 23.85
C SER B 180 17.74 21.02 22.53
N GLN B 181 18.17 21.72 21.48
CA GLN B 181 18.30 21.07 20.17
C GLN B 181 19.35 19.97 20.20
N ALA B 182 20.45 20.19 20.93
CA ALA B 182 21.45 19.13 21.09
C ALA B 182 20.86 17.94 21.82
N GLN B 183 19.99 18.18 22.79
CA GLN B 183 19.35 17.07 23.50
C GLN B 183 18.43 16.28 22.58
N ARG B 184 17.67 16.97 21.73
CA ARG B 184 16.82 16.27 20.77
C ARG B 184 17.65 15.48 19.77
N ASP B 185 18.75 16.06 19.30
CA ASP B 185 19.62 15.34 18.37
C ASP B 185 20.23 14.11 19.03
N LYS B 186 20.64 14.23 20.30
CA LYS B 186 21.19 13.09 21.02
C LYS B 186 20.14 12.00 21.23
N ARG B 187 18.90 12.40 21.53
CA ARG B 187 17.84 11.41 21.67
C ARG B 187 17.58 10.69 20.35
N VAL B 188 17.55 11.43 19.24
CA VAL B 188 17.36 10.80 17.94
C VAL B 188 18.50 9.85 17.61
N GLU B 189 19.73 10.26 17.92
CA GLU B 189 20.88 9.39 17.66
C GLU B 189 20.85 8.14 18.51
N ASP B 190 20.43 8.26 19.77
CA ASP B 190 20.32 7.08 20.63
C ASP B 190 19.22 6.15 20.13
N VAL B 191 18.10 6.70 19.67
CA VAL B 191 17.03 5.87 19.13
C VAL B 191 17.49 5.16 17.86
N ILE B 192 18.29 5.85 17.04
CA ILE B 192 18.80 5.22 15.82
C ILE B 192 19.80 4.12 16.16
N ALA B 193 20.69 4.36 17.12
CA ALA B 193 21.73 3.39 17.43
C ALA B 193 21.16 2.17 18.15
N GLU B 194 20.14 2.36 18.99
CA GLU B 194 19.58 1.24 19.74
C GLU B 194 18.88 0.24 18.82
N LEU B 195 18.20 0.72 17.78
CA LEU B 195 17.48 -0.15 16.85
C LEU B 195 18.31 -0.53 15.63
N ARG B 196 19.60 -0.21 15.63
CA ARG B 196 20.53 -0.57 14.54
C ARG B 196 20.05 0.00 13.21
N LEU B 197 19.72 1.29 13.21
CA LEU B 197 19.29 1.99 12.01
C LEU B 197 20.31 3.01 11.54
N ARG B 198 21.57 2.86 11.95
CA ARG B 198 22.61 3.82 11.57
C ARG B 198 23.00 3.70 10.10
N GLN B 199 22.77 2.54 9.49
CA GLN B 199 23.04 2.36 8.07
C GLN B 199 21.85 2.75 7.20
N CYS B 200 20.76 3.23 7.79
CA CYS B 200 19.56 3.60 7.05
C CYS B 200 19.03 4.97 7.43
N ALA B 201 19.76 5.77 8.21
CA ALA B 201 19.25 7.04 8.70
C ALA B 201 19.14 8.08 7.59
N ASP B 202 19.83 7.89 6.46
CA ASP B 202 19.84 8.88 5.39
C ASP B 202 19.04 8.45 4.17
N THR B 203 18.28 7.36 4.26
CA THR B 203 17.43 6.90 3.16
C THR B 203 15.96 7.10 3.52
N ARG B 204 15.15 7.34 2.50
CA ARG B 204 13.74 7.63 2.71
C ARG B 204 12.98 6.40 3.17
N VAL B 205 11.82 6.63 3.78
CA VAL B 205 10.99 5.56 4.33
C VAL B 205 9.89 5.15 3.36
N GLY B 206 10.05 5.44 2.06
CA GLY B 206 9.07 5.10 1.05
C GLY B 206 8.55 3.68 1.10
N ASN B 207 7.24 3.52 1.01
CA ASN B 207 6.62 2.20 1.01
C ASN B 207 6.79 1.51 -0.33
N VAL B 210 7.61 3.46 -4.59
CA VAL B 210 8.83 4.11 -4.12
C VAL B 210 9.77 3.08 -3.50
N ARG B 211 11.07 3.30 -3.68
CA ARG B 211 12.08 2.37 -3.19
C ARG B 211 12.05 2.28 -1.67
N GLY B 212 12.36 3.38 -0.99
CA GLY B 212 12.31 3.46 0.46
C GLY B 212 13.18 2.43 1.14
N LEU B 213 12.72 1.97 2.30
CA LEU B 213 13.43 1.00 3.12
C LEU B 213 12.85 -0.40 2.93
N SER B 214 13.33 -1.33 3.74
CA SER B 214 12.79 -2.68 3.78
C SER B 214 11.63 -2.75 4.76
N GLY B 215 11.00 -3.92 4.86
CA GLY B 215 9.90 -4.09 5.79
C GLY B 215 10.34 -4.07 7.23
N GLY B 216 11.40 -4.83 7.56
CA GLY B 216 11.93 -4.81 8.91
C GLY B 216 12.47 -3.45 9.30
N GLU B 217 13.10 -2.75 8.34
CA GLU B 217 13.58 -1.40 8.59
C GLU B 217 12.43 -0.44 8.86
N ARG B 218 11.31 -0.60 8.13
CA ARG B 218 10.15 0.23 8.38
C ARG B 218 9.54 -0.06 9.75
N ARG B 219 9.49 -1.34 10.14
CA ARG B 219 9.00 -1.67 11.47
C ARG B 219 9.90 -1.09 12.55
N ARG B 220 11.22 -1.12 12.33
CA ARG B 220 12.14 -0.52 13.29
C ARG B 220 11.96 1.00 13.35
N VAL B 221 11.67 1.63 12.21
CA VAL B 221 11.42 3.06 12.20
C VAL B 221 10.15 3.38 12.98
N SER B 222 9.12 2.56 12.84
CA SER B 222 7.90 2.77 13.60
C SER B 222 8.15 2.59 15.10
N ILE B 223 8.93 1.57 15.46
CA ILE B 223 9.28 1.34 16.86
C ILE B 223 10.05 2.53 17.41
N GLY B 224 10.94 3.11 16.61
CA GLY B 224 11.69 4.28 17.06
C GLY B 224 10.82 5.51 17.20
N VAL B 225 9.85 5.69 16.29
CA VAL B 225 8.90 6.78 16.42
C VAL B 225 8.09 6.64 17.70
N GLN B 226 7.70 5.42 18.03
CA GLN B 226 6.96 5.18 19.27
C GLN B 226 7.86 5.11 20.49
N LEU B 227 9.18 5.13 20.31
CA LEU B 227 10.13 5.01 21.41
C LEU B 227 10.93 6.27 21.66
N LEU B 228 10.68 7.35 20.90
CA LEU B 228 11.51 8.54 21.03
C LEU B 228 11.33 9.22 22.38
N TRP B 229 10.10 9.24 22.90
CA TRP B 229 9.80 9.88 24.17
C TRP B 229 10.13 8.99 25.37
N ASN B 230 10.88 7.90 25.16
CA ASN B 230 11.34 7.00 26.21
C ASN B 230 10.18 6.46 27.04
N PRO B 231 9.34 5.59 26.46
CA PRO B 231 8.23 5.02 27.23
C PRO B 231 8.69 3.91 28.16
N GLY B 232 8.00 3.79 29.28
CA GLY B 232 8.30 2.74 30.24
C GLY B 232 7.57 1.45 29.92
N ILE B 233 6.50 1.55 29.14
CA ILE B 233 5.71 0.40 28.72
C ILE B 233 5.52 0.48 27.21
N LEU B 234 5.89 -0.58 26.50
CA LEU B 234 5.73 -0.66 25.05
C LEU B 234 4.87 -1.87 24.73
N ILE B 235 3.94 -1.71 23.80
CA ILE B 235 3.11 -2.81 23.32
C ILE B 235 3.15 -2.82 21.80
N LEU B 236 3.17 -4.01 21.22
CA LEU B 236 3.23 -4.19 19.78
C LEU B 236 2.16 -5.16 19.34
N ASP B 237 1.43 -4.80 18.28
CA ASP B 237 0.43 -5.68 17.68
C ASP B 237 0.99 -6.25 16.39
N GLU B 238 1.27 -7.55 16.39
CA GLU B 238 1.80 -8.30 15.25
C GLU B 238 3.02 -7.59 14.65
N PRO B 239 4.16 -7.58 15.35
CA PRO B 239 5.34 -6.90 14.81
C PRO B 239 5.97 -7.65 13.64
N THR B 240 5.88 -8.97 13.61
CA THR B 240 6.48 -9.78 12.56
C THR B 240 5.48 -10.11 11.45
N SER B 241 4.45 -9.28 11.27
CA SER B 241 3.46 -9.51 10.23
C SER B 241 4.01 -9.09 8.87
N GLY B 242 4.10 -10.03 7.95
CA GLY B 242 4.60 -9.75 6.62
C GLY B 242 6.11 -9.65 6.50
N LEU B 243 6.85 -10.16 7.46
CA LEU B 243 8.31 -10.09 7.46
C LEU B 243 8.90 -11.47 7.19
N ASP B 244 10.10 -11.47 6.61
CA ASP B 244 10.80 -12.72 6.36
C ASP B 244 11.19 -13.38 7.68
N SER B 245 11.40 -14.70 7.63
CA SER B 245 11.72 -15.46 8.84
C SER B 245 12.94 -14.89 9.55
N PHE B 246 14.02 -14.63 8.81
CA PHE B 246 15.22 -14.06 9.43
C PHE B 246 14.98 -12.64 9.90
N THR B 247 14.24 -11.85 9.12
CA THR B 247 13.90 -10.49 9.54
C THR B 247 13.03 -10.50 10.78
N ALA B 248 12.06 -11.43 10.83
CA ALA B 248 11.23 -11.56 12.03
C ALA B 248 12.05 -11.98 13.23
N HIS B 249 13.00 -12.90 13.04
CA HIS B 249 13.86 -13.31 14.15
C HIS B 249 14.70 -12.14 14.65
N ASN B 250 15.25 -11.34 13.74
CA ASN B 250 16.03 -10.18 14.14
C ASN B 250 15.18 -9.15 14.86
N LEU B 251 13.95 -8.94 14.40
CA LEU B 251 13.06 -7.99 15.06
C LEU B 251 12.68 -8.47 16.46
N VAL B 252 12.43 -9.76 16.62
CA VAL B 252 12.12 -10.30 17.94
C VAL B 252 13.33 -10.21 18.85
N LYS B 253 14.53 -10.42 18.32
CA LYS B 253 15.73 -10.25 19.13
C LYS B 253 15.91 -8.80 19.55
N THR B 254 15.60 -7.85 18.66
CA THR B 254 15.69 -6.43 19.00
C THR B 254 14.67 -6.08 20.07
N LEU B 255 13.46 -6.64 19.97
CA LEU B 255 12.45 -6.38 21.01
C LEU B 255 12.86 -6.98 22.34
N SER B 256 13.47 -8.17 22.33
CA SER B 256 13.97 -8.76 23.56
C SER B 256 15.10 -7.94 24.15
N ARG B 257 15.94 -7.35 23.30
CA ARG B 257 16.99 -6.47 23.79
C ARG B 257 16.41 -5.21 24.40
N LEU B 258 15.37 -4.65 23.78
CA LEU B 258 14.68 -3.50 24.37
C LEU B 258 14.07 -3.87 25.72
N ALA B 259 13.51 -5.07 25.83
CA ALA B 259 12.94 -5.51 27.11
C ALA B 259 14.03 -5.77 28.14
N LYS B 260 15.26 -6.06 27.69
CA LYS B 260 16.37 -6.33 28.58
C LYS B 260 16.74 -5.14 29.45
N GLY B 261 16.30 -3.94 29.08
CA GLY B 261 16.56 -2.76 29.90
C GLY B 261 15.56 -2.63 31.03
N ASN B 262 15.04 -1.43 31.24
CA ASN B 262 14.04 -1.18 32.28
C ASN B 262 12.67 -0.91 31.67
N ARG B 263 12.37 -1.59 30.56
CA ARG B 263 11.10 -1.43 29.87
C ARG B 263 10.27 -2.70 29.96
N LEU B 264 8.95 -2.53 29.87
CA LEU B 264 8.00 -3.64 29.89
C LEU B 264 7.41 -3.77 28.49
N VAL B 265 7.78 -4.83 27.79
CA VAL B 265 7.39 -5.04 26.40
C VAL B 265 6.32 -6.12 26.33
N LEU B 266 5.21 -5.81 25.69
CA LEU B 266 4.13 -6.75 25.42
C LEU B 266 3.99 -6.92 23.92
N ILE B 267 3.80 -8.15 23.48
CA ILE B 267 3.73 -8.48 22.05
C ILE B 267 2.50 -9.33 21.80
N SER B 268 1.78 -9.03 20.72
CA SER B 268 0.62 -9.82 20.29
C SER B 268 0.99 -10.53 19.00
N LEU B 269 1.20 -11.85 19.08
CA LEU B 269 1.59 -12.65 17.93
C LEU B 269 0.64 -13.83 17.80
N HIS B 270 0.25 -14.14 16.57
CA HIS B 270 -0.70 -15.23 16.33
C HIS B 270 0.03 -16.58 16.24
N GLN B 271 0.96 -16.70 15.29
CA GLN B 271 1.63 -17.97 15.05
C GLN B 271 3.14 -17.79 15.05
N PRO B 272 3.84 -18.18 16.11
CA PRO B 272 5.31 -18.25 16.05
C PRO B 272 5.77 -19.52 15.35
N ARG B 273 6.60 -19.39 14.31
CA ARG B 273 6.96 -20.53 13.46
C ARG B 273 8.17 -21.27 14.03
N SER B 274 8.06 -21.59 15.32
CA SER B 274 9.01 -22.45 16.03
C SER B 274 10.42 -21.88 16.11
N ASP B 275 10.59 -20.59 15.82
CA ASP B 275 11.85 -19.93 16.11
C ASP B 275 11.58 -18.69 16.96
N ILE B 276 10.44 -18.04 16.71
CA ILE B 276 10.03 -16.91 17.53
C ILE B 276 9.61 -17.39 18.91
N PHE B 277 9.07 -18.61 19.00
CA PHE B 277 8.65 -19.15 20.29
C PHE B 277 9.85 -19.40 21.20
N ARG B 278 11.00 -19.75 20.62
CA ARG B 278 12.19 -20.02 21.42
C ARG B 278 12.78 -18.76 22.04
N LEU B 279 12.41 -17.58 21.52
CA LEU B 279 12.92 -16.31 22.04
C LEU B 279 11.99 -15.67 23.05
N PHE B 280 10.83 -16.27 23.31
CA PHE B 280 9.88 -15.67 24.24
C PHE B 280 10.36 -15.84 25.69
N ASP B 281 10.27 -14.76 26.46
CA ASP B 281 10.59 -14.82 27.88
C ASP B 281 9.37 -15.30 28.67
N LEU B 282 8.25 -14.58 28.54
CA LEU B 282 6.98 -14.97 29.13
C LEU B 282 5.94 -15.07 28.02
N VAL B 283 5.09 -16.09 28.12
CA VAL B 283 4.08 -16.35 27.11
C VAL B 283 2.72 -16.49 27.78
N LEU B 284 1.68 -16.05 27.06
CA LEU B 284 0.29 -16.12 27.52
C LEU B 284 -0.52 -16.82 26.44
N LEU B 285 -0.95 -18.04 26.72
CA LEU B 285 -1.73 -18.83 25.78
C LEU B 285 -3.22 -18.57 25.97
N MET B 286 -3.89 -18.15 24.90
CA MET B 286 -5.31 -17.82 24.94
C MET B 286 -6.06 -18.70 23.96
N THR B 287 -7.17 -19.27 24.41
CA THR B 287 -8.03 -20.11 23.58
C THR B 287 -9.46 -19.60 23.71
N SER B 288 -10.01 -19.08 22.61
CA SER B 288 -11.39 -18.61 22.56
C SER B 288 -11.67 -17.57 23.64
N GLY B 289 -10.63 -16.81 24.01
CA GLY B 289 -10.75 -15.77 24.98
C GLY B 289 -10.30 -16.12 26.39
N THR B 290 -10.09 -17.41 26.69
CA THR B 290 -9.70 -17.68 28.07
C THR B 290 -8.25 -18.15 28.13
N PRO B 291 -7.50 -17.75 29.16
CA PRO B 291 -6.10 -18.16 29.26
C PRO B 291 -5.97 -19.61 29.74
N ILE B 292 -4.96 -20.29 29.20
CA ILE B 292 -4.66 -21.66 29.57
C ILE B 292 -3.33 -21.77 30.31
N TYR B 293 -2.31 -21.07 29.83
CA TYR B 293 -0.98 -21.11 30.44
C TYR B 293 -0.41 -19.70 30.53
N LEU B 294 0.30 -19.43 31.61
CA LEU B 294 0.94 -18.14 31.81
C LEU B 294 2.26 -18.36 32.53
N GLY B 295 3.36 -18.07 31.85
CA GLY B 295 4.67 -18.26 32.43
C GLY B 295 5.73 -18.32 31.34
N ALA B 296 6.87 -18.90 31.71
CA ALA B 296 7.98 -19.03 30.78
C ALA B 296 7.63 -19.97 29.65
N ALA B 297 8.17 -19.69 28.46
CA ALA B 297 7.88 -20.52 27.29
C ALA B 297 8.63 -21.85 27.36
N GLN B 298 9.90 -21.82 27.76
CA GLN B 298 10.73 -23.02 27.80
C GLN B 298 10.17 -24.10 28.73
N HIS B 299 9.25 -23.75 29.63
CA HIS B 299 8.62 -24.72 30.51
C HIS B 299 7.19 -25.06 30.11
N MET B 300 6.62 -24.35 29.14
CA MET B 300 5.22 -24.55 28.75
C MET B 300 4.93 -26.02 28.47
N VAL B 301 5.72 -26.63 27.58
CA VAL B 301 5.54 -28.05 27.26
C VAL B 301 5.53 -28.88 28.54
N GLN B 302 6.52 -28.62 29.42
CA GLN B 302 6.57 -29.35 30.69
C GLN B 302 5.29 -29.17 31.49
N TYR B 303 4.78 -27.92 31.54
CA TYR B 303 3.54 -27.68 32.28
C TYR B 303 2.40 -28.52 31.73
N PHE B 304 2.43 -28.83 30.43
CA PHE B 304 1.39 -29.66 29.84
C PHE B 304 1.69 -31.14 29.95
N THR B 305 2.96 -31.52 30.18
CA THR B 305 3.29 -32.92 30.32
C THR B 305 2.93 -33.43 31.72
N ALA B 306 3.02 -32.56 32.72
CA ALA B 306 2.69 -32.95 34.09
C ALA B 306 1.19 -33.07 34.33
N ILE B 307 0.36 -32.58 33.40
CA ILE B 307 -1.09 -32.63 33.57
C ILE B 307 -1.75 -33.66 32.66
N GLY B 308 -1.04 -34.19 31.66
CA GLY B 308 -1.61 -35.21 30.80
C GLY B 308 -1.81 -34.77 29.36
N TYR B 309 -0.97 -33.86 28.89
CA TYR B 309 -1.02 -33.38 27.50
C TYR B 309 0.40 -33.24 26.98
N PRO B 310 1.04 -34.35 26.62
CA PRO B 310 2.42 -34.29 26.13
C PRO B 310 2.48 -33.76 24.71
N CYS B 311 3.51 -32.98 24.43
CA CYS B 311 3.72 -32.44 23.09
C CYS B 311 4.44 -33.47 22.22
N PRO B 312 3.91 -33.82 21.06
CA PRO B 312 4.56 -34.84 20.23
C PRO B 312 5.86 -34.32 19.63
N ARG B 313 6.75 -35.26 19.32
CA ARG B 313 8.02 -34.92 18.69
C ARG B 313 7.78 -34.33 17.31
N TYR B 314 8.63 -33.38 16.94
CA TYR B 314 8.57 -32.70 15.64
C TYR B 314 7.24 -31.95 15.49
N SER B 315 6.86 -31.21 16.52
CA SER B 315 5.63 -30.44 16.53
C SER B 315 5.83 -29.17 17.33
N ASN B 316 5.54 -28.04 16.72
CA ASN B 316 5.68 -26.75 17.38
C ASN B 316 4.78 -26.68 18.61
N PRO B 317 5.30 -26.30 19.77
CA PRO B 317 4.44 -26.25 20.98
C PRO B 317 3.28 -25.29 20.85
N ALA B 318 3.52 -24.11 20.28
CA ALA B 318 2.45 -23.13 20.14
C ALA B 318 1.32 -23.66 19.27
N ASP B 319 1.66 -24.20 18.10
CA ASP B 319 0.64 -24.72 17.19
C ASP B 319 -0.16 -25.85 17.84
N PHE B 320 0.52 -26.74 18.54
CA PHE B 320 -0.16 -27.88 19.16
C PHE B 320 -1.07 -27.43 20.30
N TYR B 321 -0.60 -26.52 21.15
CA TYR B 321 -1.42 -26.08 22.26
C TYR B 321 -2.46 -25.05 21.87
N VAL B 322 -2.42 -24.53 20.64
CA VAL B 322 -3.55 -23.75 20.14
C VAL B 322 -4.58 -24.65 19.47
N ASP B 323 -4.12 -25.65 18.71
CA ASP B 323 -5.08 -26.56 18.08
C ASP B 323 -5.74 -27.48 19.10
N LEU B 324 -5.13 -27.65 20.27
CA LEU B 324 -5.76 -28.40 21.34
C LEU B 324 -6.99 -27.68 21.90
N THR B 325 -6.95 -26.35 21.98
CA THR B 325 -8.03 -25.54 22.53
C THR B 325 -8.54 -26.07 23.87
N MET B 392 3.97 22.30 26.55
CA MET B 392 5.11 21.54 26.06
C MET B 392 4.71 20.59 24.93
N PRO B 393 5.18 20.88 23.71
CA PRO B 393 6.04 22.02 23.38
C PRO B 393 5.25 23.31 23.14
N GLY B 394 4.01 23.18 22.68
CA GLY B 394 3.19 24.34 22.41
C GLY B 394 2.41 24.22 21.12
N ALA B 395 1.35 25.02 20.97
CA ALA B 395 0.53 24.95 19.77
C ALA B 395 1.27 25.55 18.57
N VAL B 396 2.00 26.64 18.78
CA VAL B 396 2.71 27.27 17.68
C VAL B 396 3.85 26.37 17.19
N GLN B 397 4.59 25.77 18.12
CA GLN B 397 5.65 24.85 17.73
C GLN B 397 5.09 23.62 17.03
N GLN B 398 3.96 23.11 17.50
CA GLN B 398 3.31 21.99 16.85
C GLN B 398 2.91 22.35 15.42
N PHE B 399 2.32 23.53 15.24
CA PHE B 399 1.92 23.96 13.91
C PHE B 399 3.13 24.11 12.99
N THR B 400 4.21 24.69 13.51
CA THR B 400 5.42 24.87 12.70
C THR B 400 6.00 23.52 12.29
N THR B 401 6.12 22.59 13.23
CA THR B 401 6.66 21.27 12.91
C THR B 401 5.76 20.54 11.91
N LEU B 402 4.44 20.64 12.09
CA LEU B 402 3.51 19.96 11.20
C LEU B 402 3.60 20.52 9.78
N ILE B 403 3.62 21.85 9.64
CA ILE B 403 3.68 22.43 8.30
C ILE B 403 5.03 22.14 7.65
N ARG B 404 6.12 22.13 8.44
CA ARG B 404 7.42 21.81 7.88
C ARG B 404 7.48 20.37 7.39
N ARG B 405 6.95 19.44 8.20
CA ARG B 405 6.92 18.04 7.79
C ARG B 405 6.05 17.84 6.56
N GLN B 406 4.89 18.48 6.51
CA GLN B 406 4.00 18.35 5.36
C GLN B 406 4.64 18.89 4.10
N ILE B 407 5.31 20.05 4.21
CA ILE B 407 5.98 20.63 3.04
C ILE B 407 7.12 19.73 2.59
N SER B 408 7.92 19.22 3.52
CA SER B 408 9.06 18.37 3.14
C SER B 408 8.58 17.07 2.52
N ASN B 409 7.41 16.58 2.94
CA ASN B 409 6.89 15.34 2.36
C ASN B 409 6.24 15.58 1.00
N ASP B 410 5.58 16.73 0.82
CA ASP B 410 4.83 16.96 -0.41
C ASP B 410 5.70 17.50 -1.54
N PHE B 411 6.71 18.31 -1.23
CA PHE B 411 7.56 18.87 -2.27
C PHE B 411 8.54 17.86 -2.85
N ARG B 412 8.63 16.66 -2.28
CA ARG B 412 9.47 15.60 -2.83
C ARG B 412 8.68 14.58 -3.63
N ASP B 413 7.36 14.68 -3.65
CA ASP B 413 6.51 13.78 -4.43
C ASP B 413 6.37 14.34 -5.84
N LEU B 414 7.39 14.07 -6.65
CA LEU B 414 7.44 14.54 -8.04
C LEU B 414 6.30 13.99 -8.90
N PRO B 415 5.95 12.69 -8.81
CA PRO B 415 4.83 12.20 -9.62
C PRO B 415 3.52 12.91 -9.36
N THR B 416 3.16 13.13 -8.10
CA THR B 416 1.89 13.78 -7.80
C THR B 416 1.87 15.23 -8.27
N LEU B 417 2.96 15.96 -8.04
CA LEU B 417 3.04 17.34 -8.52
C LEU B 417 2.97 17.41 -10.03
N LEU B 418 3.66 16.50 -10.72
CA LEU B 418 3.62 16.48 -12.18
C LEU B 418 2.22 16.13 -12.68
N ILE B 419 1.52 15.24 -11.98
CA ILE B 419 0.16 14.87 -12.39
C ILE B 419 -0.78 16.06 -12.22
N HIS B 420 -0.67 16.76 -11.09
CA HIS B 420 -1.52 17.94 -10.88
C HIS B 420 -1.22 19.03 -11.90
N GLY B 421 0.06 19.27 -12.17
CA GLY B 421 0.41 20.26 -13.18
C GLY B 421 -0.06 19.88 -14.56
N ALA B 422 0.01 18.59 -14.91
CA ALA B 422 -0.49 18.13 -16.20
C ALA B 422 -1.99 18.31 -16.29
N GLU B 423 -2.72 17.99 -15.22
CA GLU B 423 -4.17 18.23 -15.21
C GLU B 423 -4.49 19.70 -15.43
N ALA B 424 -3.83 20.58 -14.67
CA ALA B 424 -4.10 22.01 -14.78
C ALA B 424 -3.78 22.53 -16.18
N CYS B 425 -2.61 22.16 -16.70
CA CYS B 425 -2.21 22.63 -18.02
C CYS B 425 -3.14 22.09 -19.10
N LEU B 426 -3.54 20.83 -19.01
CA LEU B 426 -4.43 20.25 -20.01
C LEU B 426 -5.78 20.96 -20.01
N MET B 427 -6.38 21.14 -18.83
CA MET B 427 -7.69 21.81 -18.79
C MET B 427 -7.57 23.26 -19.25
N SER B 428 -6.52 23.96 -18.83
CA SER B 428 -6.36 25.36 -19.22
C SER B 428 -6.19 25.48 -20.74
N MET B 429 -5.37 24.62 -21.34
CA MET B 429 -5.16 24.68 -22.77
C MET B 429 -6.44 24.31 -23.52
N THR B 430 -7.17 23.31 -23.05
CA THR B 430 -8.42 22.93 -23.70
C THR B 430 -9.41 24.09 -23.67
N ILE B 431 -9.57 24.73 -22.51
CA ILE B 431 -10.52 25.83 -22.41
C ILE B 431 -10.07 27.03 -23.24
N GLY B 432 -8.76 27.30 -23.25
CA GLY B 432 -8.26 28.44 -24.01
C GLY B 432 -8.34 28.27 -25.51
N PHE B 433 -8.08 27.07 -26.01
CA PHE B 433 -8.16 26.82 -27.45
C PHE B 433 -9.58 26.55 -27.92
N LEU B 434 -10.47 26.09 -27.04
CA LEU B 434 -11.88 25.97 -27.40
C LEU B 434 -12.51 27.34 -27.57
N TYR B 435 -12.17 28.28 -26.69
CA TYR B 435 -12.66 29.65 -26.74
C TYR B 435 -11.59 30.62 -27.23
N PHE B 436 -10.79 30.19 -28.21
CA PHE B 436 -9.71 31.01 -28.75
C PHE B 436 -10.26 32.32 -29.29
N GLY B 437 -9.88 33.43 -28.65
CA GLY B 437 -10.38 34.74 -29.00
C GLY B 437 -9.65 35.45 -30.12
N HIS B 438 -8.43 35.03 -30.43
CA HIS B 438 -7.69 35.62 -31.53
C HIS B 438 -8.10 34.98 -32.86
N GLY B 439 -7.67 35.60 -33.94
CA GLY B 439 -7.99 35.09 -35.26
C GLY B 439 -8.94 35.97 -36.05
N SER B 440 -9.81 35.35 -36.85
CA SER B 440 -10.72 36.11 -37.69
C SER B 440 -11.91 36.64 -36.89
N ILE B 441 -12.70 35.73 -36.31
CA ILE B 441 -13.92 36.08 -35.60
C ILE B 441 -13.61 36.17 -34.10
N GLN B 442 -14.19 37.18 -33.45
CA GLN B 442 -14.00 37.35 -32.02
C GLN B 442 -15.06 36.58 -31.24
N LEU B 443 -14.83 36.44 -29.94
CA LEU B 443 -15.75 35.72 -29.07
C LEU B 443 -17.06 36.49 -28.91
N SER B 444 -18.18 35.78 -29.03
CA SER B 444 -19.48 36.41 -28.84
C SER B 444 -19.76 36.62 -27.35
N PHE B 445 -20.87 37.31 -27.07
CA PHE B 445 -21.25 37.56 -25.67
C PHE B 445 -21.66 36.26 -24.98
N MET B 446 -22.52 35.48 -25.62
CA MET B 446 -22.90 34.19 -25.04
C MET B 446 -21.70 33.26 -24.95
N ASP B 447 -20.80 33.30 -25.94
CA ASP B 447 -19.59 32.49 -25.87
C ASP B 447 -18.69 32.92 -24.73
N THR B 448 -18.59 34.24 -24.48
CA THR B 448 -17.78 34.71 -23.36
C THR B 448 -18.40 34.31 -22.02
N ALA B 449 -19.73 34.38 -21.93
CA ALA B 449 -20.41 33.94 -20.70
C ALA B 449 -20.18 32.45 -20.46
N ALA B 450 -20.29 31.64 -21.52
CA ALA B 450 -20.04 30.21 -21.38
C ALA B 450 -18.60 29.95 -20.99
N LEU B 451 -17.66 30.71 -21.55
CA LEU B 451 -16.24 30.55 -21.20
C LEU B 451 -16.01 30.87 -19.73
N LEU B 452 -16.58 31.96 -19.23
CA LEU B 452 -16.43 32.30 -17.82
C LEU B 452 -17.05 31.24 -16.93
N PHE B 453 -18.25 30.77 -17.28
CA PHE B 453 -18.91 29.76 -16.46
C PHE B 453 -18.12 28.45 -16.45
N MET B 454 -17.52 28.08 -17.59
CA MET B 454 -16.73 26.86 -17.63
C MET B 454 -15.42 27.02 -16.85
N ILE B 455 -14.78 28.18 -16.96
CA ILE B 455 -13.60 28.46 -16.15
C ILE B 455 -13.92 28.32 -14.67
N GLY B 456 -15.10 28.78 -14.28
CA GLY B 456 -15.49 28.70 -12.88
C GLY B 456 -15.83 27.29 -12.44
N ALA B 457 -16.48 26.51 -13.30
CA ALA B 457 -17.09 25.25 -12.89
C ALA B 457 -16.41 24.00 -13.44
N LEU B 458 -15.24 24.12 -14.08
CA LEU B 458 -14.56 22.93 -14.56
C LEU B 458 -13.49 22.40 -13.62
N ILE B 459 -12.85 23.27 -12.84
CA ILE B 459 -11.82 22.84 -11.89
C ILE B 459 -12.36 22.07 -10.68
N PRO B 460 -13.60 22.26 -10.19
CA PRO B 460 -13.98 21.57 -8.95
C PRO B 460 -13.91 20.06 -9.04
N PHE B 461 -14.12 19.48 -10.23
CA PHE B 461 -14.03 18.02 -10.36
C PHE B 461 -12.66 17.52 -9.94
N ASN B 462 -11.60 17.98 -10.62
CA ASN B 462 -10.25 17.54 -10.30
C ASN B 462 -9.84 18.00 -8.90
N VAL B 463 -10.30 19.18 -8.48
CA VAL B 463 -9.96 19.67 -7.14
C VAL B 463 -10.50 18.72 -6.08
N ILE B 464 -11.80 18.40 -6.15
CA ILE B 464 -12.42 17.47 -5.22
C ILE B 464 -11.69 16.13 -5.27
N LEU B 465 -11.44 15.62 -6.47
CA LEU B 465 -10.78 14.31 -6.60
C LEU B 465 -9.45 14.29 -5.86
N ASP B 466 -8.56 15.24 -6.19
CA ASP B 466 -7.23 15.25 -5.59
C ASP B 466 -7.29 15.46 -4.09
N VAL B 467 -8.14 16.40 -3.63
CA VAL B 467 -8.16 16.71 -2.21
C VAL B 467 -8.72 15.54 -1.40
N ILE B 468 -9.80 14.92 -1.88
CA ILE B 468 -10.38 13.78 -1.17
C ILE B 468 -9.41 12.60 -1.17
N SER B 469 -8.72 12.38 -2.29
CA SER B 469 -7.74 11.28 -2.34
C SER B 469 -6.60 11.53 -1.36
N LYS B 470 -6.07 12.75 -1.31
CA LYS B 470 -4.97 13.05 -0.41
C LYS B 470 -5.42 12.99 1.05
N CYS B 471 -6.67 13.36 1.32
CA CYS B 471 -7.17 13.30 2.69
C CYS B 471 -7.39 11.87 3.15
N TYR B 472 -7.93 11.01 2.29
CA TYR B 472 -8.15 9.63 2.67
C TYR B 472 -6.89 8.78 2.58
N SER B 473 -5.84 9.29 1.93
CA SER B 473 -4.54 8.63 1.98
C SER B 473 -3.77 8.95 3.25
N GLU B 474 -4.21 9.95 4.01
CA GLU B 474 -3.54 10.36 5.24
C GLU B 474 -4.45 10.25 6.47
N ARG B 475 -5.50 9.43 6.39
CA ARG B 475 -6.47 9.36 7.49
C ARG B 475 -5.92 8.57 8.68
N ALA B 476 -5.27 7.44 8.41
CA ALA B 476 -4.79 6.58 9.50
C ALA B 476 -3.71 7.26 10.31
N MET B 477 -2.74 7.89 9.63
CA MET B 477 -1.65 8.57 10.34
C MET B 477 -2.19 9.69 11.21
N LEU B 478 -3.09 10.51 10.65
CA LEU B 478 -3.66 11.61 11.42
C LEU B 478 -4.46 11.10 12.62
N TYR B 479 -5.26 10.05 12.41
CA TYR B 479 -6.05 9.50 13.50
C TYR B 479 -5.16 8.97 14.61
N TYR B 480 -4.11 8.22 14.26
CA TYR B 480 -3.24 7.64 15.27
C TYR B 480 -2.40 8.70 15.97
N GLU B 481 -1.98 9.74 15.27
CA GLU B 481 -1.25 10.82 15.91
C GLU B 481 -2.14 11.68 16.80
N LEU B 482 -3.44 11.78 16.48
CA LEU B 482 -4.37 12.47 17.37
C LEU B 482 -4.67 11.63 18.60
N GLU B 483 -4.75 10.30 18.42
CA GLU B 483 -5.02 9.43 19.55
C GLU B 483 -3.82 9.35 20.49
N ASP B 484 -2.61 9.33 19.94
CA ASP B 484 -1.41 9.29 20.77
C ASP B 484 -1.16 10.60 21.50
N GLY B 485 -1.67 11.71 20.99
CA GLY B 485 -1.51 13.00 21.64
C GLY B 485 -0.39 13.86 21.11
N LEU B 486 -0.04 13.72 19.83
CA LEU B 486 1.02 14.56 19.27
C LEU B 486 0.59 16.01 19.15
N TYR B 487 -0.59 16.24 18.58
CA TYR B 487 -1.13 17.59 18.45
C TYR B 487 -2.59 17.59 18.92
N THR B 488 -3.12 18.78 19.13
CA THR B 488 -4.45 18.98 19.71
C THR B 488 -5.45 19.43 18.65
N THR B 489 -5.32 18.90 17.43
CA THR B 489 -6.23 19.04 16.29
C THR B 489 -6.56 20.50 15.97
N GLY B 490 -5.86 21.44 16.61
CA GLY B 490 -5.98 22.84 16.28
C GLY B 490 -4.91 23.29 15.31
N PRO B 491 -3.63 23.06 15.66
CA PRO B 491 -2.55 23.42 14.72
C PRO B 491 -2.55 22.60 13.44
N TYR B 492 -3.13 21.40 13.46
CA TYR B 492 -3.14 20.58 12.26
C TYR B 492 -3.98 21.22 11.16
N PHE B 493 -5.06 21.89 11.54
CA PHE B 493 -5.92 22.55 10.57
C PHE B 493 -5.16 23.63 9.80
N PHE B 494 -4.57 24.58 10.53
CA PHE B 494 -3.81 25.65 9.89
C PHE B 494 -2.59 25.09 9.16
N ALA B 495 -1.97 24.04 9.71
CA ALA B 495 -0.82 23.44 9.05
C ALA B 495 -1.21 22.86 7.69
N LYS B 496 -2.29 22.09 7.65
CA LYS B 496 -2.74 21.52 6.38
C LYS B 496 -3.13 22.61 5.40
N ILE B 497 -3.80 23.67 5.88
CA ILE B 497 -4.22 24.75 4.99
C ILE B 497 -3.01 25.45 4.38
N LEU B 498 -2.05 25.84 5.22
CA LEU B 498 -0.89 26.56 4.73
C LEU B 498 0.08 25.67 3.98
N GLY B 499 -0.04 24.35 4.11
CA GLY B 499 0.72 23.46 3.26
C GLY B 499 0.07 23.22 1.92
N GLU B 500 -1.26 23.28 1.87
CA GLU B 500 -1.97 23.20 0.60
C GLU B 500 -1.92 24.52 -0.18
N LEU B 501 -1.69 25.64 0.51
CA LEU B 501 -1.68 26.95 -0.16
C LEU B 501 -0.65 27.09 -1.28
N PRO B 502 0.61 26.67 -1.14
CA PRO B 502 1.56 26.92 -2.24
C PRO B 502 1.25 26.14 -3.51
N GLU B 503 0.97 24.84 -3.38
CA GLU B 503 0.60 24.05 -4.55
C GLU B 503 -0.73 24.54 -5.13
N HIS B 504 -1.64 25.00 -4.27
CA HIS B 504 -2.89 25.57 -4.76
C HIS B 504 -2.63 26.82 -5.59
N CYS B 505 -1.71 27.69 -5.13
CA CYS B 505 -1.38 28.89 -5.89
C CYS B 505 -0.73 28.54 -7.21
N ALA B 506 0.15 27.53 -7.22
CA ALA B 506 0.77 27.10 -8.47
C ALA B 506 -0.27 26.57 -9.45
N TYR B 507 -1.20 25.74 -8.94
CA TYR B 507 -2.28 25.24 -9.77
C TYR B 507 -3.13 26.38 -10.33
N ILE B 508 -3.43 27.37 -9.49
CA ILE B 508 -4.23 28.51 -9.94
C ILE B 508 -3.51 29.28 -11.03
N ILE B 509 -2.21 29.52 -10.86
CA ILE B 509 -1.43 30.16 -11.91
C ILE B 509 -1.54 29.39 -13.21
N ILE B 510 -1.19 28.10 -13.16
CA ILE B 510 -1.12 27.28 -14.38
C ILE B 510 -2.48 27.19 -15.05
N TYR B 511 -3.56 27.21 -14.27
CA TYR B 511 -4.89 27.06 -14.86
C TYR B 511 -5.43 28.37 -15.39
N GLY B 512 -5.20 29.48 -14.68
CA GLY B 512 -5.82 30.74 -15.02
C GLY B 512 -5.01 31.61 -15.97
N MET B 513 -3.70 31.74 -15.75
CA MET B 513 -2.95 32.71 -16.55
C MET B 513 -2.83 32.29 -18.01
N PRO B 514 -2.58 31.00 -18.34
CA PRO B 514 -2.66 30.61 -19.75
C PRO B 514 -4.09 30.30 -20.17
N THR B 515 -5.03 31.12 -19.74
CA THR B 515 -6.42 31.09 -20.18
C THR B 515 -6.95 32.48 -20.48
N TYR B 516 -6.55 33.48 -19.69
CA TYR B 516 -7.02 34.84 -19.91
C TYR B 516 -6.51 35.39 -21.24
N TRP B 517 -5.28 35.03 -21.63
CA TRP B 517 -4.70 35.55 -22.85
C TRP B 517 -5.08 34.71 -24.07
N LEU B 518 -5.27 33.40 -23.88
CA LEU B 518 -5.63 32.54 -25.00
C LEU B 518 -7.02 32.88 -25.52
N ALA B 519 -7.92 33.30 -24.63
CA ALA B 519 -9.28 33.65 -25.00
C ALA B 519 -9.43 35.11 -25.43
N ASN B 520 -8.34 35.89 -25.38
CA ASN B 520 -8.36 37.31 -25.75
C ASN B 520 -9.41 38.06 -24.94
N LEU B 521 -9.27 38.03 -23.62
CA LEU B 521 -10.22 38.68 -22.73
C LEU B 521 -9.92 40.18 -22.64
N ARG B 522 -10.56 40.82 -21.66
CA ARG B 522 -10.42 42.26 -21.50
C ARG B 522 -8.96 42.62 -21.23
N PRO B 523 -8.33 43.44 -22.07
CA PRO B 523 -6.92 43.79 -21.86
C PRO B 523 -6.75 44.73 -20.68
N GLY B 524 -5.58 44.61 -20.03
CA GLY B 524 -5.24 45.41 -18.88
C GLY B 524 -4.67 44.58 -17.76
N LEU B 525 -4.15 45.30 -16.75
CA LEU B 525 -3.55 44.66 -15.59
C LEU B 525 -4.55 44.47 -14.46
N GLN B 526 -5.42 45.46 -14.21
CA GLN B 526 -6.38 45.34 -13.12
C GLN B 526 -7.42 44.26 -13.37
N PRO B 527 -8.08 44.20 -14.55
CA PRO B 527 -9.07 43.11 -14.74
C PRO B 527 -8.46 41.73 -14.69
N PHE B 528 -7.27 41.55 -15.26
CA PHE B 528 -6.62 40.24 -15.21
C PHE B 528 -6.28 39.85 -13.78
N LEU B 529 -5.76 40.80 -12.98
CA LEU B 529 -5.44 40.50 -11.59
C LEU B 529 -6.70 40.18 -10.79
N LEU B 530 -7.80 40.90 -11.06
CA LEU B 530 -9.05 40.62 -10.36
C LEU B 530 -9.60 39.25 -10.72
N HIS B 531 -9.54 38.89 -12.01
CA HIS B 531 -9.95 37.56 -12.44
C HIS B 531 -9.12 36.49 -11.76
N PHE B 532 -7.79 36.67 -11.72
CA PHE B 532 -6.91 35.70 -11.09
C PHE B 532 -7.24 35.56 -9.60
N LEU B 533 -7.43 36.68 -8.91
CA LEU B 533 -7.72 36.63 -7.48
C LEU B 533 -9.06 35.95 -7.21
N LEU B 534 -10.07 36.24 -8.03
CA LEU B 534 -11.37 35.61 -7.84
C LEU B 534 -11.30 34.10 -8.09
N VAL B 535 -10.60 33.68 -9.14
CA VAL B 535 -10.45 32.25 -9.41
C VAL B 535 -9.69 31.58 -8.27
N TRP B 536 -8.63 32.23 -7.77
CA TRP B 536 -7.87 31.68 -6.65
C TRP B 536 -8.75 31.49 -5.42
N LEU B 537 -9.55 32.52 -5.09
CA LEU B 537 -10.40 32.43 -3.91
C LEU B 537 -11.47 31.36 -4.08
N VAL B 538 -12.04 31.23 -5.27
CA VAL B 538 -13.10 30.25 -5.48
C VAL B 538 -12.54 28.84 -5.41
N VAL B 539 -11.36 28.60 -6.00
CA VAL B 539 -10.77 27.28 -5.91
C VAL B 539 -10.32 26.97 -4.50
N PHE B 540 -9.88 27.98 -3.74
CA PHE B 540 -9.56 27.77 -2.34
C PHE B 540 -10.81 27.38 -1.54
N CYS B 541 -11.94 28.04 -1.82
CA CYS B 541 -13.19 27.67 -1.16
C CYS B 541 -13.59 26.24 -1.53
N CYS B 542 -13.42 25.86 -2.79
CA CYS B 542 -13.73 24.48 -3.19
C CYS B 542 -12.83 23.48 -2.48
N ARG B 543 -11.54 23.82 -2.32
CA ARG B 543 -10.62 22.94 -1.61
C ARG B 543 -11.01 22.79 -0.15
N ILE B 544 -11.42 23.89 0.49
CA ILE B 544 -11.84 23.82 1.88
C ILE B 544 -13.13 23.01 2.02
N MET B 545 -14.06 23.15 1.06
CA MET B 545 -15.25 22.32 1.06
C MET B 545 -14.91 20.85 0.92
N ALA B 546 -13.95 20.52 0.06
CA ALA B 546 -13.50 19.14 -0.08
C ALA B 546 -12.88 18.62 1.21
N LEU B 547 -12.07 19.46 1.87
CA LEU B 547 -11.47 19.06 3.15
C LEU B 547 -12.56 18.78 4.18
N ALA B 548 -13.57 19.64 4.26
CA ALA B 548 -14.65 19.44 5.21
C ALA B 548 -15.44 18.17 4.91
N ALA B 549 -15.70 17.92 3.62
CA ALA B 549 -16.44 16.71 3.25
C ALA B 549 -15.64 15.46 3.54
N ALA B 550 -14.31 15.53 3.39
CA ALA B 550 -13.48 14.39 3.72
C ALA B 550 -13.41 14.15 5.23
N ALA B 551 -13.36 15.22 6.02
CA ALA B 551 -13.29 15.08 7.46
C ALA B 551 -14.65 14.76 8.08
N LEU B 552 -15.74 14.95 7.35
CA LEU B 552 -17.07 14.66 7.89
C LEU B 552 -17.52 13.24 7.64
N LEU B 553 -17.07 12.61 6.55
CA LEU B 553 -17.51 11.27 6.21
C LEU B 553 -16.36 10.27 6.33
N PRO B 554 -16.64 9.04 6.77
CA PRO B 554 -15.56 8.09 7.06
C PRO B 554 -15.01 7.38 5.83
N THR B 555 -15.82 7.24 4.79
CA THR B 555 -15.44 6.47 3.61
C THR B 555 -15.17 7.40 2.44
N PHE B 556 -14.20 6.99 1.60
CA PHE B 556 -13.84 7.79 0.43
C PHE B 556 -15.02 7.92 -0.53
N HIS B 557 -15.79 6.84 -0.71
CA HIS B 557 -16.89 6.88 -1.67
C HIS B 557 -18.02 7.79 -1.19
N MET B 558 -18.34 7.74 0.10
CA MET B 558 -19.38 8.63 0.63
C MET B 558 -18.98 10.08 0.54
N ALA B 559 -17.71 10.39 0.84
CA ALA B 559 -17.24 11.76 0.74
C ALA B 559 -17.26 12.23 -0.72
N SER B 560 -16.85 11.36 -1.65
CA SER B 560 -16.88 11.71 -3.06
C SER B 560 -18.30 11.97 -3.53
N PHE B 561 -19.25 11.13 -3.09
CA PHE B 561 -20.64 11.30 -3.50
C PHE B 561 -21.22 12.60 -2.93
N PHE B 562 -20.94 12.90 -1.67
CA PHE B 562 -21.44 14.13 -1.07
C PHE B 562 -20.84 15.36 -1.73
N SER B 563 -19.53 15.31 -2.02
CA SER B 563 -18.89 16.43 -2.70
C SER B 563 -19.44 16.62 -4.10
N ASN B 564 -19.68 15.52 -4.82
CA ASN B 564 -20.27 15.62 -6.15
C ASN B 564 -21.69 16.16 -6.10
N ALA B 565 -22.47 15.78 -5.09
CA ALA B 565 -23.81 16.33 -4.95
C ALA B 565 -23.77 17.83 -4.67
N LEU B 566 -22.88 18.26 -3.76
CA LEU B 566 -22.75 19.69 -3.49
C LEU B 566 -22.29 20.45 -4.72
N TYR B 567 -21.35 19.87 -5.47
CA TYR B 567 -20.85 20.53 -6.68
C TYR B 567 -21.94 20.64 -7.73
N ASN B 568 -22.75 19.59 -7.90
CA ASN B 568 -23.84 19.64 -8.87
C ASN B 568 -24.90 20.65 -8.45
N SER B 569 -25.17 20.75 -7.14
CA SER B 569 -26.13 21.74 -6.65
C SER B 569 -25.63 23.15 -6.93
N PHE B 570 -24.36 23.42 -6.62
CA PHE B 570 -23.80 24.75 -6.85
C PHE B 570 -23.64 25.04 -8.34
N TYR B 571 -23.53 23.99 -9.16
CA TYR B 571 -23.43 24.17 -10.60
C TYR B 571 -24.78 24.51 -11.22
N LEU B 572 -25.83 23.79 -10.84
CA LEU B 572 -27.17 24.14 -11.29
C LEU B 572 -27.60 25.49 -10.74
N ALA B 573 -27.13 25.85 -9.55
CA ALA B 573 -27.41 27.16 -8.97
C ALA B 573 -26.61 28.28 -9.63
N GLY B 574 -25.82 27.99 -10.64
CA GLY B 574 -25.02 29.01 -11.30
C GLY B 574 -25.88 29.94 -12.14
N GLY B 575 -25.32 31.11 -12.41
CA GLY B 575 -25.99 32.16 -13.15
C GLY B 575 -25.98 32.02 -14.65
N PHE B 576 -25.73 30.83 -15.18
CA PHE B 576 -25.62 30.63 -16.62
C PHE B 576 -26.71 29.72 -17.19
N MET B 577 -27.31 28.86 -16.38
CA MET B 577 -28.22 27.85 -16.91
C MET B 577 -29.67 28.02 -16.47
N ILE B 578 -29.93 28.50 -15.26
CA ILE B 578 -31.31 28.65 -14.78
C ILE B 578 -31.60 30.11 -14.50
N ASN B 579 -30.71 31.00 -14.96
CA ASN B 579 -30.98 32.44 -15.04
C ASN B 579 -31.09 33.11 -13.68
N LEU B 580 -31.01 32.32 -12.60
CA LEU B 580 -31.12 32.83 -11.23
C LEU B 580 -32.47 33.47 -10.95
N SER B 581 -33.39 33.38 -11.90
CA SER B 581 -34.74 33.88 -11.72
C SER B 581 -35.79 32.78 -11.70
N SER B 582 -35.52 31.64 -12.31
CA SER B 582 -36.42 30.49 -12.24
C SER B 582 -36.09 29.60 -11.05
N LEU B 583 -35.97 30.23 -9.89
CA LEU B 583 -35.71 29.56 -8.62
C LEU B 583 -36.69 30.10 -7.60
N TRP B 584 -37.48 29.21 -6.98
CA TRP B 584 -38.60 29.69 -6.18
C TRP B 584 -38.18 30.14 -4.79
N THR B 585 -37.76 29.21 -3.93
CA THR B 585 -37.25 29.60 -2.62
C THR B 585 -35.87 29.00 -2.33
N VAL B 586 -35.77 27.68 -2.49
CA VAL B 586 -34.59 26.93 -2.04
C VAL B 586 -33.44 27.03 -3.05
N PRO B 587 -33.66 26.85 -4.36
CA PRO B 587 -32.56 27.06 -5.30
C PRO B 587 -32.02 28.48 -5.28
N ALA B 588 -32.87 29.47 -4.98
CA ALA B 588 -32.38 30.83 -4.82
C ALA B 588 -31.38 30.93 -3.68
N TRP B 589 -31.71 30.35 -2.53
CA TRP B 589 -30.78 30.38 -1.40
C TRP B 589 -29.52 29.57 -1.70
N ILE B 590 -29.66 28.44 -2.40
CA ILE B 590 -28.49 27.64 -2.78
C ILE B 590 -27.56 28.47 -3.65
N SER B 591 -28.12 29.20 -4.62
CA SER B 591 -27.31 30.09 -5.45
C SER B 591 -26.68 31.19 -4.61
N LYS B 592 -27.42 31.71 -3.63
CA LYS B 592 -26.87 32.72 -2.73
C LYS B 592 -25.69 32.17 -1.93
N VAL B 593 -25.64 30.86 -1.70
CA VAL B 593 -24.55 30.25 -0.95
C VAL B 593 -23.72 29.36 -1.87
N SER B 594 -23.78 29.61 -3.18
CA SER B 594 -23.01 28.87 -4.16
C SER B 594 -21.82 29.72 -4.63
N PHE B 595 -20.61 29.20 -4.42
CA PHE B 595 -19.42 29.93 -4.84
C PHE B 595 -19.26 29.96 -6.36
N LEU B 596 -19.83 29.00 -7.08
CA LEU B 596 -19.77 29.02 -8.54
C LEU B 596 -20.57 30.17 -9.12
N ARG B 597 -21.76 30.41 -8.58
CA ARG B 597 -22.58 31.53 -9.05
C ARG B 597 -21.87 32.86 -8.78
N TRP B 598 -21.28 33.01 -7.60
CA TRP B 598 -20.56 34.24 -7.28
C TRP B 598 -19.33 34.40 -8.15
N CYS B 599 -18.64 33.30 -8.45
CA CYS B 599 -17.50 33.37 -9.37
C CYS B 599 -17.93 33.84 -10.75
N PHE B 600 -19.02 33.26 -11.28
CA PHE B 600 -19.51 33.64 -12.59
C PHE B 600 -19.94 35.11 -12.60
N GLU B 601 -20.62 35.55 -11.54
CA GLU B 601 -21.07 36.94 -11.48
C GLU B 601 -19.89 37.90 -11.40
N GLY B 602 -18.87 37.55 -10.61
CA GLY B 602 -17.70 38.41 -10.51
C GLY B 602 -16.94 38.50 -11.81
N LEU B 603 -16.78 37.36 -12.50
CA LEU B 603 -16.11 37.38 -13.79
C LEU B 603 -16.91 38.18 -14.81
N MET B 604 -18.24 38.07 -14.79
CA MET B 604 -19.07 38.84 -15.69
C MET B 604 -18.93 40.34 -15.42
N LYS B 605 -18.88 40.72 -14.13
CA LYS B 605 -18.72 42.12 -13.79
C LYS B 605 -17.35 42.64 -14.20
N ILE B 606 -16.31 41.82 -14.04
CA ILE B 606 -14.97 42.24 -14.43
C ILE B 606 -14.88 42.38 -15.95
N GLN B 607 -15.60 41.53 -16.68
CA GLN B 607 -15.46 41.49 -18.13
C GLN B 607 -16.37 42.47 -18.86
N PHE B 608 -17.52 42.83 -18.28
CA PHE B 608 -18.52 43.59 -19.02
C PHE B 608 -18.86 44.95 -18.41
N SER B 609 -18.63 45.16 -17.12
CA SER B 609 -18.96 46.44 -16.52
C SER B 609 -18.01 47.52 -17.03
N ARG B 610 -18.55 48.73 -17.23
CA ARG B 610 -17.82 49.87 -17.76
C ARG B 610 -17.19 49.54 -19.11
N ARG B 611 -18.06 49.25 -20.07
CA ARG B 611 -17.61 48.91 -21.43
C ARG B 611 -18.62 49.40 -22.46
N GLY B 626 -22.25 48.72 -21.99
CA GLY B 626 -21.46 47.75 -21.25
C GLY B 626 -22.15 47.21 -20.02
N ASP B 627 -22.70 48.12 -19.21
CA ASP B 627 -23.41 47.70 -18.00
C ASP B 627 -24.83 47.25 -18.28
N LYS B 628 -25.39 47.59 -19.44
CA LYS B 628 -26.78 47.22 -19.70
C LYS B 628 -26.92 45.74 -20.01
N ILE B 629 -25.90 45.12 -20.63
CA ILE B 629 -25.94 43.68 -20.79
C ILE B 629 -25.85 43.00 -19.43
N LEU B 630 -25.23 43.67 -18.45
CA LEU B 630 -25.22 43.15 -17.09
C LEU B 630 -26.55 43.37 -16.40
N SER B 631 -27.29 44.42 -16.79
CA SER B 631 -28.53 44.76 -16.11
C SER B 631 -29.74 43.99 -16.65
N VAL B 632 -29.74 43.61 -17.93
CA VAL B 632 -30.80 42.74 -18.43
C VAL B 632 -30.77 41.41 -17.69
N MET B 633 -29.58 40.86 -17.50
CA MET B 633 -29.42 39.73 -16.60
C MET B 633 -29.38 40.22 -15.16
N GLU B 634 -29.20 39.27 -14.23
CA GLU B 634 -29.20 39.57 -12.80
C GLU B 634 -27.80 39.54 -12.20
N LEU B 635 -26.82 40.01 -12.96
CA LEU B 635 -25.43 40.08 -12.51
C LEU B 635 -25.03 41.49 -12.10
N ASP B 636 -25.98 42.28 -11.57
CA ASP B 636 -25.71 43.67 -11.23
C ASP B 636 -26.27 44.06 -9.87
N SER B 637 -26.61 43.11 -9.01
CA SER B 637 -27.19 43.41 -7.71
C SER B 637 -26.16 43.39 -6.59
N TYR B 638 -24.90 43.09 -6.89
CA TYR B 638 -23.85 43.01 -5.89
C TYR B 638 -22.56 43.58 -6.48
N PRO B 639 -21.92 44.53 -5.81
CA PRO B 639 -20.63 45.04 -6.31
C PRO B 639 -19.54 43.99 -6.21
N LEU B 640 -18.40 44.31 -6.83
CA LEU B 640 -17.31 43.35 -6.91
C LEU B 640 -16.72 43.04 -5.55
N TYR B 641 -16.45 44.06 -4.74
CA TYR B 641 -15.90 43.83 -3.41
C TYR B 641 -16.88 43.05 -2.54
N ALA B 642 -18.18 43.26 -2.72
CA ALA B 642 -19.17 42.45 -2.01
C ALA B 642 -19.09 40.99 -2.43
N ILE B 643 -18.88 40.72 -3.72
CA ILE B 643 -18.73 39.34 -4.17
C ILE B 643 -17.48 38.71 -3.57
N TYR B 644 -16.37 39.46 -3.54
CA TYR B 644 -15.16 38.94 -2.91
C TYR B 644 -15.37 38.65 -1.44
N LEU B 645 -16.05 39.54 -0.73
CA LEU B 645 -16.32 39.33 0.70
C LEU B 645 -17.24 38.13 0.91
N ILE B 646 -18.19 37.92 0.00
CA ILE B 646 -19.08 36.77 0.12
C ILE B 646 -18.31 35.47 -0.12
N VAL B 647 -17.39 35.48 -1.09
CA VAL B 647 -16.56 34.30 -1.31
C VAL B 647 -15.68 34.03 -0.09
N ILE B 648 -15.14 35.08 0.51
CA ILE B 648 -14.31 34.90 1.71
C ILE B 648 -15.15 34.38 2.86
N GLY B 649 -16.39 34.83 2.98
CA GLY B 649 -17.26 34.34 4.03
C GLY B 649 -17.65 32.88 3.84
N LEU B 650 -17.88 32.48 2.59
CA LEU B 650 -18.14 31.07 2.30
C LEU B 650 -16.92 30.23 2.62
N SER B 651 -15.72 30.71 2.29
CA SER B 651 -14.50 30.01 2.64
C SER B 651 -14.36 29.88 4.16
N GLY B 652 -14.70 30.94 4.90
CA GLY B 652 -14.62 30.87 6.35
C GLY B 652 -15.61 29.91 6.95
N GLY B 653 -16.83 29.88 6.39
CA GLY B 653 -17.82 28.92 6.86
C GLY B 653 -17.39 27.49 6.59
N PHE B 654 -16.85 27.22 5.41
CA PHE B 654 -16.34 25.88 5.11
C PHE B 654 -15.16 25.54 6.01
N MET B 655 -14.32 26.53 6.35
CA MET B 655 -13.22 26.29 7.27
C MET B 655 -13.72 25.93 8.66
N VAL B 656 -14.76 26.63 9.13
CA VAL B 656 -15.35 26.32 10.43
C VAL B 656 -15.95 24.91 10.41
N LEU B 657 -16.62 24.55 9.32
CA LEU B 657 -17.16 23.20 9.20
C LEU B 657 -16.05 22.15 9.24
N TYR B 658 -14.97 22.39 8.50
CA TYR B 658 -13.84 21.45 8.49
C TYR B 658 -13.21 21.34 9.88
N TYR B 659 -13.11 22.47 10.59
CA TYR B 659 -12.51 22.46 11.92
C TYR B 659 -13.36 21.68 12.91
N VAL B 660 -14.68 21.91 12.90
CA VAL B 660 -15.54 21.19 13.83
C VAL B 660 -15.63 19.71 13.45
N SER B 661 -15.48 19.39 12.16
CA SER B 661 -15.43 17.98 11.76
C SER B 661 -14.16 17.31 12.25
N LEU B 662 -13.02 18.00 12.14
CA LEU B 662 -11.77 17.44 12.65
C LEU B 662 -11.81 17.30 14.17
N ARG B 663 -12.53 18.21 14.85
CA ARG B 663 -12.52 18.22 16.30
C ARG B 663 -13.48 17.20 16.90
N PHE B 664 -14.70 17.12 16.37
CA PHE B 664 -15.75 16.33 17.00
C PHE B 664 -16.04 15.00 16.31
N ILE B 665 -15.36 14.69 15.22
CA ILE B 665 -15.56 13.43 14.50
C ILE B 665 -14.24 12.68 14.46
N LYS B 666 -14.30 11.39 14.80
CA LYS B 666 -13.12 10.54 14.78
C LYS B 666 -12.77 10.16 13.35
N GLN B 667 -11.51 10.39 12.98
CA GLN B 667 -11.05 10.09 11.63
C GLN B 667 -10.64 8.63 11.49
N LYS B 668 -11.55 7.72 11.83
CA LYS B 668 -11.24 6.30 11.74
C LYS B 668 -11.03 5.89 10.28
N PRO B 669 -9.95 5.16 9.97
CA PRO B 669 -9.63 4.71 8.60
C PRO B 669 -10.73 3.82 8.01
N VAL C 21 38.57 14.89 31.01
CA VAL C 21 38.73 13.48 30.68
C VAL C 21 40.21 13.15 30.49
N LYS C 22 40.67 12.11 31.17
CA LYS C 22 42.07 11.70 31.10
C LYS C 22 42.15 10.19 31.14
N LEU C 23 42.85 9.61 30.17
CA LEU C 23 43.05 8.16 30.08
C LEU C 23 44.53 7.87 30.13
N VAL C 24 44.95 7.05 31.09
CA VAL C 24 46.37 6.75 31.32
C VAL C 24 46.51 5.23 31.36
N GLU C 25 47.11 4.67 30.32
CA GLU C 25 47.38 3.23 30.30
C GLU C 25 48.65 2.92 31.08
N SER C 26 48.78 1.65 31.47
CA SER C 26 49.93 1.17 32.23
C SER C 26 49.89 -0.34 32.25
N GLY C 27 50.97 -0.93 32.73
CA GLY C 27 51.08 -2.38 32.84
C GLY C 27 51.74 -3.08 31.68
N GLY C 28 52.22 -2.35 30.68
CA GLY C 28 52.88 -2.98 29.55
C GLY C 28 54.28 -3.45 29.91
N GLY C 29 54.65 -4.59 29.38
CA GLY C 29 55.95 -5.17 29.72
C GLY C 29 56.39 -6.19 28.70
N LEU C 30 57.33 -7.03 29.13
CA LEU C 30 57.94 -8.05 28.28
C LEU C 30 57.51 -9.42 28.76
N VAL C 31 56.57 -10.05 28.06
CA VAL C 31 56.11 -11.41 28.35
C VAL C 31 55.99 -12.17 27.03
N GLN C 32 56.88 -13.14 26.81
CA GLN C 32 56.83 -13.97 25.62
C GLN C 32 55.64 -14.91 25.70
N PRO C 33 55.25 -15.52 24.58
CA PRO C 33 54.10 -16.44 24.59
C PRO C 33 54.24 -17.52 25.67
N GLY C 34 53.08 -17.96 26.18
CA GLY C 34 53.00 -18.91 27.26
C GLY C 34 52.56 -18.32 28.58
N GLY C 35 52.85 -17.04 28.83
CA GLY C 35 52.45 -16.40 30.07
C GLY C 35 51.17 -15.59 29.95
N SER C 36 51.00 -14.63 30.86
CA SER C 36 49.82 -13.77 30.87
C SER C 36 50.22 -12.39 31.37
N LEU C 37 49.34 -11.42 31.14
CA LEU C 37 49.64 -10.06 31.55
C LEU C 37 48.33 -9.28 31.71
N ARG C 38 48.28 -8.43 32.74
CA ARG C 38 47.12 -7.60 33.02
C ARG C 38 47.49 -6.14 32.81
N LEU C 39 46.88 -5.51 31.82
CA LEU C 39 47.06 -4.08 31.58
C LEU C 39 46.00 -3.28 32.33
N SER C 40 46.39 -2.09 32.77
CA SER C 40 45.51 -1.22 33.54
C SER C 40 45.35 0.12 32.83
N CYS C 41 44.19 0.72 33.00
CA CYS C 41 43.85 2.02 32.41
C CYS C 41 43.22 2.88 33.50
N ALA C 42 43.91 3.96 33.88
CA ALA C 42 43.46 4.84 34.95
C ALA C 42 42.63 5.96 34.34
N THR C 43 41.31 5.85 34.45
CA THR C 43 40.41 6.86 33.93
C THR C 43 40.18 7.96 34.98
N SER C 44 39.92 9.17 34.48
CA SER C 44 39.68 10.31 35.35
C SER C 44 39.01 11.40 34.54
N GLY C 45 38.14 12.18 35.19
CA GLY C 45 37.49 13.30 34.57
C GLY C 45 36.07 13.07 34.10
N PHE C 46 35.48 11.91 34.40
CA PHE C 46 34.11 11.62 34.01
C PHE C 46 33.57 10.52 34.89
N THR C 47 32.25 10.36 34.84
CA THR C 47 31.58 9.27 35.57
C THR C 47 31.91 7.95 34.90
N PHE C 48 32.71 7.12 35.57
CA PHE C 48 33.20 5.90 34.95
C PHE C 48 32.09 4.87 34.76
N SER C 49 31.02 4.96 35.54
CA SER C 49 29.95 3.96 35.49
C SER C 49 28.96 4.19 34.36
N GLU C 50 28.93 5.38 33.78
CA GLU C 50 27.94 5.74 32.77
C GLU C 50 28.54 5.83 31.36
N PHE C 51 29.65 5.14 31.11
CA PHE C 51 30.29 5.17 29.80
C PHE C 51 30.91 3.81 29.49
N PHE C 52 30.91 3.46 28.21
CA PHE C 52 31.62 2.28 27.75
C PHE C 52 33.12 2.47 27.93
N MET C 53 33.87 1.38 27.75
CA MET C 53 35.33 1.41 27.81
C MET C 53 35.89 0.37 26.87
N GLU C 54 36.73 0.79 25.92
CA GLU C 54 37.23 -0.10 24.89
C GLU C 54 38.76 -0.21 24.96
N TRP C 55 39.24 -1.42 24.71
CA TRP C 55 40.65 -1.67 24.44
C TRP C 55 40.82 -1.92 22.96
N VAL C 56 41.70 -1.15 22.31
CA VAL C 56 41.94 -1.24 20.88
C VAL C 56 43.44 -1.20 20.65
N ARG C 57 43.99 -2.30 20.14
CA ARG C 57 45.43 -2.44 19.93
C ARG C 57 45.83 -1.97 18.54
N GLN C 58 47.13 -1.76 18.36
CA GLN C 58 47.70 -1.34 17.08
C GLN C 58 49.02 -2.07 16.84
N PRO C 59 49.02 -3.14 16.04
CA PRO C 59 50.29 -3.82 15.74
C PRO C 59 51.17 -2.95 14.85
N PRO C 60 52.46 -3.29 14.71
CA PRO C 60 53.35 -2.45 13.90
C PRO C 60 52.96 -2.38 12.43
N GLY C 61 52.61 -3.51 11.81
CA GLY C 61 52.28 -3.52 10.41
C GLY C 61 50.79 -3.64 10.13
N LYS C 62 49.98 -3.47 11.18
CA LYS C 62 48.52 -3.49 11.07
C LYS C 62 47.94 -2.15 11.48
N ARG C 63 47.11 -1.56 10.61
CA ARG C 63 46.57 -0.20 10.78
C ARG C 63 45.97 -0.07 12.18
N LEU C 64 44.92 -0.83 12.52
CA LEU C 64 44.26 -0.76 13.82
C LEU C 64 43.27 -1.91 13.94
N GLU C 65 43.03 -2.34 15.18
CA GLU C 65 42.11 -3.43 15.44
C GLU C 65 41.45 -3.24 16.80
N TRP C 66 40.12 -3.17 16.79
CA TRP C 66 39.37 -3.14 18.04
C TRP C 66 39.46 -4.50 18.73
N VAL C 67 39.81 -4.50 20.02
CA VAL C 67 40.07 -5.73 20.74
C VAL C 67 38.87 -6.10 21.62
N ALA C 68 38.54 -5.24 22.57
CA ALA C 68 37.51 -5.59 23.55
C ALA C 68 36.71 -4.35 23.94
N VAL C 69 35.50 -4.60 24.44
CA VAL C 69 34.63 -3.55 24.94
C VAL C 69 33.99 -4.01 26.24
N SER C 70 33.85 -3.09 27.19
CA SER C 70 33.15 -3.33 28.44
C SER C 70 32.10 -2.23 28.58
N ARG C 71 30.84 -2.62 28.70
CA ARG C 71 29.73 -1.68 28.67
C ARG C 71 29.55 -1.00 30.03
N ASN C 72 28.63 -0.05 30.07
CA ASN C 72 28.41 0.79 31.24
C ASN C 72 27.56 0.04 32.27
N GLU C 73 27.12 0.76 33.30
CA GLU C 73 26.33 0.15 34.37
C GLU C 73 24.93 -0.22 33.88
N ALA C 74 24.37 0.57 32.96
CA ALA C 74 23.05 0.30 32.44
C ALA C 74 22.98 -1.04 31.70
N ASN C 75 24.11 -1.56 31.25
CA ASN C 75 24.18 -2.85 30.60
C ASN C 75 24.63 -3.97 31.53
N ASP C 76 24.61 -3.73 32.85
CA ASP C 76 25.05 -4.70 33.85
C ASP C 76 26.50 -5.10 33.67
N TYR C 77 27.30 -4.21 33.07
CA TYR C 77 28.75 -4.38 32.92
C TYR C 77 29.11 -5.64 32.15
N THR C 78 28.32 -6.00 31.14
CA THR C 78 28.68 -7.11 30.28
C THR C 78 29.84 -6.70 29.36
N THR C 79 30.56 -7.71 28.88
CA THR C 79 31.76 -7.50 28.09
C THR C 79 31.61 -8.18 26.73
N ASP C 80 32.50 -7.80 25.80
CA ASP C 80 32.54 -8.41 24.49
C ASP C 80 33.95 -8.30 23.93
N TYR C 81 34.32 -9.28 23.09
CA TYR C 81 35.65 -9.35 22.53
C TYR C 81 35.56 -9.69 21.05
N SER C 82 36.64 -9.39 20.33
CA SER C 82 36.71 -9.71 18.90
C SER C 82 37.01 -11.19 18.71
N ALA C 83 36.75 -11.67 17.50
CA ALA C 83 36.98 -13.09 17.19
C ALA C 83 38.45 -13.47 17.29
N SER C 84 39.36 -12.51 17.18
CA SER C 84 40.78 -12.83 17.26
C SER C 84 41.23 -13.10 18.69
N VAL C 85 40.53 -12.53 19.67
CA VAL C 85 40.89 -12.69 21.07
C VAL C 85 39.76 -13.27 21.91
N LYS C 86 38.66 -13.70 21.30
CA LYS C 86 37.54 -14.26 22.06
C LYS C 86 37.94 -15.59 22.68
N GLY C 87 37.93 -15.65 24.01
CA GLY C 87 38.29 -16.83 24.75
C GLY C 87 39.61 -16.71 25.49
N ARG C 88 40.46 -15.75 25.12
CA ARG C 88 41.75 -15.55 25.77
C ARG C 88 41.85 -14.26 26.54
N PHE C 89 41.10 -13.22 26.17
CA PHE C 89 41.16 -11.92 26.81
C PHE C 89 39.94 -11.75 27.72
N ILE C 90 40.14 -11.03 28.82
CA ILE C 90 39.07 -10.76 29.79
C ILE C 90 39.19 -9.30 30.20
N VAL C 91 38.18 -8.50 29.87
CA VAL C 91 38.14 -7.09 30.25
C VAL C 91 37.19 -6.94 31.44
N SER C 92 37.57 -6.08 32.39
CA SER C 92 36.77 -5.84 33.57
C SER C 92 37.07 -4.43 34.07
N ARG C 93 36.38 -4.02 35.13
CA ARG C 93 36.53 -2.67 35.65
C ARG C 93 36.42 -2.68 37.17
N ASP C 94 37.07 -1.71 37.79
CA ASP C 94 37.01 -1.46 39.23
C ASP C 94 36.16 -0.21 39.43
N THR C 95 34.86 -0.39 39.66
CA THR C 95 33.94 0.73 39.77
C THR C 95 34.23 1.63 40.97
N SER C 96 35.04 1.17 41.92
CA SER C 96 35.38 1.99 43.08
C SER C 96 36.54 2.93 42.79
N GLN C 97 37.52 2.49 42.00
CA GLN C 97 38.68 3.31 41.66
C GLN C 97 38.65 3.80 40.22
N ASN C 98 37.64 3.40 39.43
CA ASN C 98 37.51 3.82 38.03
C ASN C 98 38.74 3.43 37.21
N ILE C 99 39.01 2.12 37.19
CA ILE C 99 40.18 1.57 36.51
C ILE C 99 39.74 0.43 35.61
N LEU C 100 40.15 0.50 34.34
CA LEU C 100 39.96 -0.59 33.39
C LEU C 100 41.05 -1.63 33.56
N TYR C 101 40.69 -2.90 33.45
CA TYR C 101 41.64 -4.00 33.54
C TYR C 101 41.45 -4.93 32.35
N LEU C 102 42.55 -5.33 31.72
CA LEU C 102 42.54 -6.24 30.58
C LEU C 102 43.54 -7.35 30.84
N GLN C 103 43.02 -8.54 31.17
CA GLN C 103 43.85 -9.71 31.44
C GLN C 103 43.94 -10.53 30.15
N MET C 104 45.15 -10.65 29.61
CA MET C 104 45.41 -11.41 28.39
C MET C 104 46.20 -12.66 28.76
N ASN C 105 45.69 -13.82 28.34
CA ASN C 105 46.32 -15.11 28.62
C ASN C 105 46.65 -15.80 27.30
N ALA C 106 47.78 -16.51 27.29
CA ALA C 106 48.29 -17.16 26.09
C ALA C 106 48.46 -16.14 24.96
N LEU C 107 49.15 -15.05 25.29
CA LEU C 107 49.26 -13.88 24.44
C LEU C 107 50.56 -13.94 23.63
N ARG C 108 50.82 -12.86 22.88
CA ARG C 108 52.07 -12.66 22.15
C ARG C 108 52.27 -13.70 21.03
N ALA C 109 51.21 -14.42 20.68
CA ALA C 109 51.24 -15.22 19.45
C ALA C 109 51.39 -14.31 18.23
N GLU C 110 50.46 -13.37 18.07
CA GLU C 110 50.63 -12.25 17.15
C GLU C 110 50.09 -10.96 17.75
N ASP C 111 49.97 -10.89 19.08
CA ASP C 111 49.30 -9.78 19.76
C ASP C 111 50.28 -8.74 20.28
N THR C 112 51.45 -8.59 19.67
CA THR C 112 52.38 -7.55 20.06
C THR C 112 51.91 -6.22 19.47
N ALA C 113 51.48 -5.30 20.33
CA ALA C 113 50.87 -4.06 19.85
C ALA C 113 51.09 -2.97 20.90
N ILE C 114 50.35 -1.86 20.73
CA ILE C 114 50.53 -0.64 21.51
C ILE C 114 49.23 -0.32 22.22
N TYR C 115 48.54 -1.36 22.71
CA TYR C 115 47.14 -1.33 23.14
C TYR C 115 46.69 -0.01 23.75
N TYR C 116 45.59 0.54 23.25
CA TYR C 116 45.05 1.82 23.66
C TYR C 116 43.74 1.64 24.40
N CYS C 117 43.43 2.62 25.25
CA CYS C 117 42.25 2.60 26.11
C CYS C 117 41.39 3.81 25.77
N ALA C 118 40.25 3.56 25.11
CA ALA C 118 39.36 4.61 24.65
C ALA C 118 38.01 4.51 25.35
N ARG C 119 37.17 5.53 25.16
CA ARG C 119 35.92 5.62 25.91
C ARG C 119 34.72 5.06 25.17
N ASP C 120 34.37 5.64 24.03
CA ASP C 120 33.09 5.34 23.37
C ASP C 120 33.34 4.76 21.98
N ALA C 121 32.85 3.54 21.75
CA ALA C 121 32.95 2.94 20.43
C ALA C 121 31.79 3.36 19.53
N TRP C 122 30.56 3.31 20.06
CA TRP C 122 29.38 3.60 19.25
C TRP C 122 29.23 5.08 18.93
N MET C 123 29.76 5.96 19.77
CA MET C 123 29.68 7.39 19.54
C MET C 123 30.96 7.96 18.94
N GLY C 124 31.77 7.12 18.30
CA GLY C 124 33.06 7.55 17.80
C GLY C 124 34.13 7.50 18.87
N PHE C 125 35.27 6.87 18.56
CA PHE C 125 36.31 6.69 19.56
C PHE C 125 36.92 8.03 19.94
N ASP C 126 36.57 8.52 21.13
CA ASP C 126 37.03 9.81 21.63
C ASP C 126 37.79 9.64 22.94
N TYR C 127 38.66 10.61 23.23
CA TYR C 127 39.44 10.65 24.46
C TYR C 127 40.28 9.39 24.62
N TRP C 128 41.20 9.21 23.67
CA TRP C 128 42.13 8.10 23.71
C TRP C 128 43.18 8.32 24.80
N GLY C 129 43.97 7.28 25.06
CA GLY C 129 45.05 7.37 26.02
C GLY C 129 46.39 7.57 25.35
N GLN C 130 47.42 6.88 25.85
CA GLN C 130 48.75 6.95 25.25
C GLN C 130 49.28 5.61 24.76
N GLY C 131 48.75 4.49 25.23
CA GLY C 131 49.14 3.19 24.72
C GLY C 131 50.34 2.62 25.44
N THR C 132 50.33 1.29 25.60
CA THR C 132 51.44 0.57 26.21
C THR C 132 51.83 -0.58 25.29
N THR C 133 53.13 -0.79 25.14
CA THR C 133 53.65 -1.81 24.22
C THR C 133 53.78 -3.15 24.93
N VAL C 134 53.39 -4.20 24.23
CA VAL C 134 53.48 -5.56 24.77
C VAL C 134 53.60 -6.57 23.63
N ILE D 22 32.49 -3.97 7.18
CA ILE D 22 32.71 -2.80 6.32
C ILE D 22 34.21 -2.51 6.23
N GLN D 23 34.71 -2.46 4.99
CA GLN D 23 36.12 -2.20 4.73
C GLN D 23 36.31 -0.73 4.42
N MET D 24 37.25 -0.10 5.13
CA MET D 24 37.56 1.31 4.97
C MET D 24 38.89 1.44 4.24
N THR D 25 38.85 1.89 2.99
CA THR D 25 40.05 2.09 2.18
C THR D 25 40.44 3.57 2.27
N GLN D 26 41.62 3.82 2.83
CA GLN D 26 42.11 5.18 3.03
C GLN D 26 43.18 5.50 1.99
N SER D 27 43.07 6.67 1.38
CA SER D 27 43.98 7.10 0.33
C SER D 27 44.42 8.54 0.55
N PRO D 28 45.73 8.81 0.41
CA PRO D 28 46.74 7.79 0.14
C PRO D 28 47.32 7.22 1.42
N SER D 29 48.09 6.13 1.30
CA SER D 29 48.76 5.58 2.49
C SER D 29 49.81 6.53 3.04
N SER D 30 50.44 7.32 2.17
CA SER D 30 51.41 8.31 2.58
C SER D 30 51.24 9.58 1.74
N LEU D 31 51.48 10.72 2.36
CA LEU D 31 51.34 12.01 1.68
C LEU D 31 52.38 12.96 2.24
N SER D 32 53.05 13.69 1.35
CA SER D 32 54.08 14.65 1.73
C SER D 32 53.70 16.04 1.24
N ALA D 33 53.84 17.02 2.12
CA ALA D 33 53.52 18.41 1.79
C ALA D 33 54.41 19.32 2.64
N SER D 34 54.08 20.60 2.67
CA SER D 34 54.82 21.58 3.45
C SER D 34 53.85 22.58 4.06
N LEU D 35 54.40 23.48 4.88
CA LEU D 35 53.58 24.49 5.53
C LEU D 35 52.91 25.38 4.49
N GLY D 36 51.73 25.88 4.83
CA GLY D 36 50.94 26.69 3.93
C GLY D 36 50.09 25.93 2.93
N GLU D 37 50.40 24.66 2.68
CA GLU D 37 49.65 23.87 1.72
C GLU D 37 48.37 23.31 2.35
N ARG D 38 47.49 22.79 1.50
CA ARG D 38 46.27 22.14 1.93
C ARG D 38 46.33 20.66 1.56
N VAL D 39 45.72 19.83 2.41
CA VAL D 39 45.75 18.37 2.23
C VAL D 39 44.33 17.84 2.26
N SER D 40 44.09 16.79 1.49
CA SER D 40 42.79 16.12 1.46
C SER D 40 42.99 14.62 1.45
N LEU D 41 42.54 13.95 2.51
CA LEU D 41 42.63 12.50 2.61
C LEU D 41 41.25 11.90 2.45
N THR D 42 41.16 10.84 1.64
CA THR D 42 39.89 10.22 1.26
C THR D 42 39.75 8.87 1.95
N CYS D 43 38.52 8.54 2.34
CA CYS D 43 38.20 7.24 2.88
C CYS D 43 36.94 6.72 2.21
N ARG D 44 37.01 5.50 1.69
CA ARG D 44 35.91 4.85 0.97
C ARG D 44 35.40 3.69 1.82
N ALA D 45 34.09 3.65 2.02
CA ALA D 45 33.45 2.58 2.76
C ALA D 45 32.80 1.59 1.81
N SER D 46 32.89 0.30 2.14
CA SER D 46 32.31 -0.73 1.29
C SER D 46 30.79 -0.69 1.32
N GLN D 47 30.19 -0.26 2.43
CA GLN D 47 28.75 -0.16 2.58
C GLN D 47 28.39 1.26 2.98
N GLU D 48 27.09 1.53 3.07
CA GLU D 48 26.61 2.85 3.47
C GLU D 48 26.71 3.00 4.97
N ILE D 49 27.40 4.06 5.42
CA ILE D 49 27.55 4.35 6.84
C ILE D 49 26.76 5.58 7.27
N SER D 50 26.15 6.30 6.32
CA SER D 50 25.29 7.45 6.61
C SER D 50 26.03 8.53 7.40
N GLY D 51 27.28 8.79 7.05
CA GLY D 51 28.04 9.86 7.67
C GLY D 51 28.58 9.56 9.05
N TYR D 52 28.39 8.33 9.55
CA TYR D 52 28.90 7.95 10.87
C TYR D 52 30.38 7.59 10.75
N LEU D 53 31.18 8.61 10.45
CA LEU D 53 32.61 8.45 10.25
C LEU D 53 33.37 9.38 11.18
N SER D 54 34.53 8.90 11.64
CA SER D 54 35.39 9.64 12.54
C SER D 54 36.80 9.72 11.98
N TRP D 55 37.42 10.89 12.11
CA TRP D 55 38.79 11.13 11.71
C TRP D 55 39.64 11.32 12.96
N LEU D 56 40.62 10.43 13.13
CA LEU D 56 41.48 10.40 14.31
C LEU D 56 42.92 10.73 13.91
N GLN D 57 43.61 11.42 14.83
CA GLN D 57 45.01 11.81 14.63
C GLN D 57 45.86 11.19 15.72
N GLN D 58 46.88 10.45 15.32
CA GLN D 58 47.85 9.85 16.24
C GLN D 58 49.19 10.56 16.05
N LYS D 59 49.59 11.33 17.05
CA LYS D 59 50.85 12.07 17.04
C LYS D 59 52.02 11.11 17.05
N PRO D 60 53.22 11.54 16.63
CA PRO D 60 54.36 10.61 16.61
C PRO D 60 54.74 10.06 17.97
N ASP D 61 54.42 10.77 19.05
CA ASP D 61 54.76 10.26 20.38
C ASP D 61 53.89 9.07 20.76
N GLY D 62 52.66 9.02 20.27
CA GLY D 62 51.77 7.90 20.55
C GLY D 62 50.38 8.34 20.97
N THR D 63 50.23 9.62 21.29
CA THR D 63 48.93 10.13 21.73
C THR D 63 47.97 10.20 20.55
N ILE D 64 46.76 9.67 20.75
CA ILE D 64 45.71 9.66 19.74
C ILE D 64 44.61 10.63 20.17
N GLN D 65 44.17 11.47 19.24
CA GLN D 65 43.12 12.44 19.52
C GLN D 65 42.12 12.44 18.37
N ARG D 66 40.83 12.37 18.72
CA ARG D 66 39.77 12.39 17.72
C ARG D 66 39.64 13.80 17.16
N LEU D 67 39.96 13.98 15.89
CA LEU D 67 39.87 15.29 15.25
C LEU D 67 38.45 15.62 14.81
N ILE D 68 37.75 14.66 14.22
CA ILE D 68 36.43 14.91 13.66
C ILE D 68 35.51 13.75 13.99
N TYR D 69 34.29 14.06 14.43
CA TYR D 69 33.24 13.06 14.62
C TYR D 69 32.06 13.41 13.72
N ALA D 70 31.29 12.37 13.39
CA ALA D 70 30.13 12.48 12.49
C ALA D 70 30.53 12.95 11.09
N ALA D 71 31.84 12.92 10.80
CA ALA D 71 32.40 13.19 9.47
C ALA D 71 32.23 14.64 9.05
N PHE D 72 31.55 15.45 9.87
CA PHE D 72 31.38 16.87 9.56
C PHE D 72 31.66 17.74 10.77
N SER D 73 31.48 17.20 11.96
CA SER D 73 31.64 17.98 13.19
C SER D 73 33.07 17.91 13.70
N LEU D 74 33.44 18.91 14.50
CA LEU D 74 34.77 19.02 15.08
C LEU D 74 34.70 18.90 16.59
N ASP D 75 35.73 18.29 17.18
CA ASP D 75 35.79 18.15 18.62
C ASP D 75 36.21 19.48 19.27
N SER D 76 35.93 19.59 20.57
CA SER D 76 36.32 20.77 21.32
C SER D 76 37.83 20.81 21.50
N GLY D 77 38.43 21.97 21.23
CA GLY D 77 39.87 22.11 21.29
C GLY D 77 40.61 21.75 20.03
N VAL D 78 39.90 21.53 18.93
CA VAL D 78 40.52 21.20 17.65
C VAL D 78 40.54 22.45 16.79
N PRO D 79 41.66 22.77 16.13
CA PRO D 79 41.70 23.96 15.28
C PRO D 79 40.66 23.88 14.17
N LYS D 80 40.08 25.03 13.84
CA LYS D 80 39.01 25.13 12.85
C LYS D 80 39.51 24.94 11.42
N ARG D 81 40.79 24.64 11.20
CA ARG D 81 41.29 24.39 9.85
C ARG D 81 40.92 23.01 9.35
N PHE D 82 40.68 22.05 10.24
CA PHE D 82 40.27 20.72 9.84
C PHE D 82 38.78 20.72 9.49
N SER D 83 38.45 20.13 8.34
CA SER D 83 37.07 20.10 7.88
C SER D 83 36.76 18.73 7.29
N GLY D 84 35.48 18.41 7.24
CA GLY D 84 35.01 17.15 6.69
C GLY D 84 34.02 17.37 5.56
N SER D 85 34.21 16.64 4.47
CA SER D 85 33.32 16.72 3.32
C SER D 85 32.93 15.31 2.90
N ARG D 86 31.88 15.21 2.08
CA ARG D 86 31.40 13.92 1.60
C ARG D 86 31.10 14.05 0.11
N SER D 87 31.86 13.31 -0.70
CA SER D 87 31.66 13.26 -2.15
C SER D 87 31.16 11.86 -2.50
N GLY D 88 29.85 11.76 -2.74
CA GLY D 88 29.25 10.48 -3.05
C GLY D 88 29.40 9.45 -1.94
N SER D 89 30.24 8.44 -2.17
CA SER D 89 30.51 7.41 -1.19
C SER D 89 31.87 7.58 -0.52
N ASP D 90 32.51 8.73 -0.71
CA ASP D 90 33.82 9.00 -0.13
C ASP D 90 33.72 10.10 0.91
N TYR D 91 34.49 9.95 1.99
CA TYR D 91 34.55 10.96 3.05
C TYR D 91 35.97 11.54 3.08
N SER D 92 36.05 12.86 3.02
CA SER D 92 37.33 13.53 2.88
C SER D 92 37.61 14.42 4.09
N LEU D 93 38.79 14.25 4.67
CA LEU D 93 39.31 15.14 5.70
C LEU D 93 40.23 16.14 5.02
N THR D 94 39.90 17.43 5.16
CA THR D 94 40.63 18.51 4.51
C THR D 94 41.31 19.36 5.58
N ILE D 95 42.62 19.50 5.46
CA ILE D 95 43.43 20.29 6.37
C ILE D 95 43.97 21.48 5.57
N SER D 96 43.37 22.64 5.77
CA SER D 96 43.84 23.86 5.13
C SER D 96 44.83 24.58 6.03
N SER D 97 45.81 25.23 5.42
CA SER D 97 46.87 25.94 6.14
C SER D 97 47.63 24.99 7.07
N LEU D 98 48.28 24.01 6.45
CA LEU D 98 49.04 23.01 7.20
C LEU D 98 50.12 23.67 8.04
N GLU D 99 50.39 23.07 9.20
CA GLU D 99 51.43 23.52 10.10
C GLU D 99 52.36 22.35 10.42
N SER D 100 53.46 22.67 11.11
CA SER D 100 54.41 21.63 11.49
C SER D 100 53.84 20.66 12.51
N GLU D 101 52.80 21.06 13.24
CA GLU D 101 52.16 20.20 14.22
C GLU D 101 51.25 19.15 13.60
N ASP D 102 51.04 19.19 12.29
CA ASP D 102 50.16 18.25 11.60
C ASP D 102 50.88 17.00 11.13
N LEU D 103 52.15 16.86 11.43
CA LEU D 103 52.91 15.67 11.06
C LEU D 103 52.51 14.56 12.02
N ALA D 104 51.59 13.71 11.57
CA ALA D 104 51.04 12.64 12.40
C ALA D 104 50.26 11.68 11.52
N HIS D 105 49.91 10.53 12.09
CA HIS D 105 49.11 9.56 11.38
C HIS D 105 47.63 9.94 11.46
N TYR D 106 46.90 9.66 10.38
CA TYR D 106 45.49 9.96 10.29
C TYR D 106 44.73 8.69 9.95
N TYR D 107 43.63 8.45 10.65
CA TYR D 107 42.85 7.23 10.49
C TYR D 107 41.37 7.56 10.35
N CYS D 108 40.72 6.95 9.37
CA CYS D 108 39.27 7.03 9.25
C CYS D 108 38.63 5.80 9.88
N LEU D 109 37.46 6.00 10.48
CA LEU D 109 36.83 4.96 11.27
C LEU D 109 35.32 5.01 11.06
N GLN D 110 34.71 3.85 10.90
CA GLN D 110 33.26 3.74 10.81
C GLN D 110 32.69 3.14 12.09
N TYR D 111 31.54 3.65 12.52
CA TYR D 111 30.87 3.16 13.73
C TYR D 111 29.37 3.04 13.51
N ALA D 112 28.94 2.93 12.25
CA ALA D 112 27.53 2.78 11.95
C ALA D 112 27.08 1.33 12.07
N SER D 113 28.00 0.38 11.89
CA SER D 113 27.67 -1.04 11.96
C SER D 113 28.71 -1.76 12.80
N TYR D 114 28.29 -2.87 13.42
CA TYR D 114 29.15 -3.68 14.26
C TYR D 114 29.80 -4.78 13.42
N PRO D 115 31.10 -5.06 13.60
CA PRO D 115 31.99 -4.37 14.55
C PRO D 115 32.62 -3.11 13.97
N CYS D 116 33.20 -2.28 14.82
CA CYS D 116 33.85 -1.06 14.38
C CYS D 116 35.17 -1.38 13.70
N THR D 117 35.31 -0.94 12.44
CA THR D 117 36.53 -1.15 11.67
C THR D 117 37.19 0.18 11.38
N PHE D 118 38.51 0.18 11.34
CA PHE D 118 39.30 1.38 11.09
C PHE D 118 39.80 1.41 9.65
N GLY D 119 40.38 2.55 9.27
CA GLY D 119 40.90 2.72 7.94
C GLY D 119 42.35 2.28 7.80
N GLY D 120 42.85 2.38 6.56
CA GLY D 120 44.22 1.98 6.30
C GLY D 120 45.25 2.88 6.96
N GLY D 121 44.98 4.18 7.03
CA GLY D 121 45.90 5.12 7.62
C GLY D 121 46.61 5.95 6.57
N THR D 122 47.05 7.14 6.99
CA THR D 122 47.73 8.08 6.11
C THR D 122 48.82 8.78 6.91
N LYS D 123 50.07 8.57 6.51
CA LYS D 123 51.21 9.24 7.12
C LYS D 123 51.45 10.56 6.41
N LEU D 124 51.05 11.66 7.05
CA LEU D 124 51.20 13.00 6.49
C LEU D 124 52.61 13.49 6.83
N GLU D 125 53.50 13.46 5.85
CA GLU D 125 54.89 13.83 6.04
C GLU D 125 55.15 15.25 5.56
N ILE D 126 56.24 15.82 6.04
CA ILE D 126 56.69 17.14 5.61
C ILE D 126 58.17 17.10 5.25
C1 ERG E . -5.23 10.16 -14.42
C2 ERG E . -5.19 11.31 -15.43
C3 ERG E . -6.61 11.83 -15.65
C4 ERG E . -7.12 12.45 -14.34
C5 ERG E . -7.04 11.39 -13.26
C6 ERG E . -8.05 11.29 -12.42
C7 ERG E . -8.04 10.29 -11.34
C8 ERG E . -7.00 9.50 -11.17
C9 ERG E . -5.80 9.52 -12.07
C10 ERG E . -5.76 10.65 -13.06
C11 ERG E . -4.52 9.37 -11.24
C12 ERG E . -4.60 8.20 -10.25
C13 ERG E . -5.80 8.35 -9.35
C14 ERG E . -7.07 8.32 -10.24
C15 ERG E . -8.19 8.34 -9.18
C16 ERG E . -7.65 7.32 -8.14
C17 ERG E . -6.11 7.26 -8.32
C18 ERG E . -5.76 9.72 -8.65
C19 ERG E . -4.74 11.69 -12.56
C20 ERG E . -5.42 7.50 -6.97
C21 ERG E . -3.96 6.98 -7.02
C22 ERG E . -6.14 6.75 -5.88
C23 ERG E . -5.90 5.47 -5.71
C24 ERG E . -6.13 4.83 -4.36
C25 ERG E . -5.45 3.46 -4.34
C26 ERG E . -5.66 2.80 -2.98
C27 ERG E . -6.07 2.58 -5.43
C28 ERG E . -5.51 5.71 -3.28
O1 ERG E . -6.59 12.85 -16.67
#